data_1H0Q
#
_entry.id   1H0Q
#
_cell.length_a   1.000
_cell.length_b   1.000
_cell.length_c   1.000
_cell.angle_alpha   90.00
_cell.angle_beta   90.00
_cell.angle_gamma   90.00
#
_symmetry.space_group_name_H-M   'P 1'
#
loop_
_entity.id
_entity.type
_entity.pdbx_description
1 polymer '5-D(*(LKC)P*(TLN)P*(LCG)P*(LCA)P*(TLN)P*(LCA)P* (TLN)P*(LCG)P*(LCC))-3'
2 polymer 5-R(*GP*CP*AP*UP*AP*UP*CP*AP*G)-3
#
loop_
_entity_poly.entity_id
_entity_poly.type
_entity_poly.pdbx_seq_one_letter_code
_entity_poly.pdbx_strand_id
1 'polyribonucleotide' (LKC)(TLN)(LCG)(LCA)(TLN)(LCA)(TLN)(LCG)(LCC) A
2 'polyribonucleotide' GCAUAUCAG B
#
loop_
_chem_comp.id
_chem_comp.type
_chem_comp.name
_chem_comp.formula
A RNA linking ADENOSINE-5'-MONOPHOSPHATE 'C10 H14 N5 O7 P'
C RNA linking CYTIDINE-5'-MONOPHOSPHATE 'C9 H14 N3 O8 P'
G RNA linking GUANOSINE-5'-MONOPHOSPHATE 'C10 H14 N5 O8 P'
LCA RNA linking '[(1R,3R,4R,7S)-7-HYDROXY-3-(ADENIN-9-YL)-2,5-DIOXABICYCLO[2.2.1]HEPT-1-YL]METHYL DIHYDROGEN PHOSPHATE' 'C11 H14 N5 O7 P'
LCC RNA linking '[(1R,3R,4R,7S)-7-HYDROXY-3-(5-METHYLCYTOSIN-1-YL)-2,5-DIOXABICYCLO[2.2.1]HEPT-1-YL]METHYL DIHYDROGEN PHOSPHATE' 'C11 H16 N3 O8 P'
LCG RNA linking '[(1R,3R,4R,7S)-7-HYDROXY-3-(GUANIN-9-YL)-2,5-DIOXABICYCLO[2.2.1]HEPT-1-YL]METHYL DIHYDROGEN PHOSPHATE' 'C11 H14 N5 O8 P'
LKC RNA linking 4-AMINO-1-[(1S,3R,4R,7S)-7-HYDROXY-1-(HYDROXYMETHYL)-2,5-DIOXABICYCLO[2.2.1]HEPT-3-YL]-5-METHYLPYRIMIDIN-2(1H)-ONE 'C11 H15 N3 O5'
TLN RNA linking '[(1R,3R,4R,7S)-7-HYDROXY-3-(THYMIN-1-YL)-2,5-DIOXABICYCLO[2.2.1]HEPT-1-YL]METHYL DIHYDROGEN PHOSPHATE' 'C11 H15 N2 O9 P'
U RNA linking URIDINE-5'-MONOPHOSPHATE 'C9 H13 N2 O9 P'
#
# COMPACT_ATOMS: atom_id res chain seq x y z
N1 LKC A 1 -13.23 5.20 -2.26
C2 LKC A 1 -12.71 5.06 -3.57
N3 LKC A 1 -11.51 5.62 -3.86
C4 LKC A 1 -10.79 6.28 -2.94
C5 LKC A 1 -11.29 6.41 -1.59
C6 LKC A 1 -12.50 5.86 -1.30
O2 LKC A 1 -13.34 4.45 -4.43
N4 LKC A 1 -9.62 6.80 -3.31
C1' LKC A 1 -14.60 4.67 -1.99
C2' LKC A 1 -14.61 3.15 -1.78
C3' LKC A 1 -14.38 3.04 -0.27
C4' LKC A 1 -15.56 3.97 -0.06
O4' LKC A 1 -15.18 5.14 -0.78
O3' LKC A 1 -14.54 1.73 0.24
C5' LKC A 1 -15.88 4.25 1.42
O5' LKC A 1 -17.06 5.01 1.54
C5A LKC A 1 -10.50 7.15 -0.51
O2' LKC A 1 -15.96 2.72 -1.97
C6' LKC A 1 -16.66 3.24 -0.84
H6 LKC A 1 -12.90 5.95 -0.30
H41 LKC A 1 -9.31 6.68 -4.27
H42 LKC A 1 -9.05 7.30 -2.65
H1' LKC A 1 -15.25 4.92 -2.83
H2'1 LKC A 1 -13.89 2.62 -2.39
H3' LKC A 1 -13.44 3.49 0.04
H5'1 LKC A 1 -16.01 3.30 1.94
H5'2 LKC A 1 -15.04 4.79 1.87
H5T LKC A 1 -17.22 5.18 2.48
H5M1 LKC A 1 -10.39 8.20 -0.80
H5M2 LKC A 1 -11.01 7.10 0.44
H5M3 LKC A 1 -9.52 6.69 -0.41
H6'1 LKC A 1 -17.45 3.93 -1.16
H6'2 LKC A 1 -17.09 2.42 -0.26
P TLN A 2 -13.34 0.67 0.28
OP1 TLN A 2 -13.85 -0.58 0.89
OP2 TLN A 2 -12.16 1.34 0.85
O5' TLN A 2 -13.02 0.37 -1.27
C5' TLN A 2 -13.89 -0.38 -2.12
C4' TLN A 2 -13.26 -0.46 -3.51
O4' TLN A 2 -13.12 0.85 -4.09
C1' TLN A 2 -12.05 0.76 -5.04
N1 TLN A 2 -10.86 1.57 -4.65
C6 TLN A 2 -10.70 2.07 -3.38
C5 TLN A 2 -9.67 2.89 -3.05
C5M TLN A 2 -9.53 3.37 -1.62
C4 TLN A 2 -8.69 3.29 -4.05
O4 TLN A 2 -7.76 4.06 -3.89
N3 TLN A 2 -8.89 2.72 -5.31
C2 TLN A 2 -9.92 1.85 -5.65
O2 TLN A 2 -9.97 1.37 -6.78
C3' TLN A 2 -11.85 -1.06 -3.56
C2' TLN A 2 -11.79 -0.76 -5.04
O2' TLN A 2 -12.96 -1.46 -5.54
O3' TLN A 2 -11.79 -2.45 -3.25
C6' TLN A 2 -14.00 -1.32 -4.54
H5' TLN A 2 -14.87 0.10 -2.17
H5'' TLN A 2 -14.00 -1.39 -1.71
H1' TLN A 2 -12.36 1.10 -6.03
H6 TLN A 2 -11.40 1.80 -2.60
H71 TLN A 2 -10.52 3.51 -1.18
H72 TLN A 2 -8.99 2.62 -1.04
H73 TLN A 2 -8.99 4.31 -1.58
H3 TLN A 2 -8.21 2.94 -6.02
H3' TLN A 2 -11.14 -0.48 -2.96
H2' TLN A 2 -10.81 -0.98 -5.54
H6'1 TLN A 2 -14.88 -0.81 -4.94
H6'2 TLN A 2 -14.39 -2.26 -4.10
P LCG A 3 -10.40 -3.16 -2.83
OP1 LCG A 3 -10.65 -4.61 -2.73
O5' LCG A 3 -9.43 -2.89 -4.08
C5' LCG A 3 -9.58 -3.55 -5.32
C3' LCG A 3 -7.06 -3.24 -5.81
C6' LCG A 3 -8.44 -3.74 -7.65
N9 LCG A 3 -6.65 -0.25 -6.03
C8 LCG A 3 -6.96 0.10 -4.74
C4 LCG A 3 -5.57 0.52 -6.37
N7 LCG A 3 -6.19 1.04 -4.25
C5 LCG A 3 -5.31 1.34 -5.28
C6 LCG A 3 -4.26 2.29 -5.35
C2' LCG A 3 -6.60 -2.54 -7.08
O6 LCG A 3 -3.90 3.10 -4.49
C4' LCG A 3 -8.50 -3.04 -6.28
C1' LCG A 3 -7.33 -1.20 -6.95
C2 LCG A 3 -3.89 1.40 -7.60
N1 LCG A 3 -3.59 2.26 -6.57
O4' LCG A 3 -8.60 -1.62 -6.49
OP2 LCG A 3 -9.86 -2.42 -1.67
N2 LCG A 3 -3.13 1.48 -8.70
N3 LCG A 3 -4.89 0.50 -7.55
O2' LCG A 3 -7.20 -3.26 -8.16
O3' LCG A 3 -6.64 -4.60 -5.71
H5' LCG A 3 -10.56 -3.36 -5.74
H5'' LCG A 3 -9.44 -4.63 -5.17
H3' LCG A 3 -6.85 -2.68 -4.90
H6'1 LCG A 3 -9.29 -3.50 -8.31
H6'2 LCG A 3 -8.39 -4.82 -7.52
H8 LCG A 3 -7.78 -0.32 -4.16
H2' LCG A 3 -5.52 -2.44 -7.18
H1' LCG A 3 -7.41 -0.72 -7.94
H1 LCG A 3 -2.83 2.92 -6.70
H21 LCG A 3 -2.37 2.15 -8.74
H22 LCG A 3 -3.34 0.87 -9.48
P LCA A 4 -5.30 -5.04 -4.93
O1P LCA A 4 -5.15 -6.50 -5.08
O5' LCA A 4 -4.12 -4.31 -5.74
C5' LCA A 4 -3.74 -4.72 -7.05
C3' LCA A 4 -1.34 -3.83 -6.73
C6' LCA A 4 -2.10 -4.03 -8.95
N9 LCA A 4 -1.73 -0.82 -6.28
C8 LCA A 4 -2.50 -0.95 -5.15
C4 LCA A 4 -0.89 0.26 -6.02
N7 LCA A 4 -2.27 -0.05 -4.23
C5 LCA A 4 -1.27 0.73 -4.79
C6 LCA A 4 -0.59 1.88 -4.30
C2' LCA A 4 -0.79 -2.74 -7.64
N6 LCA A 4 -0.89 2.46 -3.15
C4' LCA A 4 -2.63 -3.79 -7.54
C1' LCA A 4 -1.85 -1.64 -7.52
C2 LCA A 4 0.67 1.87 -6.23
N1 LCA A 4 0.38 2.42 -5.05
O4' LCA A 4 -3.04 -2.42 -7.48
O2P LCA A 4 -5.35 -4.44 -3.58
N3 LCA A 4 0.10 0.80 -6.81
O3' LCA A 4 -0.63 -5.06 -6.80
O2' LCA A 4 -0.88 -3.29 -8.95
H5'1 LCA A 4 -4.60 -4.65 -7.72
H5'2 LCA A 4 -3.38 -5.75 -7.04
H3' LCA A 4 -1.49 -3.48 -5.70
H6'1 LCA A 4 -1.90 -5.09 -9.11
H6'2 LCA A 4 -2.79 -3.65 -9.70
H8 LCA A 4 -3.25 -1.72 -5.03
H2'1 LCA A 4 0.22 -2.40 -7.38
H61 LCA A 4 -0.41 3.31 -2.87
H62 LCA A 4 -1.62 2.09 -2.57
H1' LCA A 4 -1.90 -1.05 -8.44
H2 LCA A 4 1.49 2.37 -6.74
P TLN A 5 0.52 -5.44 -5.74
OP1 TLN A 5 1.12 -6.72 -6.16
OP2 TLN A 5 -0.05 -5.31 -4.38
O5' TLN A 5 1.62 -4.28 -5.92
C5' TLN A 5 2.48 -4.19 -7.05
C4' TLN A 5 3.35 -2.94 -6.87
O4' TLN A 5 2.55 -1.75 -6.79
C1' TLN A 5 3.35 -0.78 -6.11
N1 TLN A 5 2.81 -0.38 -4.78
C6 TLN A 5 1.86 -1.15 -4.13
C5 TLN A 5 1.32 -0.78 -2.94
C5M TLN A 5 0.29 -1.67 -2.29
C4 TLN A 5 1.73 0.45 -2.30
O4 TLN A 5 1.30 0.88 -1.23
N3 TLN A 5 2.69 1.18 -3.00
C2 TLN A 5 3.27 0.81 -4.20
O2 TLN A 5 4.13 1.51 -4.72
C3' TLN A 5 4.21 -2.94 -5.61
C2' TLN A 5 4.67 -1.55 -5.99
O2' TLN A 5 5.22 -1.70 -7.31
O3' TLN A 5 5.24 -3.92 -5.58
C6' TLN A 5 4.43 -2.71 -7.94
H5' TLN A 5 1.88 -4.11 -7.96
H5'' TLN A 5 3.10 -5.08 -7.10
H1' TLN A 5 3.48 0.12 -6.72
H6 TLN A 5 1.57 -2.08 -4.59
H71 TLN A 5 -0.13 -2.38 -3.02
H72 TLN A 5 0.75 -2.24 -1.48
H73 TLN A 5 -0.54 -1.07 -1.90
H3 TLN A 5 3.02 2.04 -2.58
H3' TLN A 5 3.60 -2.98 -4.70
H2' TLN A 5 5.34 -1.11 -5.26
H6'1 TLN A 5 5.03 -3.62 -8.06
H6'2 TLN A 5 4.02 -2.41 -8.90
P LCA A 6 6.00 -4.32 -4.21
O1P LCA A 6 7.09 -5.26 -4.56
O5' LCA A 6 6.65 -2.94 -3.70
C5' LCA A 6 7.76 -2.34 -4.34
C3' LCA A 6 8.47 -1.23 -2.13
C6' LCA A 6 9.30 -0.24 -4.11
N9 LCA A 6 6.17 0.63 -1.47
C8 LCA A 6 5.20 -0.32 -1.35
C4 LCA A 6 5.92 1.54 -0.47
N7 LCA A 6 4.33 -0.09 -0.41
C5 LCA A 6 4.77 1.10 0.15
C6 LCA A 6 4.29 1.93 1.19
C2' LCA A 6 8.60 0.29 -2.01
N6 LCA A 6 3.16 1.65 1.86
C4' LCA A 6 8.09 -1.04 -3.59
C1' LCA A 6 7.23 0.75 -2.50
C2 LCA A 6 6.09 3.32 0.86
N1 LCA A 6 4.97 3.04 1.54
O4' LCA A 6 6.98 -0.15 -3.57
O2P LCA A 6 4.97 -4.72 -3.22
N3 LCA A 6 6.63 2.65 -0.16
O3' LCA A 6 9.70 -1.93 -1.91
O2' LCA A 6 9.56 0.63 -3.01
H5'1 LCA A 6 7.53 -2.11 -5.38
H5'2 LCA A 6 8.63 -3.01 -4.31
H3' LCA A 6 7.65 -1.64 -1.54
H6'1 LCA A 6 10.15 -0.89 -4.29
H6'2 LCA A 6 9.04 0.32 -5.00
H8 LCA A 6 5.13 -1.18 -1.99
H2'1 LCA A 6 8.86 0.64 -1.02
H61 LCA A 6 2.81 2.28 2.57
H62 LCA A 6 2.63 0.82 1.61
H1' LCA A 6 7.29 1.78 -2.86
H2 LCA A 6 6.63 4.20 1.18
P TLN A 7 10.04 -2.63 -0.49
OP1 TLN A 7 11.42 -3.17 -0.58
OP2 TLN A 7 8.93 -3.52 -0.13
O5' TLN A 7 10.05 -1.41 0.56
C5' TLN A 7 11.08 -0.43 0.59
C4' TLN A 7 10.68 0.62 1.62
O4' TLN A 7 9.42 1.21 1.29
C1' TLN A 7 8.88 1.74 2.50
N1 TLN A 7 7.64 1.02 2.95
C6 TLN A 7 7.27 -0.20 2.42
C5 TLN A 7 6.10 -0.81 2.75
C5M TLN A 7 5.75 -2.14 2.14
C4 TLN A 7 5.18 -0.18 3.69
O4 TLN A 7 4.10 -0.63 4.05
N3 TLN A 7 5.62 1.04 4.20
C2 TLN A 7 6.82 1.67 3.88
O2 TLN A 7 7.11 2.74 4.41
C3' TLN A 7 10.53 0.13 3.06
C2' TLN A 7 10.08 1.54 3.44
O2' TLN A 7 11.13 2.40 3.01
O3' TLN A 7 11.73 -0.27 3.71
C6' TLN A 7 11.67 1.78 1.84
H5' TLN A 7 11.19 0.03 -0.39
H5'' TLN A 7 12.02 -0.89 0.89
H1' TLN A 7 8.65 2.80 2.41
H6 TLN A 7 7.92 -0.70 1.72
H71 TLN A 7 6.39 -2.36 1.28
H72 TLN A 7 5.88 -2.93 2.88
H73 TLN A 7 4.71 -2.13 1.80
H3 TLN A 7 5.01 1.51 4.85
H3' TLN A 7 9.75 -0.62 3.16
H2' TLN A 7 9.80 1.66 4.48
H6'1 TLN A 7 11.74 2.44 0.97
H6'2 TLN A 7 12.66 1.38 2.06
P LCG A 8 11.72 -1.15 5.06
OP1 LCG A 8 13.12 -1.25 5.54
O5' LCG A 8 10.89 -0.27 6.12
C5' LCG A 8 11.41 0.90 6.72
C3' LCG A 8 9.82 0.61 8.74
C6' LCG A 8 10.67 2.79 8.37
N9 LCG A 8 7.08 0.82 7.53
C8 LCG A 8 7.18 -0.29 6.73
C4 LCG A 8 5.81 0.76 8.07
N7 LCG A 8 6.10 -1.02 6.69
C5 LCG A 8 5.21 -0.36 7.52
C6 LCG A 8 3.86 -0.67 7.87
C2' LCG A 8 8.81 1.70 9.11
O6 LCG A 8 3.17 -1.61 7.47
C4' LCG A 8 10.31 1.50 7.60
C1' LCG A 8 8.08 1.88 7.78
C2 LCG A 8 3.99 1.31 9.30
N1 LCG A 8 3.31 0.23 8.78
O4' LCG A 8 9.13 1.79 6.84
OP2 LCG A 8 10.95 -2.38 4.79
N2 LCG A 8 3.34 2.06 10.19
N3 LCG A 8 5.26 1.63 8.97
O2' LCG A 8 9.61 2.86 9.32
O3' LCG A 8 10.78 0.36 9.76
H5' LCG A 8 11.70 1.63 5.96
H5'' LCG A 8 12.28 0.65 7.33
H3' LCG A 8 9.36 -0.31 8.38
H6'1 LCG A 8 10.66 3.66 7.70
H6'2 LCG A 8 11.62 2.69 8.87
H8 LCG A 8 8.07 -0.54 6.17
H2' LCG A 8 8.14 1.46 9.92
H1' LCG A 8 7.61 2.86 7.75
H1 LCG A 8 2.36 0.07 9.08
H21 LCG A 8 2.39 1.82 10.46
H22 LCG A 8 3.80 2.87 10.58
O5' LCC A 9 9.22 -0.28 11.66
C5' LCC A 9 9.19 0.84 12.52
C4' LCC A 9 7.78 0.93 13.12
O4' LCC A 9 6.78 1.16 12.13
C1' LCC A 9 5.55 0.70 12.68
N1 LCC A 9 4.98 -0.47 11.95
C6 LCC A 9 5.75 -1.23 11.10
C5 LCC A 9 5.23 -2.30 10.44
C5M LCC A 9 6.10 -3.14 9.51
C4 LCC A 9 3.84 -2.61 10.67
N4 LCC A 9 3.23 -3.64 10.07
N3 LCC A 9 3.10 -1.86 11.50
C2 LCC A 9 3.63 -0.79 12.15
O2 LCC A 9 2.92 -0.12 12.91
C3' LCC A 9 7.32 -0.32 13.86
C2' LCC A 9 5.99 0.36 14.12
O2' LCC A 9 6.33 1.59 14.77
O3' LCC A 9 8.03 -0.69 15.02
C6' LCC A 9 7.59 1.98 14.22
P LCC A 9 10.54 -0.76 10.90
O1P LCC A 9 11.68 -0.71 11.85
O2P LCC A 9 10.23 -2.05 10.21
H5'1 LCC A 9 9.41 1.74 11.96
H5'2 LCC A 9 9.92 0.71 13.32
H1' LCC A 9 4.79 1.49 12.70
H6 LCC A 9 6.78 -0.98 10.95
H5M1 LCC A 9 5.59 -3.28 8.56
H5M2 LCC A 9 7.04 -2.62 9.32
H5M3 LCC A 9 6.29 -4.10 9.97
H41 LCC A 9 2.25 -3.80 10.24
H42 LCC A 9 3.74 -4.21 9.42
H3' LCC A 9 7.22 -1.19 13.19
H2'1 LCC A 9 5.27 -0.24 14.66
H3T LCC A 9 8.89 -1.03 14.77
H6'1 LCC A 9 7.62 3.00 13.84
H6'2 LCC A 9 8.37 1.86 14.99
N1 LKC A 1 -12.78 5.25 -2.59
C2 LKC A 1 -12.27 5.08 -3.88
N3 LKC A 1 -11.02 5.54 -4.17
C4 LKC A 1 -10.27 6.14 -3.23
C5 LKC A 1 -10.76 6.30 -1.87
C6 LKC A 1 -12.01 5.84 -1.61
O2 LKC A 1 -12.93 4.52 -4.76
N4 LKC A 1 -9.05 6.57 -3.59
C1' LKC A 1 -14.20 4.85 -2.34
C2' LKC A 1 -14.37 3.34 -2.14
C3' LKC A 1 -14.17 3.19 -0.64
C4' LKC A 1 -15.25 4.24 -0.41
O4' LKC A 1 -14.74 5.36 -1.14
O3' LKC A 1 -14.47 1.90 -0.13
C5' LKC A 1 -15.53 4.54 1.06
O5' LKC A 1 -16.62 5.44 1.19
C5A LKC A 1 -9.92 6.95 -0.79
O2' LKC A 1 -15.76 3.05 -2.34
C6' LKC A 1 -16.41 3.63 -1.22
H6 LKC A 1 -12.40 5.94 -0.61
H41 LKC A 1 -8.75 6.43 -4.55
H42 LKC A 1 -8.44 7.00 -2.92
H1' LKC A 1 -14.81 5.18 -3.19
H2'1 LKC A 1 -13.70 2.74 -2.75
H3' LKC A 1 -13.18 3.54 -0.31
H5'1 LKC A 1 -15.77 3.62 1.57
H5'2 LKC A 1 -14.64 4.98 1.51
H5T LKC A 1 -17.40 5.05 0.81
H5M1 LKC A 1 -9.49 7.88 -1.15
H5M2 LKC A 1 -10.53 7.15 0.08
H5M3 LKC A 1 -9.11 6.27 -0.50
H6'1 LKC A 1 -17.11 4.40 -1.53
H6'2 LKC A 1 -16.92 2.86 -0.64
P TLN A 2 -13.37 0.72 -0.06
OP1 TLN A 2 -14.02 -0.46 0.54
OP2 TLN A 2 -12.15 1.29 0.55
O5' TLN A 2 -13.05 0.40 -1.61
C5' TLN A 2 -13.96 -0.29 -2.45
C4' TLN A 2 -13.32 -0.40 -3.84
O4' TLN A 2 -13.08 0.89 -4.41
C1' TLN A 2 -12.04 0.75 -5.35
N1 TLN A 2 -10.79 1.49 -4.96
C6 TLN A 2 -10.59 1.94 -3.67
C5 TLN A 2 -9.51 2.68 -3.32
C5M TLN A 2 -9.34 3.10 -1.87
C4 TLN A 2 -8.52 3.06 -4.32
O4 TLN A 2 -7.53 3.77 -4.14
N3 TLN A 2 -8.78 2.54 -5.58
C2 TLN A 2 -9.85 1.74 -5.95
O2 TLN A 2 -9.92 1.28 -7.09
C3' TLN A 2 -11.95 -1.10 -3.89
C2' TLN A 2 -11.86 -0.78 -5.38
O2' TLN A 2 -13.07 -1.40 -5.88
O3' TLN A 2 -11.99 -2.49 -3.61
C6' TLN A 2 -14.11 -1.20 -4.89
H5' TLN A 2 -14.89 0.26 -2.52
H5'' TLN A 2 -14.14 -1.29 -2.06
H1' TLN A 2 -12.32 1.12 -6.34
H6 TLN A 2 -11.31 1.69 -2.89
H71 TLN A 2 -8.72 3.99 -1.80
H72 TLN A 2 -10.32 3.32 -1.43
H73 TLN A 2 -8.87 2.29 -1.31
H3 TLN A 2 -8.10 2.76 -6.31
H3' TLN A 2 -11.21 -0.59 -3.29
H2' TLN A 2 -10.90 -1.05 -5.88
H6'1 TLN A 2 -14.96 -0.63 -5.29
H6'2 TLN A 2 -14.56 -2.13 -4.47
P LCG A 3 -10.67 -3.31 -3.16
OP1 LCG A 3 -11.03 -4.74 -3.07
O5' LCG A 3 -9.65 -3.11 -4.40
C5' LCG A 3 -9.79 -3.81 -5.62
C3' LCG A 3 -7.26 -3.56 -6.06
C6' LCG A 3 -8.58 -4.08 -7.92
N9 LCG A 3 -6.82 -0.59 -6.29
C8 LCG A 3 -7.13 -0.28 -4.98
C4 LCG A 3 -5.74 0.21 -6.59
N7 LCG A 3 -6.37 0.64 -4.45
C5 LCG A 3 -5.49 0.97 -5.48
C6 LCG A 3 -4.44 1.95 -5.51
C2' LCG A 3 -6.75 -2.89 -7.31
O6 LCG A 3 -4.09 2.73 -4.62
C4' LCG A 3 -8.68 -3.34 -6.57
C1' LCG A 3 -7.47 -1.53 -7.23
C2 LCG A 3 -4.06 1.15 -7.79
N1 LCG A 3 -3.76 1.97 -6.73
O4' LCG A 3 -8.76 -1.93 -6.80
OP2 LCG A 3 -10.10 -2.62 -1.99
N2 LCG A 3 -3.30 1.28 -8.88
N3 LCG A 3 -5.06 0.24 -7.77
O2' LCG A 3 -7.32 -3.62 -8.40
O3' LCG A 3 -6.84 -4.91 -5.92
H5' LCG A 3 -10.76 -3.59 -6.06
H5'' LCG A 3 -9.70 -4.88 -5.44
H3' LCG A 3 -7.06 -3.00 -5.14
H6'1 LCG A 3 -9.40 -3.84 -8.62
H6'2 LCG A 3 -8.55 -5.15 -7.76
H8 LCG A 3 -7.93 -0.72 -4.41
H2' LCG A 3 -5.66 -2.78 -7.37
H1' LCG A 3 -7.51 -1.06 -8.22
H1 LCG A 3 -3.01 2.64 -6.82
H21 LCG A 3 -2.54 1.95 -8.90
H22 LCG A 3 -3.50 0.70 -9.68
P LCA A 4 -5.53 -5.33 -5.08
O1P LCA A 4 -5.36 -6.80 -5.22
O5' LCA A 4 -4.30 -4.60 -5.84
C5' LCA A 4 -3.85 -5.00 -7.11
C3' LCA A 4 -1.47 -4.04 -6.75
C6' LCA A 4 -2.21 -4.26 -8.98
N9 LCA A 4 -1.93 -1.05 -6.31
C8 LCA A 4 -2.66 -1.23 -5.16
C4 LCA A 4 -1.12 0.05 -6.05
N7 LCA A 4 -2.45 -0.34 -4.23
C5 LCA A 4 -1.49 0.49 -4.80
C6 LCA A 4 -0.86 1.67 -4.32
C2' LCA A 4 -0.93 -2.94 -7.66
N6 LCA A 4 -1.15 2.23 -3.14
C4' LCA A 4 -2.75 -4.03 -7.56
C1' LCA A 4 -2.03 -1.87 -7.56
C2 LCA A 4 0.39 1.71 -6.26
N1 LCA A 4 0.09 2.24 -5.08
O4' LCA A 4 -3.20 -2.68 -7.51
O2P LCA A 4 -5.65 -4.75 -3.73
N3 LCA A 4 -0.17 0.64 -6.84
O3' LCA A 4 -0.72 -5.24 -6.81
O2' LCA A 4 -1.01 -3.49 -8.97
H5'1 LCA A 4 -4.68 -4.97 -7.82
H5'2 LCA A 4 -3.46 -6.01 -7.07
H3' LCA A 4 -1.65 -3.71 -5.72
H6'1 LCA A 4 -1.97 -5.32 -9.14
H6'2 LCA A 4 -2.90 -3.90 -9.74
H8 LCA A 4 -3.36 -2.04 -5.04
H2'1 LCA A 4 0.06 -2.56 -7.40
H61 LCA A 4 -0.71 3.09 -2.87
H62 LCA A 4 -1.87 1.81 -2.57
H1' LCA A 4 -2.10 -1.28 -8.47
H2 LCA A 4 1.18 2.25 -6.77
P TLN A 5 0.45 -5.58 -5.74
OP1 TLN A 5 1.12 -6.82 -6.18
OP2 TLN A 5 -0.14 -5.49 -4.40
O5' TLN A 5 1.48 -4.36 -5.91
C5' TLN A 5 2.34 -4.22 -7.03
C4' TLN A 5 3.16 -2.93 -6.84
O4' TLN A 5 2.33 -1.77 -6.72
C1' TLN A 5 3.11 -0.80 -6.04
N1 TLN A 5 2.55 -0.43 -4.69
C6 TLN A 5 1.66 -1.24 -4.04
C5 TLN A 5 1.10 -0.90 -2.85
C5M TLN A 5 0.12 -1.85 -2.20
C4 TLN A 5 1.46 0.36 -2.20
O4 TLN A 5 1.02 0.76 -1.13
N3 TLN A 5 2.39 1.12 -2.90
C2 TLN A 5 2.97 0.78 -4.12
O2 TLN A 5 3.80 1.53 -4.63
C3' TLN A 5 4.02 -2.93 -5.58
C2' TLN A 5 4.45 -1.51 -5.94
O2' TLN A 5 4.98 -1.61 -7.26
O3' TLN A 5 5.10 -3.87 -5.57
C6' TLN A 5 4.23 -2.65 -7.90
H5' TLN A 5 1.74 -4.13 -7.94
H5'' TLN A 5 3.00 -5.07 -7.09
H1' TLN A 5 3.19 0.13 -6.63
H6 TLN A 5 1.40 -2.19 -4.49
H71 TLN A 5 0.65 -2.50 -1.51
H72 TLN A 5 -0.64 -1.28 -1.65
H73 TLN A 5 -0.38 -2.45 -2.95
H3 TLN A 5 2.68 1.99 -2.48
H3' TLN A 5 3.44 -2.99 -4.67
H2' TLN A 5 5.11 -1.06 -5.21
H6'1 TLN A 5 4.85 -3.52 -8.05
H6'2 TLN A 5 3.80 -2.35 -8.86
P LCA A 6 5.85 -4.28 -4.21
O1P LCA A 6 6.99 -5.16 -4.57
O5' LCA A 6 6.45 -2.88 -3.66
C5' LCA A 6 7.54 -2.24 -4.27
C3' LCA A 6 8.18 -1.20 -2.00
C6' LCA A 6 9.08 -0.17 -3.93
N9 LCA A 6 5.92 0.72 -1.36
C8 LCA A 6 4.94 -0.24 -1.23
C4 LCA A 6 5.68 1.62 -0.34
N7 LCA A 6 4.09 -0.01 -0.27
C5 LCA A 6 4.54 1.18 0.29
C6 LCA A 6 4.06 1.99 1.35
C2' LCA A 6 8.34 0.30 -1.84
N6 LCA A 6 2.95 1.69 2.02
C4' LCA A 6 7.86 -0.96 -3.47
C1' LCA A 6 7.00 0.82 -2.36
C2 LCA A 6 5.86 3.40 0.99
N1 LCA A 6 4.75 3.10 1.68
O4' LCA A 6 6.75 -0.06 -3.45
O2P LCA A 6 4.83 -4.75 -3.25
N3 LCA A 6 6.40 2.74 -0.03
O3' LCA A 6 9.36 -1.94 -1.77
O2' LCA A 6 9.34 0.66 -2.80
H5'1 LCA A 6 7.30 -1.98 -5.31
H5'2 LCA A 6 8.41 -2.89 -4.25
H3' LCA A 6 7.32 -1.59 -1.45
H6'1 LCA A 6 9.93 -0.83 -4.11
H6'2 LCA A 6 8.86 0.43 -4.81
H8 LCA A 6 4.87 -1.09 -1.90
H2'1 LCA A 6 8.57 0.63 -0.83
H61 LCA A 6 2.62 2.30 2.75
H62 LCA A 6 2.43 0.86 1.77
H1' LCA A 6 7.08 1.86 -2.70
H2 LCA A 6 6.40 4.29 1.30
P TLN A 7 9.66 -2.64 -0.34
OP1 TLN A 7 11.00 -3.26 -0.41
OP2 TLN A 7 8.49 -3.46 0.03
O5' TLN A 7 9.73 -1.40 0.68
C5' TLN A 7 10.78 -0.46 0.67
C4' TLN A 7 10.47 0.63 1.70
O4' TLN A 7 9.21 1.25 1.44
C1' TLN A 7 8.78 1.83 2.67
N1 TLN A 7 7.52 1.21 3.21
C6 TLN A 7 7.06 0.00 2.75
C5 TLN A 7 5.85 -0.50 3.15
C5M TLN A 7 5.38 -1.83 2.60
C4 TLN A 7 5.01 0.24 4.08
O4 TLN A 7 3.90 -0.11 4.47
N3 TLN A 7 5.55 1.45 4.51
C2 TLN A 7 6.79 1.96 4.13
O2 TLN A 7 7.18 3.03 4.61
C3' TLN A 7 10.39 0.15 3.15
C2' TLN A 7 10.03 1.57 3.54
O2' TLN A 7 11.09 2.39 3.02
O3' TLN A 7 11.63 -0.31 3.69
C6' TLN A 7 11.53 1.73 1.83
H5' TLN A 7 10.86 -0.01 -0.32
H5'' TLN A 7 11.72 -0.96 0.92
H1' TLN A 7 8.62 2.90 2.58
H6 TLN A 7 7.64 -0.59 2.06
H71 TLN A 7 5.35 -2.57 3.42
H72 TLN A 7 4.38 -1.72 2.19
H73 TLN A 7 6.05 -2.19 1.83
H3 TLN A 7 4.98 1.99 5.16
H3' TLN A 7 9.59 -0.57 3.30
H2' TLN A 7 9.84 1.73 4.60
H6'1 TLN A 7 11.58 2.39 0.96
H6'2 TLN A 7 12.51 1.29 2.00
P LCG A 8 11.69 -1.25 5.00
OP1 LCG A 8 13.11 -1.45 5.35
O5' LCG A 8 11.00 -0.35 6.15
C5' LCG A 8 11.65 0.75 6.75
C3' LCG A 8 10.15 0.45 8.82
C6' LCG A 8 11.16 2.57 8.56
N9 LCG A 8 7.38 0.98 7.74
C8 LCG A 8 7.38 -0.09 6.88
C4 LCG A 8 6.13 1.00 8.30
N7 LCG A 8 6.25 -0.73 6.82
C5 LCG A 8 5.43 -0.04 7.71
C6 LCG A 8 4.06 -0.26 8.07
C2' LCG A 8 9.25 1.58 9.30
O6 LCG A 8 3.29 -1.11 7.63
C4' LCG A 8 10.65 1.38 7.73
C1' LCG A 8 8.48 1.93 8.03
C2 LCG A 8 4.40 1.61 9.61
N1 LCG A 8 3.62 0.62 9.05
O4' LCG A 8 9.50 1.84 7.04
OP2 LCG A 8 10.82 -2.42 4.76
N2 LCG A 8 3.82 2.35 10.55
N3 LCG A 8 5.67 1.85 9.25
O2' LCG A 8 10.15 2.66 9.57
O3' LCG A 8 11.13 0.03 9.76
H5' LCG A 8 11.94 1.48 5.98
H5'' LCG A 8 12.54 0.41 7.28
H3' LCG A 8 9.59 -0.40 8.41
H6'1 LCG A 8 11.19 3.48 7.97
H6'2 LCG A 8 12.12 2.35 9.01
H8 LCG A 8 8.25 -0.38 6.28
H2' LCG A 8 8.60 1.34 10.14
H1' LCG A 8 8.09 2.94 8.10
H1 LCG A 8 2.67 0.50 9.36
H21 LCG A 8 2.86 2.16 10.84
H22 LCG A 8 4.34 3.10 10.99
O5' LCC A 9 9.58 -0.72 11.62
C5' LCC A 9 9.65 0.31 12.61
C4' LCC A 9 8.26 0.42 13.25
O4' LCC A 9 7.26 0.84 12.31
C1' LCC A 9 6.00 0.40 12.83
N1 LCC A 9 5.35 -0.64 11.98
C6 LCC A 9 6.05 -1.36 11.03
C5 LCC A 9 5.46 -2.33 10.30
C5M LCC A 9 6.26 -3.12 9.28
C4 LCC A 9 4.06 -2.57 10.52
N4 LCC A 9 3.38 -3.49 9.83
N3 LCC A 9 3.37 -1.85 11.43
C2 LCC A 9 3.99 -0.88 12.18
O2 LCC A 9 3.33 -0.25 13.01
C3' LCC A 9 7.72 -0.87 13.83
C2' LCC A 9 6.45 -0.13 14.20
O2' LCC A 9 6.88 0.99 14.99
O3' LCC A 9 8.42 -1.42 14.94
C6' LCC A 9 8.16 1.34 14.47
P LCC A 9 10.86 -1.18 10.78
O1P LCC A 9 12.02 -1.28 11.70
O2P LCC A 9 10.46 -2.37 9.98
H5'1 LCC A 9 9.93 1.26 12.15
H5'2 LCC A 9 10.38 0.04 13.36
H1' LCC A 9 5.30 1.23 12.96
H6 LCC A 9 7.10 -1.15 10.89
H5M1 LCC A 9 7.24 -2.66 9.12
H5M2 LCC A 9 6.42 -4.14 9.65
H5M3 LCC A 9 5.73 -3.15 8.33
H41 LCC A 9 2.39 -3.60 9.97
H42 LCC A 9 3.86 -4.03 9.12
H3' LCC A 9 7.55 -1.64 13.07
H2'1 LCC A 9 5.69 -0.75 14.69
H3T LCC A 9 9.25 -1.79 14.62
H6'1 LCC A 9 8.25 2.40 14.21
H6'2 LCC A 9 8.93 1.09 15.20
N1 LKC A 1 -14.10 5.14 -3.16
C2 LKC A 1 -13.36 4.87 -4.33
N3 LKC A 1 -12.12 5.43 -4.47
C4 LKC A 1 -11.61 6.21 -3.50
C5 LKC A 1 -12.34 6.47 -2.28
C6 LKC A 1 -13.58 5.91 -2.16
O2 LKC A 1 -13.80 4.15 -5.22
N4 LKC A 1 -10.39 6.73 -3.71
C1' LKC A 1 -15.48 4.55 -3.08
C2' LKC A 1 -15.46 3.07 -2.72
C3' LKC A 1 -15.45 3.11 -1.19
C4' LKC A 1 -16.71 3.99 -1.25
O4' LKC A 1 -16.28 5.10 -2.04
O3' LKC A 1 -15.64 1.84 -0.57
C5' LKC A 1 -17.31 4.39 0.10
O5' LKC A 1 -16.34 4.98 0.94
C5A LKC A 1 -11.76 7.34 -1.17
O2' LKC A 1 -16.74 2.54 -3.06
C6' LKC A 1 -17.64 3.12 -2.11
H6 LKC A 1 -14.14 6.09 -1.27
H41 LKC A 1 -9.90 6.52 -4.58
H42 LKC A 1 -9.95 7.31 -3.01
H1' LKC A 1 -15.98 4.69 -4.03
H2'1 LKC A 1 -14.63 2.52 -3.15
H3' LKC A 1 -14.59 3.65 -0.79
H5'1 LKC A 1 -18.12 5.10 -0.07
H5'2 LKC A 1 -17.71 3.51 0.60
H5T LKC A 1 -15.65 4.33 1.12
H5M1 LKC A 1 -12.47 7.41 -0.34
H5M2 LKC A 1 -10.84 6.89 -0.81
H5M3 LKC A 1 -11.55 8.33 -1.55
H6'1 LKC A 1 -18.39 3.73 -2.61
H6'2 LKC A 1 -18.10 2.33 -1.52
P TLN A 2 -14.40 0.86 -0.24
OP1 TLN A 2 -14.94 -0.34 0.43
OP2 TLN A 2 -13.35 1.68 0.42
O5' TLN A 2 -13.85 0.43 -1.70
C5' TLN A 2 -14.55 -0.46 -2.54
C4' TLN A 2 -13.78 -0.61 -3.86
O4' TLN A 2 -13.64 0.65 -4.53
C1' TLN A 2 -12.50 0.54 -5.37
N1 TLN A 2 -11.38 1.44 -4.96
C6 TLN A 2 -11.33 2.03 -3.71
C5 TLN A 2 -10.32 2.86 -3.36
C5M TLN A 2 -10.33 3.45 -1.95
C4 TLN A 2 -9.25 3.18 -4.28
O4 TLN A 2 -8.31 3.96 -4.08
N3 TLN A 2 -9.33 2.53 -5.50
C2 TLN A 2 -10.35 1.64 -5.88
O2 TLN A 2 -10.30 1.12 -6.99
C3' TLN A 2 -12.35 -1.13 -3.71
C2' TLN A 2 -12.14 -0.94 -5.21
O2' TLN A 2 -13.22 -1.77 -5.74
O3' TLN A 2 -12.22 -2.47 -3.27
C6' TLN A 2 -14.36 -1.61 -4.87
H5' TLN A 2 -15.55 -0.06 -2.75
H5'' TLN A 2 -14.64 -1.43 -2.06
H1' TLN A 2 -12.74 0.77 -6.42
H6 TLN A 2 -12.11 1.83 -3.00
H71 TLN A 2 -9.78 4.39 -1.93
H72 TLN A 2 -11.35 3.63 -1.63
H73 TLN A 2 -9.86 2.75 -1.26
H3 TLN A 2 -8.60 2.69 -6.17
H3' TLN A 2 -11.73 -0.45 -3.11
H2' TLN A 2 -11.11 -1.14 -5.59
H6'1 TLN A 2 -15.23 -1.21 -5.40
H6'2 TLN A 2 -14.73 -2.53 -4.38
P LCG A 3 -10.83 -3.04 -2.67
OP1 LCG A 3 -11.00 -4.49 -2.47
O5' LCG A 3 -9.76 -2.81 -3.85
C5' LCG A 3 -9.78 -3.57 -5.05
C3' LCG A 3 -7.26 -3.22 -5.45
C6' LCG A 3 -8.56 -3.82 -7.31
N9 LCG A 3 -6.87 -0.23 -5.81
C8 LCG A 3 -7.21 0.18 -4.54
C4 LCG A 3 -5.77 0.53 -6.15
N7 LCG A 3 -6.45 1.13 -4.08
C5 LCG A 3 -5.53 1.38 -5.09
C6 LCG A 3 -4.46 2.32 -5.18
C2' LCG A 3 -6.75 -2.57 -6.74
O6 LCG A 3 -4.12 3.16 -4.34
C4' LCG A 3 -8.68 -3.06 -5.98
C1' LCG A 3 -7.51 -1.23 -6.71
C2 LCG A 3 -4.07 1.36 -7.39
N1 LCG A 3 -3.77 2.25 -6.38
O4' LCG A 3 -8.79 -1.66 -6.25
OP2 LCG A 3 -10.45 -2.18 -1.53
N2 LCG A 3 -3.30 1.40 -8.47
N3 LCG A 3 -5.07 0.47 -7.33
O2' LCG A 3 -7.29 -3.35 -7.80
O3' LCG A 3 -6.82 -4.56 -5.27
H5' LCG A 3 -10.75 -3.46 -5.55
H5'' LCG A 3 -9.61 -4.62 -4.82
H3' LCG A 3 -7.09 -2.61 -4.56
H6'1 LCG A 3 -9.38 -3.63 -8.01
H6'2 LCG A 3 -8.49 -4.89 -7.13
H8 LCG A 3 -8.03 -0.23 -3.97
H2' LCG A 3 -5.67 -2.44 -6.79
H1' LCG A 3 -7.56 -0.80 -7.70
H1 LCG A 3 -3.01 2.90 -6.51
H21 LCG A 3 -2.53 2.06 -8.52
H22 LCG A 3 -3.49 0.77 -9.24
P LCA A 4 -5.49 -4.94 -4.44
O1P LCA A 4 -5.32 -6.40 -4.49
O5' LCA A 4 -4.30 -4.25 -5.27
C5' LCA A 4 -3.91 -4.70 -6.55
C3' LCA A 4 -1.51 -3.80 -6.26
C6' LCA A 4 -2.28 -4.08 -8.47
N9 LCA A 4 -1.90 -0.78 -5.91
C8 LCA A 4 -2.69 -0.86 -4.79
C4 LCA A 4 -1.05 0.29 -5.67
N7 LCA A 4 -2.46 0.06 -3.89
C5 LCA A 4 -1.43 0.80 -4.45
C6 LCA A 4 -0.75 1.96 -4.00
C2' LCA A 4 -0.95 -2.75 -7.20
N6 LCA A 4 -1.04 2.59 -2.86
C4' LCA A 4 -2.80 -3.78 -7.06
C1' LCA A 4 -2.02 -1.64 -7.13
C2 LCA A 4 0.55 1.87 -5.91
N1 LCA A 4 0.24 2.46 -4.75
O4' LCA A 4 -3.20 -2.43 -7.05
O2P LCA A 4 -5.57 -4.26 -3.11
N3 LCA A 4 -0.05 0.80 -6.46
O3' LCA A 4 -0.81 -5.04 -6.29
O2' LCA A 4 -1.05 -3.35 -8.51
H5'1 LCA A 4 -4.77 -4.65 -7.24
H5'2 LCA A 4 -3.55 -5.72 -6.49
H3' LCA A 4 -1.66 -3.44 -5.24
H6'1 LCA A 4 -2.07 -5.14 -8.61
H6'2 LCA A 4 -2.97 -3.72 -9.24
H8 LCA A 4 -3.45 -1.62 -4.65
H2'1 LCA A 4 0.05 -2.42 -6.96
H61 LCA A 4 -0.55 3.44 -2.60
H62 LCA A 4 -1.79 2.24 -2.28
H1' LCA A 4 -2.05 -1.08 -8.05
H2 LCA A 4 1.38 2.34 -6.41
P TLN A 5 0.37 -5.38 -5.25
OP1 TLN A 5 0.97 -6.68 -5.64
OP2 TLN A 5 -0.16 -5.19 -3.89
O5' TLN A 5 1.47 -4.23 -5.51
C5' TLN A 5 2.29 -4.18 -6.66
C4' TLN A 5 3.17 -2.94 -6.55
O4' TLN A 5 2.40 -1.73 -6.47
C1' TLN A 5 3.23 -0.76 -5.84
N1 TLN A 5 2.72 -0.33 -4.51
C6 TLN A 5 1.79 -1.06 -3.82
C5 TLN A 5 1.26 -0.65 -2.64
C5M TLN A 5 0.22 -1.52 -1.94
C4 TLN A 5 1.68 0.60 -2.03
O4 TLN A 5 1.28 1.05 -0.97
N3 TLN A 5 2.64 1.29 -2.76
C2 TLN A 5 3.20 0.88 -3.97
O2 TLN A 5 4.06 1.56 -4.52
C3' TLN A 5 4.08 -2.92 -5.31
C2' TLN A 5 4.55 -1.53 -5.74
O2' TLN A 5 5.05 -1.71 -7.06
O3' TLN A 5 5.11 -3.90 -5.30
C6' TLN A 5 4.24 -2.73 -7.65
H5' TLN A 5 1.67 -4.11 -7.56
H5'' TLN A 5 2.91 -5.07 -6.71
H1' TLN A 5 3.34 0.13 -6.46
H6 TLN A 5 1.47 -2.00 -4.24
H71 TLN A 5 -0.58 -0.89 -1.55
H72 TLN A 5 -0.22 -2.23 -2.65
H73 TLN A 5 0.68 -2.07 -1.13
H3 TLN A 5 2.98 2.16 -2.38
H3' TLN A 5 3.51 -2.92 -4.39
H2' TLN A 5 5.24 -1.08 -5.04
H6'1 TLN A 5 4.82 -3.64 -7.77
H6'2 TLN A 5 3.79 -2.46 -8.61
P LCA A 6 5.92 -4.26 -3.96
O1P LCA A 6 6.99 -5.22 -4.31
O5' LCA A 6 6.62 -2.86 -3.53
C5' LCA A 6 7.71 -2.31 -4.25
C3' LCA A 6 8.54 -1.15 -2.09
C6' LCA A 6 9.29 -0.22 -4.13
N9 LCA A 6 6.27 0.73 -1.41
C8 LCA A 6 5.27 -0.20 -1.27
C4 LCA A 6 6.05 1.64 -0.40
N7 LCA A 6 4.43 0.05 -0.30
C5 LCA A 6 4.91 1.24 0.24
C6 LCA A 6 4.44 2.08 1.28
C2' LCA A 6 8.69 0.35 -2.02
N6 LCA A 6 3.33 1.82 1.96
C4' LCA A 6 8.10 -1.00 -3.55
C1' LCA A 6 7.30 0.83 -2.47
C2 LCA A 6 6.29 3.42 0.93
N1 LCA A 6 5.17 3.16 1.61
O4' LCA A 6 7.01 -0.08 -3.52
O2P LCA A 6 4.94 -4.61 -2.91
N3 LCA A 6 6.80 2.74 -0.10
O3' LCA A 6 9.76 -1.87 -1.91
O2' LCA A 6 9.60 0.67 -3.07
H5'1 LCA A 6 7.42 -2.10 -5.27
H5'2 LCA A 6 8.56 -3.00 -4.23
H3' LCA A 6 7.73 -1.53 -1.47
H6'1 LCA A 6 10.13 -0.89 -4.32
H6'2 LCA A 6 9.00 0.31 -5.04
H8 LCA A 6 5.18 -1.07 -1.92
H2'1 LCA A 6 8.99 0.74 -1.06
H61 LCA A 6 3.00 2.46 2.67
H62 LCA A 6 2.78 1.01 1.71
H1' LCA A 6 7.34 1.85 -2.85
H2 LCA A 6 6.87 4.28 1.23
P TLN A 7 10.12 -2.60 -0.53
OP1 TLN A 7 11.48 -3.17 -0.66
OP2 TLN A 7 9.00 -3.48 -0.16
O5' TLN A 7 10.18 -1.40 0.55
C5' TLN A 7 11.22 -0.45 0.57
C4' TLN A 7 10.85 0.63 1.60
O4' TLN A 7 9.59 1.23 1.27
C1' TLN A 7 9.07 1.77 2.48
N1 TLN A 7 7.83 1.07 2.93
C6 TLN A 7 7.43 -0.13 2.41
C5 TLN A 7 6.26 -0.72 2.76
C5M TLN A 7 5.87 -2.06 2.13
C4 TLN A 7 5.36 -0.08 3.71
O4 TLN A 7 4.26 -0.51 4.08
N3 TLN A 7 5.83 1.12 4.22
C2 TLN A 7 7.03 1.73 3.89
O2 TLN A 7 7.35 2.79 4.41
C3' TLN A 7 10.69 0.14 3.04
C2' TLN A 7 10.26 1.56 3.41
O2' TLN A 7 11.34 2.40 2.96
O3' TLN A 7 11.88 -0.27 3.70
C6' TLN A 7 11.86 1.76 1.81
H5' TLN A 7 11.33 0.02 -0.41
H5'' TLN A 7 12.16 -0.92 0.86
H1' TLN A 7 8.86 2.83 2.37
H6 TLN A 7 8.07 -0.65 1.71
H71 TLN A 7 6.07 -2.86 2.85
H72 TLN A 7 4.81 -2.05 1.88
H73 TLN A 7 6.46 -2.23 1.23
H3 TLN A 7 5.24 1.60 4.88
H3' TLN A 7 9.89 -0.59 3.14
H2' TLN A 7 9.99 1.71 4.45
H6'1 TLN A 7 11.94 2.41 0.94
H6'2 TLN A 7 12.85 1.35 2.03
P LCG A 8 11.86 -1.13 5.05
OP1 LCG A 8 13.26 -1.26 5.54
O5' LCG A 8 11.05 -0.21 6.10
C5' LCG A 8 11.60 0.95 6.70
C3' LCG A 8 10.07 0.65 8.76
C6' LCG A 8 10.93 2.82 8.39
N9 LCG A 8 7.30 0.91 7.62
C8 LCG A 8 7.37 -0.17 6.77
C4 LCG A 8 6.05 0.84 8.19
N7 LCG A 8 6.29 -0.89 6.74
C5 LCG A 8 5.42 -0.24 7.62
C6 LCG A 8 4.08 -0.55 7.98
C2' LCG A 8 9.08 1.75 9.17
O6 LCG A 8 3.37 -1.47 7.57
C4' LCG A 8 10.54 1.55 7.62
C1' LCG A 8 8.31 1.96 7.86
C2 LCG A 8 4.27 1.38 9.48
N1 LCG A 8 3.56 0.32 8.94
O4' LCG A 8 9.35 1.89 6.90
OP2 LCG A 8 11.06 -2.35 4.82
N2 LCG A 8 3.64 2.10 10.40
N3 LCG A 8 5.54 1.69 9.13
O2' LCG A 8 9.90 2.90 9.38
O3' LCG A 8 11.05 0.37 9.75
H5' LCG A 8 11.88 1.67 5.93
H5'' LCG A 8 12.48 0.68 7.29
H3' LCG A 8 9.58 -0.26 8.39
H6'1 LCG A 8 10.91 3.70 7.75
H6'2 LCG A 8 11.90 2.71 8.87
H8 LCG A 8 8.25 -0.41 6.19
H2' LCG A 8 8.43 1.50 10.00
H1' LCG A 8 7.85 2.95 7.87
H1 LCG A 8 2.61 0.16 9.24
H21 LCG A 8 2.69 1.86 10.69
H22 LCG A 8 4.12 2.89 10.82
O5' LCC A 9 9.52 -0.31 11.66
C5' LCC A 9 9.53 0.80 12.55
C4' LCC A 9 8.14 0.89 13.19
O4' LCC A 9 7.11 1.15 12.23
C1' LCC A 9 5.89 0.68 12.80
N1 LCC A 9 5.29 -0.48 12.06
C6 LCC A 9 6.04 -1.21 11.16
C5 LCC A 9 5.51 -2.26 10.48
C5M LCC A 9 6.35 -3.05 9.50
C4 LCC A 9 4.11 -2.55 10.72
N4 LCC A 9 3.50 -3.56 10.08
N3 LCC A 9 3.39 -1.84 11.59
C2 LCC A 9 3.94 -0.79 12.28
O2 LCC A 9 3.26 -0.15 13.07
C3' LCC A 9 7.68 -0.39 13.91
C2' LCC A 9 6.36 0.30 14.22
O2' LCC A 9 6.72 1.51 14.89
O3' LCC A 9 8.42 -0.79 15.05
C6' LCC A 9 7.98 1.90 14.33
P LCC A 9 10.82 -0.78 10.86
O1P LCC A 9 11.98 -0.75 11.79
O2P LCC A 9 10.49 -2.04 10.16
H5'1 LCC A 9 9.74 1.71 12.01
H5'2 LCC A 9 10.27 0.64 13.33
H1' LCC A 9 5.13 1.47 12.86
H6 LCC A 9 7.07 -0.95 10.99
H5M1 LCC A 9 6.57 -4.04 9.92
H5M2 LCC A 9 5.82 -3.17 8.56
H5M3 LCC A 9 7.29 -2.54 9.30
H41 LCC A 9 2.52 -3.72 10.24
H42 LCC A 9 4.00 -4.10 9.40
H3' LCC A 9 7.56 -1.23 13.22
H2'1 LCC A 9 5.65 -0.31 14.77
H3T LCC A 9 9.28 -1.11 14.76
H6'1 LCC A 9 7.99 2.94 13.97
H6'2 LCC A 9 8.77 1.76 15.07
N1 LKC A 1 -12.87 4.44 -1.53
C2 LKC A 1 -12.36 4.37 -2.84
N3 LKC A 1 -11.21 5.02 -3.13
C4 LKC A 1 -10.53 5.70 -2.20
C5 LKC A 1 -11.00 5.75 -0.84
C6 LKC A 1 -12.17 5.11 -0.56
O2 LKC A 1 -12.95 3.74 -3.72
N4 LKC A 1 -9.40 6.32 -2.58
C1' LKC A 1 -14.19 3.81 -1.26
C2' LKC A 1 -14.07 2.30 -1.03
C3' LKC A 1 -13.84 2.20 0.47
C4' LKC A 1 -15.10 3.04 0.67
O4' LKC A 1 -14.83 4.23 -0.06
O3' LKC A 1 -13.90 0.88 1.00
C5' LKC A 1 -15.50 3.32 2.12
O5' LKC A 1 -14.48 3.99 2.82
C5A LKC A 1 -10.23 6.49 0.25
O2' LKC A 1 -15.37 1.75 -1.23
C6' LKC A 1 -16.13 2.21 -0.11
H6 LKC A 1 -12.55 5.14 0.45
H41 LKC A 1 -9.10 6.25 -3.55
H42 LKC A 1 -8.85 6.83 -1.90
H1' LKC A 1 -14.85 3.99 -2.11
H2'1 LKC A 1 -13.30 1.83 -1.63
H3' LKC A 1 -12.95 2.73 0.80
H5'1 LKC A 1 -16.41 3.93 2.13
H5'2 LKC A 1 -15.71 2.37 2.63
H5T LKC A 1 -14.28 4.81 2.36
H5M1 LKC A 1 -9.21 6.10 0.30
H5M2 LKC A 1 -10.21 7.55 0.02
H5M3 LKC A 1 -10.71 6.34 1.22
H6'1 LKC A 1 -16.96 2.84 -0.44
H6'2 LKC A 1 -16.49 1.37 0.48
P TLN A 2 -12.62 -0.09 1.01
OP1 TLN A 2 -13.02 -1.37 1.64
OP2 TLN A 2 -11.47 0.68 1.57
O5' TLN A 2 -12.30 -0.36 -0.55
C5' TLN A 2 -13.12 -1.20 -1.35
C4' TLN A 2 -12.57 -1.19 -2.77
O4' TLN A 2 -12.57 0.14 -3.33
C1' TLN A 2 -11.57 0.15 -4.34
N1 TLN A 2 -10.43 1.06 -4.04
C6 TLN A 2 -10.18 1.52 -2.75
C5 TLN A 2 -9.19 2.41 -2.49
C5M TLN A 2 -8.97 2.84 -1.05
C4 TLN A 2 -8.36 2.93 -3.56
O4 TLN A 2 -7.46 3.77 -3.44
N3 TLN A 2 -8.63 2.40 -4.80
C2 TLN A 2 -9.60 1.46 -5.10
O2 TLN A 2 -9.73 1.02 -6.24
C3' TLN A 2 -11.12 -1.66 -2.92
C2' TLN A 2 -11.17 -1.33 -4.40
O2' TLN A 2 -12.30 -2.13 -4.84
O3' TLN A 2 -10.91 -3.04 -2.65
C6' TLN A 2 -13.29 -2.09 -3.79
H5' TLN A 2 -14.15 -0.81 -1.36
H5'' TLN A 2 -13.11 -2.22 -0.96
H1' TLN A 2 -11.98 0.48 -5.31
H6 TLN A 2 -10.78 1.17 -1.94
H71 TLN A 2 -8.49 3.82 -1.00
H72 TLN A 2 -9.92 2.90 -0.51
H73 TLN A 2 -8.33 2.11 -0.55
H3 TLN A 2 -8.04 2.71 -5.57
H3' TLN A 2 -10.43 -1.04 -2.35
H2' TLN A 2 -10.21 -1.44 -4.96
H6'1 TLN A 2 -14.25 -1.67 -4.12
H6'2 TLN A 2 -13.56 -3.08 -3.35
P LCG A 3 -9.45 -3.65 -2.38
OP1 LCG A 3 -9.56 -5.12 -2.28
O5' LCG A 3 -8.62 -3.29 -3.71
C5' LCG A 3 -8.83 -3.95 -4.95
C3' LCG A 3 -6.41 -3.45 -5.66
C6' LCG A 3 -7.91 -4.00 -7.38
N9 LCG A 3 -6.23 -0.43 -5.83
C8 LCG A 3 -6.47 -0.10 -4.51
C4 LCG A 3 -5.23 0.44 -6.23
N7 LCG A 3 -5.74 0.88 -4.06
C5 LCG A 3 -4.95 1.24 -5.16
C6 LCG A 3 -3.98 2.28 -5.29
C2' LCG A 3 -6.10 -2.69 -6.93
O6 LCG A 3 -3.61 3.11 -4.45
C4' LCG A 3 -7.89 -3.34 -5.99
C1' LCG A 3 -6.92 -1.40 -6.72
C2 LCG A 3 -3.72 1.43 -7.57
N1 LCG A 3 -3.39 2.31 -6.55
O4' LCG A 3 -8.11 -1.93 -6.14
OP2 LCG A 3 -8.84 -2.89 -1.26
N2 LCG A 3 -3.05 1.58 -8.72
N3 LCG A 3 -4.65 0.48 -7.47
O2' LCG A 3 -6.74 -3.43 -7.97
O3' LCG A 3 -5.91 -4.79 -5.63
H5' LCG A 3 -9.86 -3.82 -5.26
H5'' LCG A 3 -8.61 -5.01 -4.83
H3' LCG A 3 -6.14 -2.90 -4.75
H6'1 LCG A 3 -8.82 -3.81 -7.95
H6'2 LCG A 3 -7.77 -5.08 -7.27
H8 LCG A 3 -7.20 -0.59 -3.88
H2' LCG A 3 -5.05 -2.50 -7.11
H1' LCG A 3 -7.12 -0.90 -7.67
H1 LCG A 3 -2.69 3.01 -6.72
H21 LCG A 3 -2.33 2.28 -8.80
H22 LCG A 3 -3.27 0.97 -9.49
P LCA A 4 -4.47 -5.16 -5.01
O1P LCA A 4 -4.26 -6.62 -5.21
O5' LCA A 4 -3.42 -4.37 -5.93
C5' LCA A 4 -3.16 -4.73 -7.28
C3' LCA A 4 -0.79 -3.72 -7.15
C6' LCA A 4 -1.73 -3.92 -9.31
N9 LCA A 4 -1.32 -0.75 -6.59
C8 LCA A 4 -2.03 -0.92 -5.42
C4 LCA A 4 -0.52 0.37 -6.36
N7 LCA A 4 -1.82 -0.01 -4.51
C5 LCA A 4 -0.88 0.83 -5.10
C6 LCA A 4 -0.26 2.02 -4.67
C2' LCA A 4 -0.38 -2.59 -8.07
N6 LCA A 4 -0.55 2.61 -3.50
C4' LCA A 4 -2.15 -3.73 -7.85
C1' LCA A 4 -1.48 -1.55 -7.84
C2 LCA A 4 0.96 2.05 -6.62
N1 LCA A 4 0.67 2.59 -5.44
O4' LCA A 4 -2.62 -2.40 -7.72
O2P LCA A 4 -4.40 -4.58 -3.65
N3 LCA A 4 0.42 0.94 -7.18
O3' LCA A 4 -0.03 -4.91 -7.31
O2' LCA A 4 -0.56 -3.11 -9.39
H5'1 LCA A 4 -4.08 -4.69 -7.86
H5'2 LCA A 4 -2.74 -5.74 -7.32
H3' LCA A 4 -0.87 -3.42 -6.10
H6'1 LCA A 4 -1.49 -4.96 -9.51
H6'2 LCA A 4 -2.51 -3.56 -9.98
H8 LCA A 4 -2.73 -1.72 -5.26
H2'1 LCA A 4 0.63 -2.21 -7.90
H61 LCA A 4 -0.11 3.48 -3.23
H62 LCA A 4 -1.26 2.20 -2.91
H1' LCA A 4 -1.63 -0.94 -8.73
H2 LCA A 4 1.75 2.58 -7.15
P TLN A 5 1.21 -5.27 -6.36
OP1 TLN A 5 1.86 -6.48 -6.90
OP2 TLN A 5 0.72 -5.25 -4.96
O5' TLN A 5 2.22 -4.03 -6.53
C5' TLN A 5 2.99 -3.83 -7.70
C4' TLN A 5 3.80 -2.54 -7.50
O4' TLN A 5 2.95 -1.41 -7.32
C1' TLN A 5 3.72 -0.43 -6.63
N1 TLN A 5 3.20 -0.12 -5.26
C6 TLN A 5 2.33 -0.97 -4.60
C5 TLN A 5 1.77 -0.66 -3.41
C5M TLN A 5 0.81 -1.64 -2.76
C4 TLN A 5 2.07 0.61 -2.76
O4 TLN A 5 1.60 1.00 -1.70
N3 TLN A 5 2.98 1.41 -3.45
C2 TLN A 5 3.58 1.09 -4.66
O2 TLN A 5 4.40 1.86 -5.17
C3' TLN A 5 4.71 -2.56 -6.28
C2' TLN A 5 5.09 -1.11 -6.61
O2' TLN A 5 5.57 -1.15 -7.96
O3' TLN A 5 5.81 -3.46 -6.35
C6' TLN A 5 4.82 -2.19 -8.60
H5' TLN A 5 2.35 -3.73 -8.57
H5'' TLN A 5 3.68 -4.67 -7.84
H1' TLN A 5 3.76 0.51 -7.19
H6 TLN A 5 2.10 -1.92 -5.08
H71 TLN A 5 -0.11 -1.12 -2.48
H72 TLN A 5 0.56 -2.45 -3.44
H73 TLN A 5 1.28 -2.05 -1.86
H3 TLN A 5 3.25 2.28 -3.02
H3' TLN A 5 4.17 -2.66 -5.35
H2' TLN A 5 5.77 -0.67 -5.89
H6'1 TLN A 5 5.46 -3.04 -8.80
H6'2 TLN A 5 4.34 -1.87 -9.53
P LCA A 6 6.58 -3.96 -5.03
O1P LCA A 6 7.73 -4.78 -5.46
O5' LCA A 6 7.14 -2.61 -4.37
C5' LCA A 6 8.25 -1.90 -4.90
C3' LCA A 6 8.78 -1.05 -2.53
C6' LCA A 6 9.78 0.12 -4.33
N9 LCA A 6 6.48 0.80 -1.85
C8 LCA A 6 5.50 -0.16 -1.86
C4 LCA A 6 6.15 1.63 -0.80
N7 LCA A 6 4.57 0.00 -0.96
C5 LCA A 6 4.96 1.16 -0.30
C6 LCA A 6 4.38 1.92 0.74
C2' LCA A 6 8.93 0.44 -2.25
N6 LCA A 6 3.20 1.62 1.29
C4' LCA A 6 8.52 -0.71 -4.00
C1' LCA A 6 7.62 0.99 -2.79
C2 LCA A 6 6.21 3.33 0.65
N1 LCA A 6 5.04 3.00 1.21
O4' LCA A 6 7.43 0.21 -3.96
O2P LCA A 6 5.58 -4.54 -4.11
N3 LCA A 6 6.84 2.73 -0.36
O3' LCA A 6 9.95 -1.81 -2.28
O2' LCA A 6 9.98 0.87 -3.13
H5'1 LCA A 6 8.02 -1.56 -5.91
H5'2 LCA A 6 9.13 -2.55 -4.92
H3' LCA A 6 7.90 -1.49 -2.06
H6'1 LCA A 6 10.63 -0.52 -4.51
H6'2 LCA A 6 9.60 0.78 -5.17
H8 LCA A 6 5.50 -0.99 -2.57
H2'1 LCA A 6 9.12 0.69 -1.20
H61 LCA A 6 2.80 2.21 2.00
H62 LCA A 6 2.69 0.82 0.95
H1' LCA A 6 7.72 2.05 -3.04
H2 LCA A 6 6.73 4.17 1.07
P TLN A 7 10.11 -2.70 -0.94
OP1 TLN A 7 11.48 -3.27 -0.93
OP2 TLN A 7 8.95 -3.61 -0.85
O5' TLN A 7 9.99 -1.64 0.25
C5' TLN A 7 11.03 -0.70 0.53
C4' TLN A 7 10.54 0.25 1.62
O4' TLN A 7 9.34 0.94 1.22
C1' TLN A 7 8.72 1.40 2.41
N1 TLN A 7 7.38 0.76 2.68
C6 TLN A 7 6.98 -0.38 2.03
C5 TLN A 7 5.78 -0.96 2.27
C5M TLN A 7 5.40 -2.23 1.53
C4 TLN A 7 4.85 -0.36 3.23
O4 TLN A 7 3.74 -0.80 3.52
N3 TLN A 7 5.31 0.80 3.83
C2 TLN A 7 6.55 1.38 3.62
O2 TLN A 7 6.87 2.41 4.23
C3' TLN A 7 10.18 -0.38 2.96
C2' TLN A 7 9.77 1.00 3.45
O2' TLN A 7 10.92 1.83 3.25
O3' TLN A 7 11.25 -0.96 3.69
C6' TLN A 7 11.57 1.29 2.09
H5' TLN A 7 11.27 -0.13 -0.37
H5'' TLN A 7 11.92 -1.23 0.88
H1' TLN A 7 8.59 2.48 2.40
H6 TLN A 7 7.64 -0.84 1.30
H71 TLN A 7 6.00 -2.33 0.63
H72 TLN A 7 5.55 -3.09 2.18
H73 TLN A 7 4.35 -2.18 1.23
H3 TLN A 7 4.70 1.26 4.49
H3' TLN A 7 9.33 -1.08 2.87
H2' TLN A 7 9.37 1.04 4.46
H6'1 TLN A 7 11.79 2.04 1.33
H6'2 TLN A 7 12.48 0.80 2.39
P LCG A 8 11.00 -1.93 4.95
OP1 LCG A 8 12.33 -2.25 5.54
O5' LCG A 8 10.20 -1.01 6.01
C5' LCG A 8 10.80 0.07 6.70
C3' LCG A 8 9.11 -0.14 8.64
C6' LCG A 8 10.23 1.94 8.40
N9 LCG A 8 6.41 0.53 7.42
C8 LCG A 8 6.33 -0.53 6.57
C4 LCG A 8 5.15 0.65 7.97
N7 LCG A 8 5.15 -1.08 6.50
C5 LCG A 8 4.38 -0.33 7.38
C6 LCG A 8 3.00 -0.43 7.74
C2' LCG A 8 8.25 1.05 9.06
O6 LCG A 8 2.16 -1.23 7.31
C4' LCG A 8 9.74 0.75 7.57
C1' LCG A 8 7.58 1.41 7.72
C2 LCG A 8 3.45 1.46 9.23
N1 LCG A 8 2.60 0.51 8.68
O4' LCG A 8 8.64 1.20 6.80
OP2 LCG A 8 10.11 -3.02 4.52
N2 LCG A 8 2.93 2.28 10.13
N3 LCG A 8 4.75 1.57 8.90
O2' LCG A 8 9.17 2.08 9.36
O3' LCG A 8 10.02 -0.58 9.65
H5' LCG A 8 11.21 0.79 5.99
H5'' LCG A 8 11.61 -0.31 7.33
H3' LCG A 8 8.54 -0.96 8.21
H6'1 LCG A 8 10.33 2.83 7.78
H6'2 LCG A 8 11.16 1.70 8.91
H8 LCG A 8 7.18 -0.88 5.98
H2' LCG A 8 7.53 0.86 9.85
H1' LCG A 8 7.26 2.45 7.75
H1 LCG A 8 1.64 0.49 8.97
H21 LCG A 8 1.96 2.20 10.39
H22 LCG A 8 3.51 3.00 10.54
O5' LCC A 9 8.40 -1.10 11.52
C5' LCC A 9 8.56 -0.05 12.47
C4' LCC A 9 7.20 0.26 13.08
O4' LCC A 9 6.26 0.73 12.12
C1' LCC A 9 4.96 0.45 12.63
N1 LCC A 9 4.22 -0.58 11.82
C6 LCC A 9 4.88 -1.39 10.92
C5 LCC A 9 4.22 -2.34 10.22
C5M LCC A 9 4.97 -3.25 9.26
C4 LCC A 9 2.80 -2.46 10.44
N4 LCC A 9 2.06 -3.36 9.78
N3 LCC A 9 2.17 -1.64 11.30
C2 LCC A 9 2.84 -0.69 12.01
O2 LCC A 9 2.24 0.04 12.79
C3' LCC A 9 6.51 -0.94 13.75
C2' LCC A 9 5.32 -0.05 14.04
O2' LCC A 9 5.87 1.05 14.77
O3' LCC A 9 7.12 -1.48 14.91
C6' LCC A 9 7.19 1.25 14.25
P LCC A 9 9.62 -1.73 10.70
O1P LCC A 9 10.76 -1.92 11.63
O2P LCC A 9 9.10 -2.90 9.95
H5'1 LCC A 9 8.95 0.84 11.97
H5'2 LCC A 9 9.26 -0.37 13.24
H1' LCC A 9 4.33 1.34 12.70
H6 LCC A 9 5.94 -1.29 10.80
H5M1 LCC A 9 4.44 -3.30 8.31
H5M2 LCC A 9 5.97 -2.87 9.07
H5M3 LCC A 9 5.04 -4.25 9.69
H41 LCC A 9 1.06 -3.41 9.96
H42 LCC A 9 2.49 -3.98 9.11
H3' LCC A 9 6.29 -1.74 13.03
H2'1 LCC A 9 4.50 -0.56 14.53
H3T LCC A 9 7.16 -0.79 15.57
H6'1 LCC A 9 7.38 2.27 13.92
H6'2 LCC A 9 7.93 0.97 14.99
N1 LKC A 1 -11.61 4.30 -0.82
C2 LKC A 1 -11.32 4.35 -2.19
N3 LKC A 1 -10.16 4.92 -2.61
C4 LKC A 1 -9.29 5.43 -1.72
C5 LKC A 1 -9.54 5.37 -0.30
C6 LKC A 1 -10.71 4.80 0.10
O2 LKC A 1 -12.09 3.87 -3.02
N4 LKC A 1 -8.17 6.00 -2.20
C1' LKC A 1 -12.95 3.79 -0.40
C2' LKC A 1 -13.03 2.26 -0.37
C3' LKC A 1 -12.56 1.95 1.04
C4' LKC A 1 -13.64 2.89 1.58
O4' LKC A 1 -13.31 4.13 0.94
O3' LKC A 1 -12.73 0.59 1.43
C5' LKC A 1 -13.66 3.01 3.11
O5' LKC A 1 -14.75 3.82 3.53
C5A LKC A 1 -8.55 5.90 0.72
O2' LKC A 1 -14.41 1.92 -0.37
C6' LKC A 1 -14.90 2.32 0.91
H6 LKC A 1 -10.93 4.74 1.16
H41 LKC A 1 -8.03 6.02 -3.21
H42 LKC A 1 -7.48 6.37 -1.58
H1' LKC A 1 -13.71 4.18 -1.09
H2'1 LKC A 1 -12.47 1.78 -1.17
H3' LKC A 1 -11.55 2.32 1.25
H5'1 LKC A 1 -13.78 2.02 3.54
H5'2 LKC A 1 -12.73 3.44 3.45
H5T LKC A 1 -15.57 3.43 3.23
H5M1 LKC A 1 -8.41 6.97 0.57
H5M2 LKC A 1 -8.91 5.73 1.74
H5M3 LKC A 1 -7.59 5.40 0.60
H6'1 LKC A 1 -15.67 3.08 0.82
H6'2 LKC A 1 -15.26 1.45 1.45
P TLN A 2 -11.59 -0.52 1.17
OP1 TLN A 2 -12.06 -1.80 1.72
OP2 TLN A 2 -10.30 0.05 1.63
O5' TLN A 2 -11.51 -0.65 -0.43
C5' TLN A 2 -12.52 -1.31 -1.20
C4' TLN A 2 -12.14 -1.19 -2.67
O4' TLN A 2 -12.09 0.18 -3.08
C1' TLN A 2 -11.24 0.23 -4.22
N1 TLN A 2 -9.98 1.01 -3.96
C6 TLN A 2 -9.55 1.30 -2.66
C5 TLN A 2 -8.46 2.06 -2.44
C5M TLN A 2 -8.02 2.30 -0.99
C4 TLN A 2 -7.70 2.65 -3.53
O4 TLN A 2 -6.73 3.38 -3.45
N3 TLN A 2 -8.18 2.29 -4.80
C2 TLN A 2 -9.26 1.46 -5.06
O2 TLN A 2 -9.54 1.17 -6.22
C3' TLN A 2 -10.78 -1.78 -3.07
C2' TLN A 2 -10.98 -1.27 -4.49
O2' TLN A 2 -12.24 -1.91 -4.84
O3' TLN A 2 -10.69 -3.20 -2.98
C6' TLN A 2 -13.08 -1.92 -3.66
H5' TLN A 2 -13.48 -0.84 -1.02
H5'' TLN A 2 -12.56 -2.37 -0.91
H1' TLN A 2 -11.72 0.70 -5.08
H6 TLN A 2 -10.10 0.91 -1.81
H71 TLN A 2 -8.90 2.39 -0.35
H72 TLN A 2 -7.42 1.46 -0.66
H73 TLN A 2 -7.44 3.22 -0.92
H3 TLN A 2 -7.67 2.64 -5.59
H3' TLN A 2 -9.97 -1.29 -2.53
H2' TLN A 2 -10.12 -1.40 -5.18
H6'1 TLN A 2 -14.02 -1.37 -3.81
H6'2 TLN A 2 -13.38 -2.92 -3.29
P LCG A 3 -9.29 -3.96 -2.90
OP1 LCG A 3 -9.55 -5.42 -2.90
O5' LCG A 3 -8.53 -3.58 -4.28
C5' LCG A 3 -8.86 -4.20 -5.51
C3' LCG A 3 -6.44 -3.76 -6.32
C6' LCG A 3 -8.02 -4.23 -8.00
N9 LCG A 3 -6.24 -0.75 -6.37
C8 LCG A 3 -6.39 -0.54 -5.02
C4 LCG A 3 -5.25 0.13 -6.76
N7 LCG A 3 -5.62 0.39 -4.53
C5 LCG A 3 -4.90 0.84 -5.63
C6 LCG A 3 -3.92 1.88 -5.74
C2' LCG A 3 -6.17 -2.96 -7.57
O6 LCG A 3 -3.50 2.62 -4.85
C4' LCG A 3 -7.94 -3.60 -6.59
C1' LCG A 3 -6.96 -1.67 -7.29
C2 LCG A 3 -3.80 1.23 -8.10
N1 LCG A 3 -3.40 2.01 -7.03
O4' LCG A 3 -8.14 -2.20 -6.70
OP2 LCG A 3 -8.51 -3.37 -1.78
N2 LCG A 3 -3.20 1.46 -9.26
N3 LCG A 3 -4.74 0.28 -8.02
O2' LCG A 3 -6.86 -3.66 -8.62
O3' LCG A 3 -5.93 -5.09 -6.36
H5' LCG A 3 -9.90 -4.02 -5.77
H5'' LCG A 3 -8.68 -5.28 -5.45
H3' LCG A 3 -6.13 -3.25 -5.40
H6'1 LCG A 3 -8.94 -4.02 -8.54
H6'2 LCG A 3 -7.89 -5.31 -7.93
H8 LCG A 3 -7.09 -1.07 -4.38
H2' LCG A 3 -5.11 -2.79 -7.79
H1' LCG A 3 -7.18 -1.13 -8.21
H1 LCG A 3 -2.70 2.71 -7.18
H21 LCG A 3 -2.47 2.17 -9.33
H22 LCG A 3 -3.47 0.92 -10.07
P LCA A 4 -4.50 -5.49 -5.74
O1P LCA A 4 -4.28 -6.93 -6.01
O5' LCA A 4 -3.44 -4.65 -6.59
C5' LCA A 4 -3.07 -4.98 -7.92
C3' LCA A 4 -0.71 -3.96 -7.62
C6' LCA A 4 -1.50 -4.17 -9.84
N9 LCA A 4 -1.24 -1.00 -7.12
C8 LCA A 4 -1.95 -1.21 -5.96
C4 LCA A 4 -0.46 0.12 -6.85
N7 LCA A 4 -1.75 -0.34 -5.02
C5 LCA A 4 -0.82 0.52 -5.58
C6 LCA A 4 -0.20 1.69 -5.09
C2' LCA A 4 -0.23 -2.83 -8.53
N6 LCA A 4 -0.51 2.25 -3.91
C4' LCA A 4 -2.01 -3.98 -8.40
C1' LCA A 4 -1.36 -1.80 -8.37
C2 LCA A 4 1.02 1.81 -7.03
N1 LCA A 4 0.73 2.30 -5.84
O4' LCA A 4 -2.50 -2.64 -8.31
O2P LCA A 4 -4.46 -5.00 -4.34
N3 LCA A 4 0.48 0.73 -7.64
O3' LCA A 4 0.07 -5.13 -7.73
O2' LCA A 4 -0.34 -3.36 -9.85
H5'1 LCA A 4 -3.95 -4.94 -8.57
H5'2 LCA A 4 -2.65 -5.99 -7.94
H3' LCA A 4 -0.85 -3.64 -6.59
H6'1 LCA A 4 -1.24 -5.21 -10.02
H6'2 LCA A 4 -2.23 -3.82 -10.57
H8 LCA A 4 -2.63 -2.03 -5.84
H2'1 LCA A 4 0.75 -2.45 -8.29
H61 LCA A 4 -0.08 3.11 -3.60
H62 LCA A 4 -1.22 1.80 -3.34
H1' LCA A 4 -1.46 -1.18 -9.28
H2 LCA A 4 1.80 2.37 -7.54
P TLN A 5 1.23 -5.48 -6.65
OP1 TLN A 5 1.94 -6.69 -7.11
OP2 TLN A 5 0.60 -5.47 -5.30
O5' TLN A 5 2.25 -4.23 -6.72
C5' TLN A 5 3.15 -4.04 -7.79
C4' TLN A 5 3.96 -2.77 -7.51
O4' TLN A 5 3.12 -1.62 -7.40
C1' TLN A 5 3.85 -0.64 -6.66
N1 TLN A 5 3.25 -0.32 -5.34
C6 TLN A 5 2.33 -1.16 -4.74
C5 TLN A 5 1.72 -0.84 -3.58
C5M TLN A 5 0.72 -1.82 -2.98
C4 TLN A 5 2.01 0.42 -2.89
O4 TLN A 5 1.51 0.81 -1.85
N3 TLN A 5 2.95 1.21 -3.54
C2 TLN A 5 3.60 0.90 -4.74
O2 TLN A 5 4.43 1.66 -5.21
C3' TLN A 5 4.78 -2.79 -6.22
C2' TLN A 5 5.20 -1.36 -6.52
O2' TLN A 5 5.80 -1.42 -7.82
O3' TLN A 5 5.85 -3.72 -6.17
C6' TLN A 5 5.09 -2.45 -8.51
H5' TLN A 5 2.61 -3.94 -8.73
H5'' TLN A 5 3.83 -4.90 -7.85
H1' TLN A 5 3.96 0.28 -7.23
H6 TLN A 5 2.11 -2.10 -5.22
H71 TLN A 5 0.36 -2.51 -3.73
H72 TLN A 5 1.20 -2.37 -2.17
H73 TLN A 5 -0.14 -1.26 -2.58
H3 TLN A 5 3.20 2.08 -3.10
H3' TLN A 5 4.15 -2.88 -5.34
H2' TLN A 5 5.84 -0.92 -5.75
H6'1 TLN A 5 5.72 -3.31 -8.66
H6'2 TLN A 5 4.69 -2.13 -9.49
P LCA A 6 6.52 -4.17 -4.78
O1P LCA A 6 7.68 -5.04 -5.09
O5' LCA A 6 7.07 -2.80 -4.14
C5' LCA A 6 8.22 -2.14 -4.63
C3' LCA A 6 8.67 -1.22 -2.26
C6' LCA A 6 9.76 -0.13 -4.06
N9 LCA A 6 6.40 0.75 -1.74
C8 LCA A 6 5.39 -0.19 -1.74
C4 LCA A 6 6.07 1.62 -0.73
N7 LCA A 6 4.46 0.01 -0.85
C5 LCA A 6 4.87 1.18 -0.22
C6 LCA A 6 4.31 1.98 0.81
C2' LCA A 6 8.86 0.28 -2.02
N6 LCA A 6 3.13 1.69 1.38
C4' LCA A 6 8.48 -0.91 -3.74
C1' LCA A 6 7.57 0.85 -2.63
C2 LCA A 6 6.14 3.36 0.66
N1 LCA A 6 4.97 3.08 1.23
O4' LCA A 6 7.41 0.02 -3.78
O2P LCA A 6 5.44 -4.68 -3.90
N3 LCA A 6 6.77 2.71 -0.31
O3' LCA A 6 9.82 -1.99 -1.95
O2' LCA A 6 9.94 0.65 -2.87
H5'1 LCA A 6 8.06 -1.83 -5.66
H5'2 LCA A 6 9.07 -2.81 -4.57
H3' LCA A 6 7.77 -1.61 -1.81
H6'1 LCA A 6 10.61 -0.80 -4.18
H6'2 LCA A 6 9.63 0.51 -4.93
H8 LCA A 6 5.37 -1.03 -2.43
H2'1 LCA A 6 9.00 0.55 -0.99
H61 LCA A 6 2.73 2.29 2.08
H62 LCA A 6 2.62 0.87 1.06
H1' LCA A 6 7.72 1.89 -2.93
H2 LCA A 6 6.66 4.24 1.04
P TLN A 7 9.94 -2.81 -0.57
OP1 TLN A 7 11.29 -3.45 -0.53
OP2 TLN A 7 8.74 -3.64 -0.41
O5' TLN A 7 9.90 -1.66 0.57
C5' TLN A 7 10.98 -0.79 0.81
C4' TLN A 7 10.54 0.24 1.85
O4' TLN A 7 9.41 0.97 1.41
C1' TLN A 7 8.77 1.48 2.57
N1 TLN A 7 7.41 0.91 2.83
C6 TLN A 7 6.99 -0.25 2.20
C5 TLN A 7 5.76 -0.79 2.45
C5M TLN A 7 5.36 -2.07 1.75
C4 TLN A 7 4.85 -0.15 3.39
O4 TLN A 7 3.73 -0.55 3.68
N3 TLN A 7 5.33 1.02 3.97
C2 TLN A 7 6.59 1.57 3.74
O2 TLN A 7 6.91 2.60 4.33
C3' TLN A 7 10.14 -0.33 3.22
C2' TLN A 7 9.78 1.08 3.64
O2' TLN A 7 10.98 1.85 3.42
O3' TLN A 7 11.18 -0.92 3.97
C6' TLN A 7 11.61 1.25 2.30
H5' TLN A 7 11.26 -0.27 -0.11
H5'' TLN A 7 11.84 -1.36 1.18
H1' TLN A 7 8.68 2.57 2.52
H6 TLN A 7 7.64 -0.76 1.51
H71 TLN A 7 5.46 -2.91 2.43
H72 TLN A 7 4.32 -1.99 1.42
H73 TLN A 7 5.99 -2.24 0.87
H3 TLN A 7 4.72 1.50 4.62
H3' TLN A 7 9.27 -1.00 3.14
H2' TLN A 7 9.38 1.18 4.65
H6'1 TLN A 7 11.89 1.95 1.51
H6'2 TLN A 7 12.52 0.72 2.62
P LCG A 8 10.89 -1.84 5.26
OP1 LCG A 8 12.19 -2.18 5.89
O5' LCG A 8 10.07 -0.88 6.26
C5' LCG A 8 10.68 0.20 6.95
C3' LCG A 8 8.97 0.04 8.86
C6' LCG A 8 10.09 2.10 8.62
N9 LCG A 8 6.31 0.68 7.57
C8 LCG A 8 6.26 -0.38 6.71
C4 LCG A 8 5.06 0.77 8.13
N7 LCG A 8 5.09 -0.96 6.66
C5 LCG A 8 4.31 -0.24 7.56
C6 LCG A 8 2.94 -0.41 7.93
C2' LCG A 8 8.09 1.24 9.24
O6 LCG A 8 2.12 -1.24 7.54
C4' LCG A 8 9.62 0.91 7.79
C1' LCG A 8 7.45 1.57 7.88
C2 LCG A 8 3.34 1.52 9.40
N1 LCG A 8 2.52 0.54 8.87
O4' LCG A 8 8.54 1.37 6.99
OP2 LCG A 8 9.98 -2.93 4.85
N2 LCG A 8 2.81 2.35 10.30
N3 LCG A 8 4.63 1.68 9.05
O2' LCG A 8 9.02 2.28 9.54
O3' LCG A 8 9.84 -0.38 9.90
H5' LCG A 8 11.11 0.90 6.24
H5'' LCG A 8 11.47 -0.18 7.61
H3' LCG A 8 8.40 -0.79 8.43
H6'1 LCG A 8 10.23 2.99 7.99
H6'2 LCG A 8 11.01 1.86 9.16
H8 LCG A 8 7.10 -0.69 6.11
H2' LCG A 8 7.35 1.06 10.01
H1' LCG A 8 7.12 2.62 7.89
H1 LCG A 8 1.56 0.49 9.19
H21 LCG A 8 1.85 2.22 10.58
H22 LCG A 8 3.38 3.08 10.69
O5' LCC A 9 8.15 -0.83 11.75
C5' LCC A 9 8.28 0.26 12.64
C4' LCC A 9 6.91 0.56 13.22
O4' LCC A 9 5.96 0.95 12.21
C1' LCC A 9 4.66 0.64 12.75
N1 LCC A 9 3.96 -0.45 12.02
C6 LCC A 9 4.62 -1.27 11.14
C5 LCC A 9 3.99 -2.27 10.47
C5M LCC A 9 4.75 -3.16 9.51
C4 LCC A 9 2.58 -2.43 10.73
N4 LCC A 9 1.86 -3.38 10.11
N3 LCC A 9 1.95 -1.65 11.60
C2 LCC A 9 2.59 -0.65 12.27
O2 LCC A 9 1.99 0.05 13.07
C3' LCC A 9 6.26 -0.62 13.94
C2' LCC A 9 5.04 0.25 14.19
O2' LCC A 9 5.53 1.42 14.85
O3' LCC A 9 6.90 -1.08 15.12
C6' LCC A 9 6.84 1.62 14.33
P LCC A 9 9.40 -1.50 10.99
O1P LCC A 9 10.51 -1.64 11.96
O2P LCC A 9 8.90 -2.68 10.25
H5'1 LCC A 9 8.66 1.14 12.10
H5'2 LCC A 9 8.97 0.00 13.44
H1' LCC A 9 4.01 1.53 12.75
H6 LCC A 9 5.68 -1.13 10.98
H5M1 LCC A 9 4.22 -3.20 8.55
H5M2 LCC A 9 5.76 -2.77 9.34
H5M3 LCC A 9 4.82 -4.17 9.91
H41 LCC A 9 0.87 -3.47 10.33
H42 LCC A 9 2.30 -3.99 9.44
H3' LCC A 9 6.07 -1.46 13.26
H2'1 LCC A 9 4.23 -0.27 14.71
H3T LCC A 9 6.32 -1.73 15.55
H6'1 LCC A 9 7.01 2.63 13.95
H6'2 LCC A 9 7.59 1.40 15.10
N1 LKC A 1 -12.71 5.28 -2.12
C2 LKC A 1 -12.13 4.98 -3.37
N3 LKC A 1 -10.90 5.47 -3.66
C4 LKC A 1 -10.23 6.23 -2.78
C5 LKC A 1 -10.77 6.52 -1.48
C6 LKC A 1 -12.01 6.03 -1.20
O2 LKC A 1 -12.72 4.27 -4.18
N4 LKC A 1 -9.02 6.68 -3.15
C1' LKC A 1 -14.10 4.81 -1.86
C2' LKC A 1 -14.18 3.34 -1.47
C3' LKC A 1 -13.99 3.39 0.03
C4' LKC A 1 -15.15 4.37 0.10
O4' LKC A 1 -14.74 5.44 -0.75
O3' LKC A 1 -14.21 2.15 0.70
C5' LKC A 1 -15.55 4.86 1.51
O5' LKC A 1 -14.43 5.36 2.20
C5A LKC A 1 -10.02 7.36 -0.46
O2' LKC A 1 -15.53 2.92 -1.66
C6' LKC A 1 -16.25 3.59 -0.64
H6 LKC A 1 -12.45 6.25 -0.24
H41 LKC A 1 -8.68 6.46 -4.07
H42 LKC A 1 -8.47 7.24 -2.52
H1' LKC A 1 -14.71 4.98 -2.76
H2'1 LKC A 1 -13.45 2.71 -1.99
H3' LKC A 1 -13.04 3.85 0.33
H5'1 LKC A 1 -16.31 5.63 1.41
H5'2 LKC A 1 -15.96 4.01 2.06
H5T LKC A 1 -13.79 4.66 2.33
H5M1 LKC A 1 -10.61 7.48 0.46
H5M2 LKC A 1 -9.08 6.86 -0.20
H5M3 LKC A 1 -9.81 8.34 -0.87
H6'1 LKC A 1 -17.00 4.26 -1.05
H6'2 LKC A 1 -16.71 2.85 0.03
P TLN A 2 -13.04 1.08 0.91
OP1 TLN A 2 -13.61 -0.06 1.68
OP2 TLN A 2 -11.85 1.79 1.44
O5' TLN A 2 -12.70 0.58 -0.58
C5' TLN A 2 -13.56 -0.27 -1.32
C4' TLN A 2 -12.94 -0.49 -2.71
O4' TLN A 2 -12.79 0.74 -3.42
C1' TLN A 2 -11.74 0.53 -4.37
N1 TLN A 2 -10.53 1.37 -4.09
C6 TLN A 2 -10.32 1.96 -2.85
C5 TLN A 2 -9.27 2.79 -2.63
C5M TLN A 2 -9.10 3.37 -1.24
C4 TLN A 2 -8.33 3.11 -3.70
O4 TLN A 2 -7.37 3.88 -3.62
N3 TLN A 2 -8.59 2.45 -4.90
C2 TLN A 2 -9.62 1.56 -5.13
O2 TLN A 2 -9.71 1.00 -6.22
C3' TLN A 2 -11.54 -1.12 -2.70
C2' TLN A 2 -11.49 -0.98 -4.22
O2' TLN A 2 -12.67 -1.71 -4.62
O3' TLN A 2 -11.48 -2.47 -2.26
C6' TLN A 2 -13.71 -1.45 -3.64
H5' TLN A 2 -14.53 0.21 -1.44
H5'' TLN A 2 -13.68 -1.22 -0.81
H1' TLN A 2 -12.07 0.77 -5.39
H6 TLN A 2 -11.01 1.77 -2.04
H71 TLN A 2 -8.50 4.28 -1.28
H72 TLN A 2 -10.07 3.61 -0.80
H73 TLN A 2 -8.59 2.65 -0.61
H3 TLN A 2 -7.94 2.61 -5.65
H3' TLN A 2 -10.81 -0.50 -2.18
H2' TLN A 2 -10.52 -1.25 -4.70
H6'1 TLN A 2 -14.59 -0.99 -4.08
H6'2 TLN A 2 -14.09 -2.34 -3.09
P LCG A 3 -10.11 -3.15 -1.77
OP1 LCG A 3 -10.37 -4.59 -1.53
O5' LCG A 3 -9.12 -3.03 -3.05
C5' LCG A 3 -9.27 -3.83 -4.21
C3' LCG A 3 -6.77 -3.51 -4.80
C6' LCG A 3 -8.20 -4.20 -6.55
N9 LCG A 3 -6.48 -0.53 -5.27
C8 LCG A 3 -6.72 -0.14 -3.98
C4 LCG A 3 -5.47 0.29 -5.71
N7 LCG A 3 -5.97 0.84 -3.57
C5 LCG A 3 -5.17 1.14 -4.67
C6 LCG A 3 -4.17 2.15 -4.85
C2' LCG A 3 -6.37 -2.90 -6.14
O6 LCG A 3 -3.80 2.99 -4.05
C4' LCG A 3 -8.24 -3.39 -5.24
C1' LCG A 3 -7.15 -1.57 -6.11
C2 LCG A 3 -3.93 1.20 -7.09
N1 LCG A 3 -3.58 2.10 -6.11
O4' LCG A 3 -8.40 -2.00 -5.56
OP2 LCG A 3 -9.54 -2.32 -0.69
N2 LCG A 3 -3.26 1.29 -8.24
N3 LCG A 3 -4.88 0.27 -6.94
O2' LCG A 3 -6.98 -3.73 -7.13
O3' LCG A 3 -6.31 -4.84 -4.61
H5' LCG A 3 -10.28 -3.72 -4.62
H5'' LCG A 3 -9.11 -4.88 -3.95
H3' LCG A 3 -6.55 -2.87 -3.94
H6'1 LCG A 3 -9.07 -4.04 -7.20
H6'2 LCG A 3 -8.11 -5.26 -6.33
H8 LCG A 3 -7.46 -0.58 -3.32
H2' LCG A 3 -5.31 -2.77 -6.27
H1' LCG A 3 -7.27 -1.18 -7.11
H1 LCG A 3 -2.87 2.79 -6.31
H21 LCG A 3 -2.53 1.99 -8.36
H22 LCG A 3 -3.50 0.66 -8.99
P LCA A 4 -4.91 -5.17 -3.87
O1P LCA A 4 -4.70 -6.64 -3.93
O5' LCA A 4 -3.79 -4.47 -4.79
C5' LCA A 4 -3.45 -4.93 -6.08
C3' LCA A 4 -1.07 -3.91 -6.02
C6' LCA A 4 -2.03 -4.24 -8.16
N9 LCA A 4 -1.60 -0.89 -5.68
C8 LCA A 4 -2.24 -1.00 -4.47
C4 LCA A 4 -0.81 0.26 -5.56
N7 LCA A 4 -2.02 -0.03 -3.64
C5 LCA A 4 -1.13 0.79 -4.32
C6 LCA A 4 -0.51 2.01 -3.99
C2' LCA A 4 -0.67 -2.83 -7.03
N6 LCA A 4 -0.75 2.67 -2.85
C4' LCA A 4 -2.44 -3.96 -6.70
C1' LCA A 4 -1.78 -1.79 -6.86
C2 LCA A 4 0.62 1.93 -6.00
N1 LCA A 4 0.37 2.56 -4.84
O4' LCA A 4 -2.91 -2.62 -6.65
O2P LCA A 4 -4.92 -4.48 -2.57
N3 LCA A 4 0.06 0.80 -6.46
O3' LCA A 4 -0.30 -5.10 -6.14
O2' LCA A 4 -0.86 -3.44 -8.31
H5'1 LCA A 4 -4.34 -4.97 -6.71
H5'2 LCA A 4 -3.01 -5.93 -6.01
H3' LCA A 4 -1.13 -3.54 -5.00
H6'1 LCA A 4 -1.79 -5.29 -8.30
H6'2 LCA A 4 -2.82 -3.93 -8.84
H8 LCA A 4 -2.90 -1.82 -4.23
H2'1 LCA A 4 0.33 -2.43 -6.89
H61 LCA A 4 -0.32 3.58 -2.67
H62 LCA A 4 -1.41 2.29 -2.19
H1' LCA A 4 -1.96 -1.24 -7.79
H2 LCA A 4 1.37 2.45 -6.60
P TLN A 5 0.99 -5.39 -5.23
OP1 TLN A 5 1.60 -6.65 -5.70
OP2 TLN A 5 0.59 -5.23 -3.81
O5' TLN A 5 1.99 -4.16 -5.58
C5' TLN A 5 2.72 -4.08 -6.79
C4' TLN A 5 3.53 -2.78 -6.75
O4' TLN A 5 2.67 -1.64 -6.63
C1' TLN A 5 3.47 -0.60 -6.04
N1 TLN A 5 2.98 -0.22 -4.68
C6 TLN A 5 2.15 -1.03 -3.94
C5 TLN A 5 1.63 -0.66 -2.75
C5M TLN A 5 0.73 -1.62 -2.00
C4 TLN A 5 1.95 0.65 -2.18
O4 TLN A 5 1.54 1.08 -1.12
N3 TLN A 5 2.81 1.41 -2.97
C2 TLN A 5 3.37 1.04 -4.18
O2 TLN A 5 4.14 1.79 -4.76
C3' TLN A 5 4.49 -2.69 -5.57
C2' TLN A 5 4.84 -1.28 -6.02
O2' TLN A 5 5.27 -1.43 -7.37
O3' TLN A 5 5.60 -3.59 -5.62
C6' TLN A 5 4.50 -2.51 -7.91
H5' TLN A 5 2.03 -4.06 -7.64
H5'' TLN A 5 3.39 -4.94 -6.88
H1' TLN A 5 3.47 0.29 -6.67
H6 TLN A 5 1.92 -2.00 -4.34
H71 TLN A 5 1.31 -2.16 -1.26
H72 TLN A 5 -0.07 -1.07 -1.51
H73 TLN A 5 0.29 -2.34 -2.69
H3 TLN A 5 3.08 2.31 -2.60
H3' TLN A 5 3.99 -2.74 -4.60
H2' TLN A 5 5.54 -0.77 -5.36
H6'1 TLN A 5 5.15 -3.38 -8.06
H6'2 TLN A 5 3.98 -2.27 -8.84
P LCA A 6 6.45 -3.97 -4.31
O1P LCA A 6 7.57 -4.84 -4.73
O5' LCA A 6 7.07 -2.56 -3.82
C5' LCA A 6 8.16 -1.93 -4.47
C3' LCA A 6 8.84 -0.88 -2.23
C6' LCA A 6 9.71 0.14 -4.17
N9 LCA A 6 6.53 0.98 -1.60
C8 LCA A 6 5.56 0.00 -1.53
C4 LCA A 6 6.22 1.86 -0.59
N7 LCA A 6 4.65 0.23 -0.62
C5 LCA A 6 5.05 1.42 -0.03
C6 LCA A 6 4.50 2.24 0.98
C2' LCA A 6 8.99 0.63 -2.07
N6 LCA A 6 3.32 1.95 1.57
C4' LCA A 6 8.49 -0.66 -3.70
C1' LCA A 6 7.63 1.12 -2.58
C2 LCA A 6 6.32 3.64 0.76
N1 LCA A 6 5.16 3.34 1.36
O4' LCA A 6 7.40 0.25 -3.68
O2P LCA A 6 5.51 -4.43 -3.26
N3 LCA A 6 6.92 2.98 -0.24
O3' LCA A 6 10.05 -1.60 -1.99
O2' LCA A 6 9.97 0.99 -3.05
H5'1 LCA A 6 7.89 -1.69 -5.50
H5'2 LCA A 6 9.02 -2.60 -4.47
H3' LCA A 6 8.00 -1.29 -1.66
H6'1 LCA A 6 10.57 -0.51 -4.34
H6'2 LCA A 6 9.48 0.73 -5.06
H8 LCA A 6 5.53 -0.85 -2.19
H2'1 LCA A 6 9.22 0.96 -1.07
H61 LCA A 6 2.94 2.57 2.26
H62 LCA A 6 2.82 1.12 1.27
H1' LCA A 6 7.69 2.15 -2.92
H2 LCA A 6 6.83 4.52 1.11
P TLN A 7 10.34 -2.35 -0.60
OP1 TLN A 7 11.72 -2.88 -0.65
OP2 TLN A 7 9.21 -3.27 -0.34
O5' TLN A 7 10.28 -1.18 0.51
C5' TLN A 7 11.31 -0.22 0.66
C4' TLN A 7 10.86 0.78 1.73
O4' TLN A 7 9.64 1.44 1.34
C1' TLN A 7 9.03 1.89 2.55
N1 TLN A 7 7.73 1.21 2.84
C6 TLN A 7 7.38 0.03 2.22
C5 TLN A 7 6.19 -0.58 2.46
C5M TLN A 7 5.87 -1.88 1.75
C4 TLN A 7 5.23 0.01 3.37
O4 TLN A 7 4.12 -0.45 3.65
N3 TLN A 7 5.64 1.19 3.97
C2 TLN A 7 6.87 1.81 3.75
O2 TLN A 7 7.14 2.85 4.36
C3' TLN A 7 10.57 0.19 3.11
C2' TLN A 7 10.14 1.58 3.56
O2' TLN A 7 11.25 2.42 3.27
O3' TLN A 7 11.70 -0.31 3.81
C6' TLN A 7 11.87 1.87 2.11
H5' TLN A 7 11.48 0.30 -0.27
H5'' TLN A 7 12.23 -0.72 0.99
H1' TLN A 7 8.85 2.97 2.52
H6 TLN A 7 8.06 -0.44 1.52
H71 TLN A 7 4.81 -1.90 1.47
H72 TLN A 7 6.47 -1.99 0.85
H73 TLN A 7 6.07 -2.72 2.42
H3 TLN A 7 5.00 1.64 4.60
H3' TLN A 7 9.76 -0.53 3.08
H2' TLN A 7 9.78 1.64 4.59
H6'1 TLN A 7 12.03 2.60 1.31
H6'2 TLN A 7 12.82 1.41 2.39
P LCG A 8 11.55 -1.32 5.07
OP1 LCG A 8 12.91 -1.55 5.64
O5' LCG A 8 10.69 -0.47 6.15
C5' LCG A 8 11.24 0.60 6.88
C3' LCG A 8 9.51 0.21 8.76
C6' LCG A 8 10.55 2.34 8.70
N9 LCG A 8 6.84 0.82 7.48
C8 LCG A 8 6.89 -0.22 6.59
C4 LCG A 8 5.56 0.85 7.94
N7 LCG A 8 5.75 -0.84 6.43
C5 LCG A 8 4.88 -0.15 7.28
C6 LCG A 8 3.48 -0.36 7.54
C2' LCG A 8 8.57 1.33 9.21
O6 LCG A 8 2.73 -1.18 7.03
C4' LCG A 8 10.14 1.18 7.77
C1' LCG A 8 7.93 1.74 7.88
C2 LCG A 8 3.74 1.49 9.12
N1 LCG A 8 2.98 0.52 8.49
O4' LCG A 8 9.03 1.66 6.99
OP2 LCG A 8 10.73 -2.46 4.64
N2 LCG A 8 3.10 2.23 10.03
N3 LCG A 8 5.03 1.71 8.87
O2' LCG A 8 9.45 2.38 9.61
O3' LCG A 8 10.39 -0.25 9.78
H5' LCG A 8 11.61 1.37 6.21
H5'' LCG A 8 12.06 0.24 7.51
H3' LCG A 8 8.99 -0.61 8.26
H6'1 LCG A 8 10.63 3.27 8.15
H6'2 LCG A 8 11.46 2.11 9.23
H8 LCG A 8 7.79 -0.51 6.05
H2' LCG A 8 7.84 1.05 9.96
H1' LCG A 8 7.57 2.76 7.96
H1 LCG A 8 2.01 0.42 8.74
H21 LCG A 8 2.13 2.06 10.24
H22 LCG A 8 3.61 2.96 10.51
O5' LCC A 9 8.66 -1.03 11.46
C5' LCC A 9 8.65 -0.06 12.50
C4' LCC A 9 7.21 0.07 13.00
O4' LCC A 9 6.31 0.54 12.01
C1' LCC A 9 5.01 0.11 12.39
N1 LCC A 9 4.42 -0.90 11.45
C6 LCC A 9 5.20 -1.59 10.55
C5 LCC A 9 4.67 -2.54 9.74
C5M LCC A 9 5.55 -3.32 8.78
C4 LCC A 9 3.25 -2.80 9.86
N4 LCC A 9 2.64 -3.71 9.10
N3 LCC A 9 2.50 -2.10 10.72
C2 LCC A 9 3.04 -1.15 11.53
O2 LCC A 9 2.33 -0.54 12.33
C3' LCC A 9 6.59 -1.23 13.51
C2' LCC A 9 5.31 -0.47 13.77
O2' LCC A 9 5.70 0.60 14.64
O3' LCC A 9 7.15 -1.83 14.67
C6' LCC A 9 7.02 0.96 14.25
P LCC A 9 10.01 -1.50 10.72
O1P LCC A 9 11.07 -1.66 11.74
O2P LCC A 9 9.66 -2.65 9.84
H5'1 LCC A 9 9.00 0.89 12.11
H5'2 LCC A 9 9.30 -0.39 13.31
H1' LCC A 9 4.30 0.95 12.47
H6 LCC A 9 6.26 -1.38 10.50
H5M1 LCC A 9 6.54 -2.86 8.71
H5M2 LCC A 9 5.66 -4.34 9.13
H5M3 LCC A 9 5.11 -3.32 7.79
H41 LCC A 9 1.64 -3.84 9.20
H42 LCC A 9 3.16 -4.23 8.42
H3' LCC A 9 6.50 -1.97 12.72
H2'1 LCC A 9 4.49 -1.09 14.17
H3T LCC A 9 7.07 -1.19 15.39
H6'1 LCC A 9 7.14 2.02 14.02
H6'2 LCC A 9 7.72 0.68 15.03
N1 LKC A 1 -12.71 5.23 -2.02
C2 LKC A 1 -12.25 4.99 -3.33
N3 LKC A 1 -11.05 5.51 -3.71
C4 LKC A 1 -10.30 6.21 -2.87
C5 LKC A 1 -10.72 6.45 -1.51
C6 LKC A 1 -11.92 5.93 -1.13
O2 LKC A 1 -12.92 4.32 -4.12
N4 LKC A 1 -9.14 6.69 -3.34
C1' LKC A 1 -14.08 4.77 -1.66
C2' LKC A 1 -14.14 3.27 -1.32
C3' LKC A 1 -13.81 3.25 0.16
C4' LKC A 1 -14.93 4.26 0.38
O4' LKC A 1 -14.59 5.35 -0.46
O3' LKC A 1 -14.01 1.99 0.79
C5' LKC A 1 -15.19 4.69 1.83
O5' LKC A 1 -14.01 5.23 2.40
C5A LKC A 1 -9.86 7.23 -0.52
O2' LKC A 1 -15.51 2.89 -1.40
C6' LKC A 1 -16.12 3.53 -0.27
H6 LKC A 1 -12.27 6.09 -0.13
H41 LKC A 1 -8.88 6.52 -4.30
H42 LKC A 1 -8.52 7.21 -2.73
H1' LKC A 1 -14.75 4.98 -2.49
H2'1 LKC A 1 -13.48 2.66 -1.94
H3' LKC A 1 -12.83 3.68 0.39
H5'1 LKC A 1 -15.98 5.43 1.85
H5'2 LKC A 1 -15.50 3.81 2.42
H5T LKC A 1 -14.18 5.44 3.33
H5M1 LKC A 1 -10.39 7.36 0.42
H5M2 LKC A 1 -8.94 6.68 -0.33
H5M3 LKC A 1 -9.62 8.21 -0.94
H6'1 LKC A 1 -16.89 4.22 -0.59
H6'2 LKC A 1 -16.53 2.76 0.40
P TLN A 2 -12.84 0.88 0.87
OP1 TLN A 2 -13.38 -0.29 1.60
OP2 TLN A 2 -11.61 1.55 1.34
O5' TLN A 2 -12.60 0.44 -0.66
C5' TLN A 2 -13.51 -0.37 -1.39
C4' TLN A 2 -12.96 -0.53 -2.82
O4' TLN A 2 -12.85 0.74 -3.47
C1' TLN A 2 -11.85 0.61 -4.47
N1 TLN A 2 -10.63 1.42 -4.19
C6 TLN A 2 -10.39 1.98 -2.94
C5 TLN A 2 -9.33 2.79 -2.71
C5M TLN A 2 -9.12 3.33 -1.30
C4 TLN A 2 -8.42 3.17 -3.78
O4 TLN A 2 -7.46 3.93 -3.70
N3 TLN A 2 -8.71 2.55 -5.00
C2 TLN A 2 -9.74 1.67 -5.24
O2 TLN A 2 -9.86 1.14 -6.35
C3' TLN A 2 -11.56 -1.15 -2.91
C2' TLN A 2 -11.58 -0.90 -4.43
O2' TLN A 2 -12.78 -1.62 -4.81
O3' TLN A 2 -11.50 -2.53 -2.58
C6' TLN A 2 -13.77 -1.43 -3.77
H5' TLN A 2 -14.49 0.11 -1.42
H5'' TLN A 2 -13.59 -1.34 -0.92
H1' TLN A 2 -12.21 0.90 -5.46
H6 TLN A 2 -11.04 1.74 -2.11
H71 TLN A 2 -8.56 2.59 -0.72
H72 TLN A 2 -8.55 4.25 -1.33
H73 TLN A 2 -10.08 3.51 -0.82
H3 TLN A 2 -8.08 2.75 -5.77
H3' TLN A 2 -10.81 -0.56 -2.40
H2' TLN A 2 -10.65 -1.15 -4.97
H6'1 TLN A 2 -14.67 -0.94 -4.14
H6'2 TLN A 2 -14.12 -2.35 -3.26
P LCG A 3 -10.09 -3.26 -2.25
OP1 LCG A 3 -10.35 -4.70 -2.10
O5' LCG A 3 -9.20 -3.05 -3.58
C5' LCG A 3 -9.43 -3.77 -4.78
C3' LCG A 3 -6.96 -3.45 -5.45
C6' LCG A 3 -8.44 -3.97 -7.20
N9 LCG A 3 -6.63 -0.45 -5.67
C8 LCG A 3 -6.88 -0.12 -4.36
C4 LCG A 3 -5.59 0.35 -6.05
N7 LCG A 3 -6.11 0.83 -3.90
C5 LCG A 3 -5.30 1.17 -4.97
C6 LCG A 3 -4.28 2.16 -5.09
C2' LCG A 3 -6.58 -2.74 -6.75
O6 LCG A 3 -3.91 2.97 -4.25
C4' LCG A 3 -8.43 -3.26 -5.82
C1' LCG A 3 -7.33 -1.41 -6.57
C2 LCG A 3 -3.99 1.28 -7.36
N1 LCG A 3 -3.66 2.16 -6.34
O4' LCG A 3 -8.56 -1.86 -6.03
OP2 LCG A 3 -9.44 -2.51 -1.15
N2 LCG A 3 -3.29 1.39 -8.49
N3 LCG A 3 -4.96 0.37 -7.27
O2' LCG A 3 -7.24 -3.47 -7.79
O3' LCG A 3 -6.51 -4.80 -5.40
H5' LCG A 3 -10.45 -3.61 -5.13
H5'' LCG A 3 -9.27 -4.83 -4.61
H3' LCG A 3 -6.69 -2.89 -4.55
H6'1 LCG A 3 -9.33 -3.75 -7.81
H6'2 LCG A 3 -8.37 -5.05 -7.07
H8 LCG A 3 -7.63 -0.58 -3.73
H2' LCG A 3 -5.52 -2.60 -6.91
H1' LCG A 3 -7.48 -0.92 -7.54
H1 LCG A 3 -2.93 2.83 -6.50
H21 LCG A 3 -2.54 2.07 -8.56
H22 LCG A 3 -3.50 0.78 -9.26
P LCA A 4 -5.10 -5.21 -4.72
O1P LCA A 4 -4.91 -6.66 -4.92
O5' LCA A 4 -3.99 -4.43 -5.58
C5' LCA A 4 -3.66 -4.80 -6.92
C3' LCA A 4 -1.27 -3.84 -6.67
C6' LCA A 4 -2.11 -4.06 -8.87
N9 LCA A 4 -1.71 -0.85 -6.20
C8 LCA A 4 -2.42 -1.02 -5.03
C4 LCA A 4 -0.89 0.24 -5.97
N7 LCA A 4 -2.19 -0.12 -4.12
C5 LCA A 4 -1.23 0.70 -4.71
C6 LCA A 4 -0.58 1.87 -4.25
C2' LCA A 4 -0.77 -2.74 -7.60
N6 LCA A 4 -0.85 2.46 -3.08
C4' LCA A 4 -2.59 -3.83 -7.43
C1' LCA A 4 -1.87 -1.67 -7.44
C2 LCA A 4 0.62 1.89 -6.21
N1 LCA A 4 0.35 2.44 -5.03
O4' LCA A 4 -3.03 -2.48 -7.36
O2P LCA A 4 -5.07 -4.65 -3.35
N3 LCA A 4 0.05 0.82 -6.78
O3' LCA A 4 -0.53 -5.04 -6.76
O2' LCA A 4 -0.90 -3.29 -8.91
H5'1 LCA A 4 -4.54 -4.74 -7.55
H5'2 LCA A 4 -3.26 -5.82 -6.92
H3' LCA A 4 -1.39 -3.50 -5.63
H6'1 LCA A 4 -1.88 -5.11 -9.03
H6'2 LCA A 4 -2.84 -3.70 -9.59
H8 LCA A 4 -3.13 -1.82 -4.89
H2'1 LCA A 4 0.23 -2.38 -7.38
H61 LCA A 4 -0.39 3.31 -2.82
H62 LCA A 4 -1.57 2.05 -2.48
H1' LCA A 4 -1.97 -1.07 -8.35
H2 LCA A 4 1.41 2.42 -6.75
P TLN A 5 0.65 -5.40 -5.72
OP1 TLN A 5 1.31 -6.64 -6.18
OP2 TLN A 5 0.08 -5.34 -4.36
O5' TLN A 5 1.69 -4.19 -5.88
C5' TLN A 5 2.52 -4.04 -7.01
C4' TLN A 5 3.37 -2.77 -6.82
O4' TLN A 5 2.56 -1.60 -6.69
C1' TLN A 5 3.35 -0.62 -6.03
N1 TLN A 5 2.84 -0.22 -4.69
C6 TLN A 5 1.94 -1.01 -4.00
C5 TLN A 5 1.42 -0.63 -2.81
C5M TLN A 5 0.42 -1.55 -2.11
C4 TLN A 5 1.80 0.62 -2.19
O4 TLN A 5 1.37 1.06 -1.13
N3 TLN A 5 2.72 1.36 -2.93
C2 TLN A 5 3.28 0.99 -4.14
O2 TLN A 5 4.13 1.70 -4.69
C3' TLN A 5 4.25 -2.78 -5.58
C2' TLN A 5 4.70 -1.36 -5.94
O2' TLN A 5 5.21 -1.48 -7.28
O3' TLN A 5 5.30 -3.73 -5.58
C6' TLN A 5 4.43 -2.50 -7.90
H5' TLN A 5 1.93 -3.95 -7.92
H5'' TLN A 5 3.19 -4.90 -7.10
H1' TLN A 5 3.45 0.28 -6.64
H6 TLN A 5 1.65 -1.95 -4.44
H71 TLN A 5 0.89 -1.97 -1.22
H72 TLN A 5 -0.46 -0.97 -1.82
H73 TLN A 5 0.11 -2.35 -2.77
H3 TLN A 5 3.05 2.24 -2.53
H3' TLN A 5 3.67 -2.82 -4.66
H2' TLN A 5 5.38 -0.92 -5.23
H6'1 TLN A 5 5.04 -3.40 -8.04
H6'2 TLN A 5 4.00 -2.21 -8.86
P LCA A 6 6.04 -4.17 -4.21
O1P LCA A 6 7.14 -5.10 -4.58
O5' LCA A 6 6.70 -2.81 -3.67
C5' LCA A 6 7.82 -2.19 -4.29
C3' LCA A 6 8.49 -1.15 -2.04
C6' LCA A 6 9.39 -0.15 -3.98
N9 LCA A 6 6.24 0.80 -1.40
C8 LCA A 6 5.24 -0.14 -1.29
C4 LCA A 6 6.01 1.71 -0.40
N7 LCA A 6 4.39 0.12 -0.35
C5 LCA A 6 4.84 1.31 0.21
C6 LCA A 6 4.36 2.15 1.24
C2' LCA A 6 8.67 0.36 -1.89
N6 LCA A 6 3.23 1.90 1.90
C4' LCA A 6 8.16 -0.93 -3.51
C1' LCA A 6 7.33 0.88 -2.42
C2 LCA A 6 6.20 3.50 0.91
N1 LCA A 6 5.08 3.25 1.58
O4' LCA A 6 7.08 0.00 -3.50
O2P LCA A 6 5.01 -4.59 -3.24
N3 LCA A 6 6.75 2.81 -0.09
O3' LCA A 6 9.68 -1.89 -1.80
O2' LCA A 6 9.67 0.69 -2.87
H5'1 LCA A 6 7.59 -1.94 -5.33
H5'2 LCA A 6 8.66 -2.88 -4.27
H3' LCA A 6 7.64 -1.54 -1.47
H6'1 LCA A 6 10.24 -0.82 -4.15
H6'2 LCA A 6 9.18 0.43 -4.87
H8 LCA A 6 5.16 -0.99 -1.94
H2'1 LCA A 6 8.91 0.69 -0.89
H61 LCA A 6 2.90 2.54 2.61
H62 LCA A 6 2.69 1.08 1.65
H1' LCA A 6 7.43 1.91 -2.77
H2 LCA A 6 6.77 4.36 1.21
P TLN A 7 9.95 -2.65 -0.39
OP1 TLN A 7 11.29 -3.27 -0.47
OP2 TLN A 7 8.77 -3.49 -0.09
O5' TLN A 7 9.99 -1.45 0.69
C5' TLN A 7 11.07 -0.55 0.78
C4' TLN A 7 10.71 0.51 1.82
O4' TLN A 7 9.51 1.19 1.46
C1' TLN A 7 8.96 1.74 2.66
N1 TLN A 7 7.66 1.11 3.05
C6 TLN A 7 7.23 -0.07 2.48
C5 TLN A 7 6.02 -0.62 2.80
C5M TLN A 7 5.62 -1.93 2.15
C4 TLN A 7 5.13 0.04 3.75
O4 TLN A 7 4.02 -0.35 4.09
N3 TLN A 7 5.63 1.23 4.27
C2 TLN A 7 6.87 1.80 3.97
O2 TLN A 7 7.21 2.83 4.52
C3' TLN A 7 10.46 -0.01 3.24
C2' TLN A 7 10.10 1.42 3.63
O2' TLN A 7 11.24 2.20 3.27
O3' TLN A 7 11.60 -0.51 3.92
C6' TLN A 7 11.78 1.57 2.11
H5' TLN A 7 11.24 -0.07 -0.19
H5'' TLN A 7 11.97 -1.08 1.09
H1' TLN A 7 8.83 2.81 2.59
H6 TLN A 7 7.85 -0.60 1.78
H71 TLN A 7 4.54 -1.93 1.97
H72 TLN A 7 6.13 -2.07 1.20
H73 TLN A 7 5.87 -2.76 2.82
H3 TLN A 7 5.04 1.73 4.93
H3' TLN A 7 9.63 -0.70 3.29
H2' TLN A 7 9.80 1.54 4.67
H6'1 TLN A 7 11.94 2.25 1.27
H6'2 TLN A 7 12.73 1.09 2.36
P LCG A 8 11.48 -1.43 5.25
OP1 LCG A 8 12.84 -1.65 5.78
O5' LCG A 8 10.68 -0.50 6.30
C5' LCG A 8 11.27 0.62 6.94
C3' LCG A 8 9.62 0.41 8.92
C6' LCG A 8 10.59 2.54 8.60
N9 LCG A 8 6.92 0.80 7.63
C8 LCG A 8 6.97 -0.29 6.81
C4 LCG A 8 5.64 0.82 8.15
N7 LCG A 8 5.84 -0.96 6.74
C5 LCG A 8 4.99 -0.25 7.58
C6 LCG A 8 3.62 -0.49 7.92
C2' LCG A 8 8.67 1.54 9.26
O6 LCG A 8 2.87 -1.38 7.51
C4' LCG A 8 10.19 1.28 7.80
C1' LCG A 8 7.98 1.79 7.92
C2 LCG A 8 3.86 1.47 9.36
N1 LCG A 8 3.12 0.43 8.84
O4' LCG A 8 9.06 1.65 7.01
OP2 LCG A 8 10.61 -2.58 4.92
N2 LCG A 8 3.25 2.25 10.24
N3 LCG A 8 5.14 1.71 9.04
O2' LCG A 8 9.52 2.65 9.53
O3' LCG A 8 10.54 0.09 9.96
H5' LCG A 8 11.63 1.33 6.20
H5'' LCG A 8 12.09 0.29 7.58
H3' LCG A 8 9.12 -0.48 8.53
H6'1 LCG A 8 10.66 3.41 7.95
H6'2 LCG A 8 11.53 2.37 9.12
H8 LCG A 8 7.85 -0.57 6.24
H2' LCG A 8 7.96 1.33 10.06
H1' LCG A 8 7.58 2.80 7.90
H1 LCG A 8 2.16 0.31 9.14
H21 LCG A 8 2.29 2.07 10.52
H22 LCG A 8 3.75 3.04 10.64
O5' LCC A 9 8.83 -0.57 11.73
C5' LCC A 9 8.74 0.52 12.63
C4' LCC A 9 7.29 0.59 13.12
O4' LCC A 9 6.35 0.84 12.07
C1' LCC A 9 5.10 0.32 12.50
N1 LCC A 9 4.64 -0.85 11.69
C6 LCC A 9 5.50 -1.52 10.84
C5 LCC A 9 5.09 -2.58 10.12
C5M LCC A 9 6.07 -3.32 9.21
C4 LCC A 9 3.71 -2.99 10.25
N4 LCC A 9 3.22 -4.03 9.56
N3 LCC A 9 2.89 -2.34 11.08
C2 LCC A 9 3.31 -1.27 11.82
O2 LCC A 9 2.53 -0.70 12.58
C3' LCC A 9 6.80 -0.71 13.77
C2' LCC A 9 5.44 -0.06 13.95
O2' LCC A 9 5.69 1.14 14.67
O3' LCC A 9 7.42 -1.12 14.98
C6' LCC A 9 6.99 1.58 14.25
P LCC A 9 10.21 -1.05 11.06
O1P LCC A 9 11.27 -1.00 12.10
O2P LCC A 9 9.95 -2.31 10.35
H5'1 LCC A 9 9.00 1.45 12.13
H5'2 LCC A 9 9.41 0.36 13.48
H1' LCC A 9 4.31 1.09 12.48
H6 LCC A 9 6.52 -1.19 10.77
H5M1 LCC A 9 6.29 -4.30 9.63
H5M2 LCC A 9 5.63 -3.44 8.22
H5M3 LCC A 9 7.00 -2.75 9.11
H41 LCC A 9 2.25 -4.29 9.67
H42 LCC A 9 3.82 -4.53 8.92
H3' LCC A 9 6.78 -1.53 13.05
H2'1 LCC A 9 4.70 -0.72 14.40
H3T LCC A 9 8.31 -1.41 14.77
H6'1 LCC A 9 7.01 2.62 13.91
H6'2 LCC A 9 7.70 1.46 15.07
N1 LKC A 1 -13.17 5.82 -2.66
C2 LKC A 1 -12.60 5.43 -3.87
N3 LKC A 1 -11.37 5.92 -4.23
C4 LKC A 1 -10.71 6.77 -3.42
C5 LKC A 1 -11.26 7.17 -2.14
C6 LKC A 1 -12.48 6.67 -1.81
O2 LKC A 1 -13.17 4.64 -4.63
N4 LKC A 1 -9.53 7.22 -3.84
C1' LKC A 1 -14.55 5.35 -2.35
C2' LKC A 1 -14.57 3.91 -1.84
C3' LKC A 1 -14.43 4.09 -0.33
C4' LKC A 1 -15.64 5.03 -0.38
O4' LKC A 1 -15.20 6.04 -1.29
O3' LKC A 1 -14.64 2.90 0.42
C5' LKC A 1 -16.04 5.60 0.98
O5' LKC A 1 -17.24 6.35 0.88
C5A LKC A 1 -10.52 8.10 -1.21
O2' LKC A 1 -15.90 3.43 -2.02
C6' LKC A 1 -16.69 4.14 -1.08
H6 LKC A 1 -12.92 6.95 -0.87
H41 LKC A 1 -9.18 6.93 -4.75
H42 LKC A 1 -8.98 7.85 -3.27
H1' LKC A 1 -15.16 5.41 -3.26
H2'1 LKC A 1 -13.81 3.28 -2.29
H3' LKC A 1 -13.52 4.61 -0.05
H5'1 LKC A 1 -16.20 4.78 1.69
H5'2 LKC A 1 -15.25 6.24 1.36
H5T LKC A 1 -17.44 6.71 1.75
H5M1 LKC A 1 -11.08 8.23 -0.28
H5M2 LKC A 1 -9.54 7.69 -0.97
H5M3 LKC A 1 -10.40 9.08 -1.69
H6'1 LKC A 1 -17.44 4.75 -1.58
H6'2 LKC A 1 -17.14 3.46 -0.38
P TLN A 2 -13.43 1.88 0.74
OP1 TLN A 2 -13.97 0.78 1.57
OP2 TLN A 2 -12.29 2.67 1.23
O5' TLN A 2 -13.03 1.27 -0.70
C5' TLN A 2 -13.84 0.34 -1.40
C4' TLN A 2 -13.17 0.04 -2.74
O4' TLN A 2 -13.02 1.23 -3.52
C1' TLN A 2 -11.94 1.00 -4.42
N1 TLN A 2 -10.76 1.88 -4.15
C6 TLN A 2 -10.62 2.57 -2.97
C5 TLN A 2 -9.60 3.44 -2.76
C5M TLN A 2 -9.51 4.17 -1.42
C4 TLN A 2 -8.60 3.69 -3.79
O4 TLN A 2 -7.66 4.48 -3.73
N3 TLN A 2 -8.79 2.92 -4.94
C2 TLN A 2 -9.80 2.00 -5.16
O2 TLN A 2 -9.82 1.35 -6.20
C3' TLN A 2 -11.75 -0.55 -2.65
C2' TLN A 2 -11.65 -0.49 -4.18
O2' TLN A 2 -12.80 -1.29 -4.57
O3' TLN A 2 -11.68 -1.87 -2.14
C6' TLN A 2 -13.87 -1.00 -3.63
H5' TLN A 2 -14.83 0.77 -1.57
H5'' TLN A 2 -13.93 -0.58 -0.82
H1' TLN A 2 -12.24 1.17 -5.46
H6 TLN A 2 -11.33 2.43 -2.16
H71 TLN A 2 -10.51 4.36 -1.04
H72 TLN A 2 -8.97 3.53 -0.72
H73 TLN A 2 -8.98 5.12 -1.53
H3 TLN A 2 -8.09 3.04 -5.67
H3' TLN A 2 -11.06 0.11 -2.14
H2' TLN A 2 -10.66 -0.76 -4.61
H6'1 TLN A 2 -14.75 -0.59 -4.14
H6'2 TLN A 2 -14.26 -1.87 -3.05
P LCG A 3 -10.29 -2.54 -1.68
OP1 LCG A 3 -10.56 -3.96 -1.35
O5' LCG A 3 -9.37 -2.50 -3.00
C5' LCG A 3 -9.58 -3.35 -4.12
C3' LCG A 3 -7.08 -3.19 -4.75
C6' LCG A 3 -8.53 -3.85 -6.47
N9 LCG A 3 -6.66 -0.24 -5.29
C8 LCG A 3 -6.96 0.27 -4.04
C4 LCG A 3 -5.59 0.51 -5.72
N7 LCG A 3 -6.21 1.27 -3.67
C5 LCG A 3 -5.33 1.45 -4.74
C6 LCG A 3 -4.29 2.40 -4.94
C2' LCG A 3 -6.65 -2.63 -6.09
O6 LCG A 3 -3.94 3.30 -4.18
C4' LCG A 3 -8.53 -3.00 -5.18
C1' LCG A 3 -7.36 -1.27 -6.10
C2 LCG A 3 -3.93 1.26 -7.07
N1 LCG A 3 -3.63 2.25 -6.15
O4' LCG A 3 -8.62 -1.62 -5.55
OP2 LCG A 3 -9.67 -1.65 -0.68
N2 LCG A 3 -3.17 1.22 -8.17
N3 LCG A 3 -4.91 0.36 -6.91
O2' LCG A 3 -7.28 -3.47 -7.06
O3' LCG A 3 -6.68 -4.54 -4.52
H5' LCG A 3 -10.57 -3.21 -4.52
H5'' LCG A 3 -9.44 -4.40 -3.81
H3' LCG A 3 -6.81 -2.54 -3.90
H6'1 LCG A 3 -9.38 -3.69 -7.12
H6'2 LCG A 3 -8.49 -4.91 -6.21
H8 LCG A 3 -7.75 -0.08 -3.40
H2' LCG A 3 -5.57 -2.55 -6.23
H1' LCG A 3 -7.45 -0.90 -7.12
H1 LCG A 3 -2.88 2.89 -6.35
H21 LCG A 3 -2.42 1.90 -8.29
H22 LCG A 3 -3.38 0.54 -8.88
P LCA A 4 -5.31 -4.94 -3.78
O1P LCA A 4 -5.19 -6.42 -3.80
O5' LCA A 4 -4.14 -4.34 -4.73
C5' LCA A 4 -3.84 -4.88 -6.01
C3' LCA A 4 -1.42 -3.96 -5.91
C6' LCA A 4 -2.32 -4.34 -8.06
N9 LCA A 4 -1.84 -0.93 -5.67
C8 LCA A 4 -2.57 -0.96 -4.51
C4 LCA A 4 -1.01 0.18 -5.55
N7 LCA A 4 -2.32 0.02 -3.68
C5 LCA A 4 -1.34 0.75 -4.34
C6 LCA A 4 -0.68 1.96 -3.99
C2' LCA A 4 -0.94 -2.93 -6.93
N6 LCA A 4 -0.94 2.63 -2.87
C4' LCA A 4 -2.76 -3.98 -6.63
C1' LCA A 4 -2.01 -1.84 -6.85
C2 LCA A 4 0.52 1.78 -5.95
N1 LCA A 4 0.26 2.44 -4.82
O4' LCA A 4 -3.19 -2.63 -6.67
O2P LCA A 4 -5.26 -4.21 -2.50
N3 LCA A 4 -0.06 0.66 -6.41
O3' LCA A 4 -0.71 -5.18 -5.94
O2' LCA A 4 -1.11 -3.59 -8.19
H5'1 LCA A 4 -4.73 -4.88 -6.64
H5'2 LCA A 4 -3.46 -5.89 -5.90
H3' LCA A 4 -1.52 -3.54 -4.90
H6'1 LCA A 4 -2.11 -5.40 -8.15
H6'2 LCA A 4 -3.07 -4.02 -8.79
H8 LCA A 4 -3.31 -1.71 -4.29
H2'1 LCA A 4 0.07 -2.57 -6.77
H61 LCA A 4 -0.48 3.51 -2.68
H62 LCA A 4 -1.65 2.29 -2.25
H1' LCA A 4 -2.12 -1.32 -7.79
H2 LCA A 4 1.31 2.25 -6.53
P TLN A 5 0.51 -5.49 -4.93
OP1 TLN A 5 1.11 -6.78 -5.32
OP2 TLN A 5 0.02 -5.31 -3.55
O5' TLN A 5 1.57 -4.33 -5.24
C5' TLN A 5 2.36 -4.27 -6.41
C4' TLN A 5 3.19 -2.99 -6.35
O4' TLN A 5 2.37 -1.82 -6.28
C1' TLN A 5 3.16 -0.80 -5.69
N1 TLN A 5 2.66 -0.35 -4.36
C6 TLN A 5 1.77 -1.12 -3.63
C5 TLN A 5 1.24 -0.71 -2.46
C5M TLN A 5 0.28 -1.62 -1.71
C4 TLN A 5 1.60 0.59 -1.90
O4 TLN A 5 1.18 1.06 -0.85
N3 TLN A 5 2.51 1.31 -2.67
C2 TLN A 5 3.06 0.89 -3.88
O2 TLN A 5 3.88 1.61 -4.46
C3' TLN A 5 4.12 -2.90 -5.13
C2' TLN A 5 4.51 -1.51 -5.60
O2' TLN A 5 5.00 -1.70 -6.93
O3' TLN A 5 5.20 -3.83 -5.12
C6' TLN A 5 4.22 -2.77 -7.47
H5' TLN A 5 1.71 -4.26 -7.29
H5'' TLN A 5 3.02 -5.14 -6.44
H1' TLN A 5 3.22 0.07 -6.34
H6 TLN A 5 1.50 -2.10 -4.03
H71 TLN A 5 0.75 -1.96 -0.79
H72 TLN A 5 -0.63 -1.05 -1.47
H73 TLN A 5 0.00 -2.47 -2.33
H3 TLN A 5 2.80 2.21 -2.33
H3' TLN A 5 3.57 -2.90 -4.19
H2' TLN A 5 5.20 -1.00 -4.93
H6'1 TLN A 5 4.84 -3.66 -7.59
H6'2 TLN A 5 3.75 -2.54 -8.43
P LCA A 6 6.06 -4.12 -3.79
O1P LCA A 6 7.16 -5.03 -4.15
O5' LCA A 6 6.68 -2.69 -3.40
C5' LCA A 6 7.74 -2.09 -4.13
C3' LCA A 6 8.50 -0.86 -2.01
C6' LCA A 6 9.22 0.06 -4.07
N9 LCA A 6 6.16 0.95 -1.37
C8 LCA A 6 5.20 -0.02 -1.21
C4 LCA A 6 5.90 1.88 -0.39
N7 LCA A 6 4.34 0.23 -0.28
C5 LCA A 6 4.75 1.46 0.24
C6 LCA A 6 4.25 2.32 1.24
C2' LCA A 6 8.59 0.66 -1.97
N6 LCA A 6 3.11 2.04 1.89
C4' LCA A 6 8.06 -0.75 -3.47
C1' LCA A 6 7.19 1.07 -2.43
C2 LCA A 6 6.05 3.71 0.88
N1 LCA A 6 4.93 3.43 1.55
O4' LCA A 6 6.94 0.12 -3.46
O2P LCA A 6 5.11 -4.51 -2.71
N3 LCA A 6 6.61 3.00 -0.11
O3' LCA A 6 9.74 -1.52 -1.82
O2' LCA A 6 9.50 0.99 -3.02
H5'1 LCA A 6 7.42 -1.92 -5.17
H5'2 LCA A 6 8.62 -2.74 -4.11
H3' LCA A 6 7.71 -1.27 -1.38
H6'1 LCA A 6 10.09 -0.58 -4.24
H6'2 LCA A 6 8.92 0.57 -4.99
H8 LCA A 6 5.15 -0.91 -1.83
H2'1 LCA A 6 8.87 1.07 -1.01
H61 LCA A 6 2.74 2.69 2.58
H62 LCA A 6 2.60 1.22 1.65
H1' LCA A 6 7.19 2.08 -2.84
H2 LCA A 6 6.61 4.58 1.18
P TLN A 7 10.15 -2.20 -0.42
OP1 TLN A 7 11.54 -2.72 -0.55
OP2 TLN A 7 9.06 -3.11 -0.01
O5' TLN A 7 10.17 -0.97 0.61
C5' TLN A 7 11.18 0.03 0.59
C4' TLN A 7 10.79 1.09 1.62
O4' TLN A 7 9.52 1.67 1.31
C1' TLN A 7 9.01 2.19 2.53
N1 TLN A 7 7.77 1.49 2.99
C6 TLN A 7 7.40 0.26 2.48
C5 TLN A 7 6.21 -0.32 2.79
C5M TLN A 7 5.86 -1.67 2.19
C4 TLN A 7 5.27 0.34 3.68
O4 TLN A 7 4.16 -0.09 4.01
N3 TLN A 7 5.71 1.55 4.19
C2 TLN A 7 6.94 2.16 3.90
O2 TLN A 7 7.25 3.22 4.44
C3' TLN A 7 10.68 0.60 3.06
C2' TLN A 7 10.22 2.00 3.46
O2' TLN A 7 11.26 2.87 2.99
O3' TLN A 7 11.91 0.21 3.67
C6' TLN A 7 11.78 2.25 1.82
H5' TLN A 7 11.24 0.48 -0.40
H5'' TLN A 7 12.14 -0.41 0.86
H1' TLN A 7 8.78 3.25 2.45
H6 TLN A 7 8.06 -0.26 1.80
H71 TLN A 7 4.80 -1.71 1.95
H72 TLN A 7 6.43 -1.84 1.27
H73 TLN A 7 6.11 -2.46 2.90
H3 TLN A 7 5.10 2.04 4.82
H3' TLN A 7 9.90 -0.16 3.18
H2' TLN A 7 9.98 2.13 4.51
H6'1 TLN A 7 11.84 2.92 0.95
H6'2 TLN A 7 12.78 1.85 2.02
P LCG A 8 11.96 -0.78 4.94
OP1 LCG A 8 13.37 -0.88 5.38
O5' LCG A 8 11.13 -0.01 6.07
C5' LCG A 8 11.64 1.08 6.79
C3' LCG A 8 10.02 0.54 8.71
C6' LCG A 8 10.90 2.72 8.70
N9 LCG A 8 7.31 0.99 7.49
C8 LCG A 8 7.43 -0.02 6.57
C4 LCG A 8 6.01 0.89 7.97
N7 LCG A 8 6.35 -0.72 6.40
C5 LCG A 8 5.43 -0.14 7.27
C6 LCG A 8 4.06 -0.46 7.51
C2' LCG A 8 9.02 1.57 9.22
O6 LCG A 8 3.38 -1.32 6.96
C4' LCG A 8 10.54 1.58 7.74
C1' LCG A 8 8.32 1.98 7.93
C2 LCG A 8 4.17 1.32 9.19
N1 LCG A 8 3.49 0.33 8.51
O4' LCG A 8 9.40 2.02 7.00
OP2 LCG A 8 11.22 -2.01 4.58
N2 LCG A 8 3.48 1.96 10.13
N3 LCG A 8 5.44 1.66 8.94
O2' LCG A 8 9.83 2.66 9.64
O3' LCG A 8 10.94 0.10 9.70
H5' LCG A 8 11.92 1.89 6.10
H5'' LCG A 8 12.51 0.78 7.37
H3' LCG A 8 9.54 -0.30 8.20
H6'1 LCG A 8 10.93 3.68 8.19
H6'2 LCG A 8 11.86 2.52 9.20
H8 LCG A 8 8.35 -0.21 6.03
H2' LCG A 8 8.32 1.21 9.98
H1' LCG A 8 7.87 2.96 8.05
H1 LCG A 8 2.53 0.14 8.74
H21 LCG A 8 2.52 1.69 10.34
H22 LCG A 8 3.93 2.69 10.65
O5' LCC A 9 9.28 -0.93 11.32
C5' LCC A 9 9.17 0.00 12.38
C4' LCC A 9 7.73 -0.03 12.89
O4' LCC A 9 6.78 0.38 11.91
C1' LCC A 9 5.52 -0.17 12.29
N1 LCC A 9 4.99 -1.18 11.32
C6 LCC A 9 5.80 -1.79 10.38
C5 LCC A 9 5.32 -2.74 9.53
C5M LCC A 9 6.24 -3.40 8.52
C4 LCC A 9 3.92 -3.07 9.65
N4 LCC A 9 3.35 -3.98 8.83
N3 LCC A 9 3.14 -2.48 10.56
C2 LCC A 9 3.63 -1.53 11.41
O2 LCC A 9 2.89 -1.01 12.24
C3' LCC A 9 7.23 -1.42 13.33
C2' LCC A 9 5.88 -0.79 13.65
O2' LCC A 9 6.17 0.28 14.55
O3' LCC A 9 7.88 -2.01 14.44
C6' LCC A 9 7.46 0.77 14.17
P LCC A 9 10.68 -1.23 10.58
O1P LCC A 9 11.74 -1.33 11.60
O2P LCC A 9 10.45 -2.36 9.65
H5'1 LCC A 9 9.42 1.00 12.04
H5'2 LCC A 9 9.85 -0.28 13.19
H1' LCC A 9 4.75 0.60 12.42
H6 LCC A 9 6.84 -1.51 10.32
H5M1 LCC A 9 7.20 -2.89 8.49
H5M2 LCC A 9 6.39 -4.44 8.79
H5M3 LCC A 9 5.78 -3.36 7.53
H41 LCC A 9 2.35 -4.15 8.91
H42 LCC A 9 3.90 -4.43 8.12
H3' LCC A 9 7.20 -2.11 12.49
H2'1 LCC A 9 5.14 -1.49 14.02
H3T LCC A 9 8.76 -2.29 14.16
H6'1 LCC A 9 7.49 1.85 14.02
H6'2 LCC A 9 8.19 0.50 14.95
N1 LKC A 1 -12.98 5.15 -1.51
C2 LKC A 1 -12.49 4.93 -2.81
N3 LKC A 1 -11.32 5.53 -3.18
C4 LKC A 1 -10.63 6.30 -2.33
C5 LKC A 1 -11.10 6.52 -0.98
C6 LKC A 1 -12.27 5.93 -0.63
O2 LKC A 1 -13.08 4.20 -3.61
N4 LKC A 1 -9.50 6.86 -2.78
C1' LKC A 1 -14.30 4.57 -1.16
C2' LKC A 1 -14.22 3.08 -0.82
C3' LKC A 1 -13.91 3.10 0.68
C4' LKC A 1 -15.14 3.98 0.87
O4' LKC A 1 -14.88 5.11 0.02
O3' LKC A 1 -14.00 1.84 1.31
C5' LKC A 1 -15.47 4.39 2.31
O5' LKC A 1 -14.35 4.98 2.94
C5A LKC A 1 -10.33 7.39 -0.01
O2' LKC A 1 -15.53 2.56 -0.91
C6' LKC A 1 -16.24 3.14 0.20
H6 LKC A 1 -12.64 6.09 0.38
H41 LKC A 1 -9.20 6.69 -3.74
H42 LKC A 1 -8.95 7.44 -2.17
H1' LKC A 1 -14.98 4.70 -2.00
H2'1 LKC A 1 -13.49 2.54 -1.41
H3' LKC A 1 -12.99 3.63 0.91
H5'1 LKC A 1 -16.30 5.10 2.31
H5'2 LKC A 1 -15.76 3.50 2.88
H5T LKC A 1 -13.65 4.31 3.00
H5M1 LKC A 1 -10.35 8.43 -0.33
H5M2 LKC A 1 -10.77 7.32 0.99
H5M3 LKC A 1 -9.29 7.04 0.06
H6'1 LKC A 1 -17.07 3.75 -0.14
H6'2 LKC A 1 -16.58 2.35 0.86
P TLN A 2 -12.73 0.85 1.40
OP1 TLN A 2 -13.15 -0.36 2.14
OP2 TLN A 2 -11.57 1.63 1.88
O5' TLN A 2 -12.45 0.44 -0.13
C5' TLN A 2 -13.28 -0.44 -0.86
C4' TLN A 2 -12.72 -0.57 -2.29
O4' TLN A 2 -12.69 0.70 -2.95
C1' TLN A 2 -11.68 0.61 -3.95
N1 TLN A 2 -10.52 1.53 -3.68
C6 TLN A 2 -10.32 2.11 -2.44
C5 TLN A 2 -9.32 3.00 -2.22
C5M TLN A 2 -9.14 3.57 -0.83
C4 TLN A 2 -8.41 3.39 -3.30
O4 TLN A 2 -7.51 4.21 -3.23
N3 TLN A 2 -8.66 2.74 -4.51
C2 TLN A 2 -9.66 1.81 -4.74
O2 TLN A 2 -9.74 1.27 -5.85
C3' TLN A 2 -11.27 -1.08 -2.36
C2' TLN A 2 -11.29 -0.87 -3.87
O2' TLN A 2 -12.43 -1.69 -4.25
O3' TLN A 2 -11.10 -2.44 -1.97
C6' TLN A 2 -13.44 -1.56 -3.22
H5' TLN A 2 -14.30 -0.04 -0.91
H5'' TLN A 2 -13.29 -1.42 -0.39
H1' TLN A 2 -12.07 0.86 -4.94
H6 TLN A 2 -10.96 1.86 -1.62
H71 TLN A 2 -10.11 3.68 -0.35
H72 TLN A 2 -8.51 2.90 -0.24
H73 TLN A 2 -8.65 4.55 -0.88
H3 TLN A 2 -8.04 2.95 -5.27
H3' TLN A 2 -10.58 -0.42 -1.84
H2' TLN A 2 -10.33 -1.05 -4.40
H6'1 TLN A 2 -14.38 -1.16 -3.60
H6'2 TLN A 2 -13.72 -2.50 -2.70
P LCG A 3 -9.64 -3.05 -1.64
OP1 LCG A 3 -9.79 -4.50 -1.42
O5' LCG A 3 -8.81 -2.82 -3.00
C5' LCG A 3 -9.03 -3.57 -4.17
C3' LCG A 3 -6.59 -3.22 -4.91
C6' LCG A 3 -8.12 -3.82 -6.60
N9 LCG A 3 -6.32 -0.22 -5.27
C8 LCG A 3 -6.56 0.20 -3.98
C4 LCG A 3 -5.29 0.58 -5.71
N7 LCG A 3 -5.82 1.19 -3.59
C5 LCG A 3 -5.00 1.46 -4.70
C6 LCG A 3 -3.99 2.45 -4.88
C2' LCG A 3 -6.27 -2.54 -6.24
O6 LCG A 3 -3.63 3.32 -4.09
C4' LCG A 3 -8.08 -3.07 -5.26
C1' LCG A 3 -7.03 -1.23 -6.11
C2 LCG A 3 -3.72 1.44 -7.09
N1 LCG A 3 -3.39 2.38 -6.13
O4' LCG A 3 -8.24 -1.67 -5.50
OP2 LCG A 3 -9.03 -2.20 -0.58
N2 LCG A 3 -3.03 1.49 -8.23
N3 LCG A 3 -4.69 0.52 -6.94
O2' LCG A 3 -6.93 -3.33 -7.24
O3' LCG A 3 -6.15 -4.57 -4.81
H5' LCG A 3 -10.06 -3.44 -4.50
H5'' LCG A 3 -8.85 -4.63 -3.99
H3' LCG A 3 -6.31 -2.63 -4.05
H6'1 LCG A 3 -9.02 -3.65 -7.20
H6'2 LCG A 3 -8.02 -4.90 -6.43
H8 LCG A 3 -7.32 -0.22 -3.33
H2' LCG A 3 -5.20 -2.41 -6.42
H1' LCG A 3 -7.21 -0.79 -7.09
H1 LCG A 3 -2.67 3.05 -6.33
H21 LCG A 3 -2.29 2.17 -8.35
H22 LCG A 3 -3.25 0.83 -8.96
P LCA A 4 -4.72 -4.95 -4.16
O1P LCA A 4 -4.56 -6.42 -4.28
O5' LCA A 4 -3.65 -4.26 -5.13
C5' LCA A 4 -3.41 -4.70 -6.45
C3' LCA A 4 -1.00 -3.76 -6.39
C6' LCA A 4 -1.97 -4.01 -8.53
N9 LCA A 4 -1.44 -0.74 -5.95
C8 LCA A 4 -2.15 -0.84 -4.77
C4 LCA A 4 -0.62 0.36 -5.78
N7 LCA A 4 -1.90 0.11 -3.91
C5 LCA A 4 -0.95 0.89 -4.54
C6 LCA A 4 -0.30 2.09 -4.17
C2' LCA A 4 -0.56 -2.68 -7.36
N6 LCA A 4 -0.57 2.73 -3.03
C4' LCA A 4 -2.36 -3.75 -7.07
C1' LCA A 4 -1.64 -1.60 -7.16
C2 LCA A 4 0.90 1.99 -6.14
N1 LCA A 4 0.62 2.61 -4.99
O4' LCA A 4 -2.80 -2.40 -6.99
O2P LCA A 4 -4.63 -4.32 -2.84
N3 LCA A 4 0.32 0.89 -6.64
O3' LCA A 4 -0.29 -4.99 -6.53
O2' LCA A 4 -0.78 -3.25 -8.65
H5'1 LCA A 4 -4.33 -4.65 -7.03
H5'2 LCA A 4 -3.03 -5.72 -6.46
H3' LCA A 4 -1.05 -3.42 -5.35
H6'1 LCA A 4 -1.77 -5.07 -8.70
H6'2 LCA A 4 -2.75 -3.64 -9.21
H8 LCA A 4 -2.87 -1.61 -4.57
H2'1 LCA A 4 0.45 -2.31 -7.20
H61 LCA A 4 -0.11 3.61 -2.82
H62 LCA A 4 -1.27 2.36 -2.41
H1' LCA A 4 -1.79 -1.02 -8.08
H2 LCA A 4 1.68 2.49 -6.71
P TLN A 5 0.95 -5.37 -5.59
OP1 TLN A 5 1.52 -6.65 -6.07
OP2 TLN A 5 0.51 -5.26 -4.18
O5' TLN A 5 2.02 -4.20 -5.87
C5' TLN A 5 2.77 -4.10 -7.06
C4' TLN A 5 3.63 -2.84 -6.95
O4' TLN A 5 2.83 -1.66 -6.84
C1' TLN A 5 3.65 -0.68 -6.20
N1 TLN A 5 3.14 -0.30 -4.85
C6 TLN A 5 2.26 -1.09 -4.16
C5 TLN A 5 1.71 -0.71 -2.98
C5M TLN A 5 0.75 -1.65 -2.26
C4 TLN A 5 2.07 0.57 -2.38
O4 TLN A 5 1.61 1.01 -1.32
N3 TLN A 5 2.98 1.31 -3.11
C2 TLN A 5 3.55 0.93 -4.32
O2 TLN A 5 4.38 1.66 -4.86
C3' TLN A 5 4.58 -2.83 -5.75
C2' TLN A 5 4.99 -1.42 -6.16
O2' TLN A 5 5.45 -1.56 -7.51
O3' TLN A 5 5.62 -3.77 -5.79
C6' TLN A 5 4.65 -2.59 -8.08
H5' TLN A 5 2.10 -4.02 -7.92
H5'' TLN A 5 3.41 -4.99 -7.17
H1' TLN A 5 3.71 0.22 -6.81
H6 TLN A 5 1.99 -2.04 -4.57
H71 TLN A 5 0.39 -2.42 -2.94
H72 TLN A 5 1.25 -2.11 -1.42
H73 TLN A 5 -0.11 -1.08 -1.90
H3 TLN A 5 3.27 2.20 -2.73
H3' TLN A 5 4.03 -2.86 -4.81
H2' TLN A 5 5.69 -0.96 -5.48
H6'1 TLN A 5 5.26 -3.48 -8.24
H6'2 TLN A 5 4.18 -2.30 -9.02
P LCA A 6 6.42 -4.23 -4.45
O1P LCA A 6 7.52 -5.12 -4.85
O5' LCA A 6 7.05 -2.85 -3.90
C5' LCA A 6 8.16 -2.22 -4.52
C3' LCA A 6 8.81 -1.14 -2.26
C6' LCA A 6 9.69 -0.13 -4.21
N9 LCA A 6 6.48 0.70 -1.66
C8 LCA A 6 5.51 -0.28 -1.58
C4 LCA A 6 6.18 1.60 -0.67
N7 LCA A 6 4.61 -0.06 -0.67
C5 LCA A 6 5.00 1.15 -0.10
C6 LCA A 6 4.45 1.97 0.90
C2' LCA A 6 8.93 0.37 -2.12
N6 LCA A 6 3.29 1.70 1.50
C4' LCA A 6 8.47 -0.94 -3.74
C1' LCA A 6 7.57 0.85 -2.66
C2 LCA A 6 6.26 3.39 0.67
N1 LCA A 6 5.11 3.10 1.28
O4' LCA A 6 7.36 -0.04 -3.75
O2P LCA A 6 5.42 -4.69 -3.46
N3 LCA A 6 6.86 2.72 -0.32
O3' LCA A 6 10.01 -1.85 -2.00
O2' LCA A 6 9.92 0.73 -3.09
H5'1 LCA A 6 7.91 -1.97 -5.55
H5'2 LCA A 6 9.02 -2.88 -4.49
H3' LCA A 6 7.95 -1.55 -1.70
H6'1 LCA A 6 10.55 -0.79 -4.35
H6'2 LCA A 6 9.47 0.44 -5.11
H8 LCA A 6 5.50 -1.15 -2.22
H2'1 LCA A 6 9.15 0.72 -1.12
H61 LCA A 6 2.90 2.33 2.18
H62 LCA A 6 2.77 0.88 1.22
H1' LCA A 6 7.63 1.88 -3.00
H2 LCA A 6 6.80 4.25 1.02
P TLN A 7 10.28 -2.58 -0.59
OP1 TLN A 7 11.66 -3.10 -0.61
OP2 TLN A 7 9.16 -3.51 -0.33
O5' TLN A 7 10.19 -1.40 0.50
C5' TLN A 7 11.20 -0.41 0.63
C4' TLN A 7 10.72 0.63 1.66
O4' TLN A 7 9.47 1.21 1.26
C1' TLN A 7 8.87 1.71 2.44
N1 TLN A 7 7.60 1.00 2.80
C6 TLN A 7 7.26 -0.21 2.23
C5 TLN A 7 6.08 -0.84 2.49
C5M TLN A 7 5.78 -2.16 1.82
C4 TLN A 7 5.10 -0.23 3.38
O4 TLN A 7 4.00 -0.69 3.67
N3 TLN A 7 5.51 0.98 3.92
C2 TLN A 7 6.73 1.63 3.70
O2 TLN A 7 6.98 2.69 4.25
C3' TLN A 7 10.48 0.10 3.07
C2' TLN A 7 10.00 1.49 3.46
O2' TLN A 7 11.08 2.37 3.10
O3' TLN A 7 11.64 -0.32 3.78
C6' TLN A 7 11.69 1.77 1.96
H5' TLN A 7 11.36 0.09 -0.32
H5'' TLN A 7 12.13 -0.87 0.97
H1' TLN A 7 8.64 2.78 2.36
H6 TLN A 7 7.95 -0.70 1.56
H71 TLN A 7 5.94 -2.97 2.54
H72 TLN A 7 4.74 -2.19 1.50
H73 TLN A 7 6.42 -2.32 0.96
H3 TLN A 7 4.86 1.45 4.55
H3' TLN A 7 9.69 -0.66 3.10
H2' TLN A 7 9.66 1.60 4.48
H6'1 TLN A 7 11.81 2.45 1.12
H6'2 TLN A 7 12.67 1.37 2.24
P LCG A 8 11.54 -1.22 5.12
OP1 LCG A 8 12.90 -1.35 5.68
O5' LCG A 8 10.65 -0.35 6.14
C5' LCG A 8 11.14 0.81 6.80
C3' LCG A 8 9.43 0.50 8.71
C6' LCG A 8 10.32 2.68 8.43
N9 LCG A 8 6.76 0.79 7.34
C8 LCG A 8 6.90 -0.33 6.55
C4 LCG A 8 5.45 0.76 7.78
N7 LCG A 8 5.82 -1.03 6.42
C5 LCG A 8 4.87 -0.33 7.17
C6 LCG A 8 3.48 -0.61 7.40
C2' LCG A 8 8.43 1.60 9.03
O6 LCG A 8 2.80 -1.52 6.93
C4' LCG A 8 10.00 1.41 7.62
C1' LCG A 8 7.77 1.83 7.67
C2 LCG A 8 3.56 1.35 8.86
N1 LCG A 8 2.89 0.29 8.27
O4' LCG A 8 8.88 1.73 6.79
OP2 LCG A 8 10.77 -2.45 4.78
N2 LCG A 8 2.85 2.11 9.70
N3 LCG A 8 4.86 1.63 8.63
O2' LCG A 8 9.22 2.75 9.32
O3' LCG A 8 10.32 0.21 9.78
H5' LCG A 8 11.49 1.53 6.05
H5'' LCG A 8 11.98 0.53 7.45
H3' LCG A 8 8.98 -0.40 8.29
H6'1 LCG A 8 10.37 3.55 7.77
H6'2 LCG A 8 11.26 2.55 8.98
H8 LCG A 8 7.84 -0.59 6.07
H2' LCG A 8 7.69 1.36 9.79
H1' LCG A 8 7.33 2.82 7.62
H1 LCG A 8 1.91 0.16 8.49
H21 LCG A 8 1.88 1.90 9.88
H22 LCG A 8 3.30 2.91 10.13
O5' LCC A 9 8.62 -0.51 11.52
C5' LCC A 9 8.54 0.57 12.43
C4' LCC A 9 7.09 0.66 12.92
O4' LCC A 9 6.17 0.97 11.87
C1' LCC A 9 4.89 0.50 12.30
N1 LCC A 9 4.37 -0.62 11.47
C6 LCC A 9 5.19 -1.37 10.65
C5 LCC A 9 4.72 -2.42 9.93
C5M LCC A 9 5.64 -3.25 9.05
C4 LCC A 9 3.30 -2.71 10.03
N4 LCC A 9 2.73 -3.70 9.35
N3 LCC A 9 2.50 -1.95 10.81
C2 LCC A 9 3.00 -0.92 11.54
O2 LCC A 9 2.24 -0.25 12.24
C3' LCC A 9 6.55 -0.63 13.55
C2' LCC A 9 5.21 0.07 13.75
O2' LCC A 9 5.52 1.26 14.48
O3' LCC A 9 7.17 -1.07 14.75
C6' LCC A 9 6.83 1.65 14.06
P LCC A 9 10.01 -0.96 10.84
O1P LCC A 9 11.07 -0.93 11.87
O2P LCC A 9 9.75 -2.21 10.09
H5'1 LCC A 9 8.81 1.50 11.94
H5'2 LCC A 9 9.20 0.39 13.27
H1' LCC A 9 4.14 1.29 12.31
H6 LCC A 9 6.24 -1.13 10.59
H5M1 LCC A 9 6.61 -2.76 8.95
H5M2 LCC A 9 5.79 -4.23 9.51
H5M3 LCC A 9 5.21 -3.37 8.06
H41 LCC A 9 1.73 -3.86 9.44
H42 LCC A 9 3.29 -4.27 8.73
H3' LCC A 9 6.50 -1.45 12.84
H2'1 LCC A 9 4.45 -0.54 14.20
H3T LCC A 9 8.04 -1.40 14.54
H6'1 LCC A 9 6.90 2.70 13.75
H6'2 LCC A 9 7.54 1.49 14.88
N1 LKC A 1 -13.05 5.11 -2.21
C2 LKC A 1 -12.52 4.91 -3.49
N3 LKC A 1 -11.31 5.47 -3.79
C4 LKC A 1 -10.62 6.18 -2.89
C5 LKC A 1 -11.14 6.37 -1.54
C6 LKC A 1 -12.36 5.83 -1.26
O2 LKC A 1 -13.11 4.25 -4.34
N4 LKC A 1 -9.45 6.70 -3.27
C1' LKC A 1 -14.43 4.59 -1.95
C2' LKC A 1 -14.45 3.08 -1.66
C3' LKC A 1 -14.23 3.04 -0.15
C4' LKC A 1 -15.41 3.99 0.01
O4' LKC A 1 -15.04 5.12 -0.78
O3' LKC A 1 -14.42 1.77 0.44
C5' LKC A 1 -15.80 4.35 1.45
O5' LKC A 1 -14.68 4.85 2.16
C5A LKC A 1 -10.37 7.16 -0.50
O2' LKC A 1 -15.79 2.65 -1.83
C6' LKC A 1 -16.51 3.23 -0.76
H6 LKC A 1 -12.77 5.95 -0.27
H41 LKC A 1 -9.12 6.54 -4.21
H42 LKC A 1 -8.89 7.22 -2.61
H1' LKC A 1 -15.06 4.79 -2.81
H2'1 LKC A 1 -13.72 2.52 -2.23
H3' LKC A 1 -13.29 3.50 0.16
H5'1 LKC A 1 -16.58 5.11 1.43
H5'2 LKC A 1 -16.18 3.47 1.95
H5T LKC A 1 -14.02 4.14 2.23
H5M1 LKC A 1 -10.20 8.17 -0.86
H5M2 LKC A 1 -10.94 7.20 0.43
H5M3 LKC A 1 -9.42 6.67 -0.31
H6'1 LKC A 1 -17.29 3.91 -1.11
H6'2 LKC A 1 -16.94 2.44 -0.14
P TLN A 2 -13.22 0.69 0.56
OP1 TLN A 2 -13.74 -0.51 1.25
OP2 TLN A 2 -12.05 1.40 1.13
O5' TLN A 2 -12.87 0.31 -0.96
C5' TLN A 2 -13.72 -0.51 -1.77
C4' TLN A 2 -13.09 -0.62 -3.16
O4' TLN A 2 -12.97 0.66 -3.78
C1' TLN A 2 -11.93 0.56 -4.74
N1 TLN A 2 -10.75 1.40 -4.40
C6 TLN A 2 -10.56 1.94 -3.14
C5 TLN A 2 -9.54 2.78 -2.85
C5M TLN A 2 -9.39 3.29 -1.42
C4 TLN A 2 -8.59 3.17 -3.89
O4 TLN A 2 -7.65 3.97 -3.75
N3 TLN A 2 -8.81 2.58 -5.12
C2 TLN A 2 -9.82 1.69 -5.42
O2 TLN A 2 -9.88 1.18 -6.54
C3' TLN A 2 -11.68 -1.20 -3.20
C2' TLN A 2 -11.62 -0.95 -4.70
O2' TLN A 2 -12.79 -1.69 -5.15
O3' TLN A 2 -11.58 -2.58 -2.86
C6' TLN A 2 -13.83 -1.53 -4.16
H5' TLN A 2 -14.70 -0.05 -1.83
H5'' TLN A 2 -13.80 -1.49 -1.31
H1' TLN A 2 -12.26 0.86 -5.74
H6 TLN A 2 -11.25 1.67 -2.34
H71 TLN A 2 -8.84 4.23 -1.42
H72 TLN A 2 -10.37 3.45 -0.98
H73 TLN A 2 -8.84 2.56 -0.83
H3 TLN A 2 -8.16 2.80 -5.86
H3' TLN A 2 -10.97 -0.61 -2.63
H2' TLN A 2 -10.66 -1.16 -5.20
H6'1 TLN A 2 -14.73 -1.07 -4.56
H6'2 TLN A 2 -14.19 -2.47 -3.68
P LCG A 3 -10.17 -3.26 -2.46
OP1 LCG A 3 -10.41 -4.71 -2.31
O5' LCG A 3 -9.24 -3.03 -3.74
C5' LCG A 3 -9.40 -3.74 -4.95
C3' LCG A 3 -6.91 -3.40 -5.52
C6' LCG A 3 -8.32 -3.95 -7.31
N9 LCG A 3 -6.58 -0.39 -5.80
C8 LCG A 3 -6.88 -0.03 -4.51
C4 LCG A 3 -5.53 0.40 -6.17
N7 LCG A 3 -6.14 0.93 -4.05
C5 LCG A 3 -5.27 1.24 -5.10
C6 LCG A 3 -4.24 2.22 -5.20
C2' LCG A 3 -6.50 -2.70 -6.81
O6 LCG A 3 -3.90 3.04 -4.36
C4' LCG A 3 -8.36 -3.23 -5.96
C1' LCG A 3 -7.25 -1.38 -6.70
C2 LCG A 3 -3.89 1.31 -7.44
N1 LCG A 3 -3.59 2.19 -6.43
O4' LCG A 3 -8.50 -1.82 -6.19
OP2 LCG A 3 -9.60 -2.49 -1.33
N2 LCG A 3 -3.16 1.39 -8.56
N3 LCG A 3 -4.87 0.39 -7.37
O2' LCG A 3 -7.10 -3.46 -7.86
O3' LCG A 3 -6.46 -4.74 -5.42
H5' LCG A 3 -10.41 -3.58 -5.35
H5'' LCG A 3 -9.25 -4.80 -4.78
H3' LCG A 3 -6.69 -2.81 -4.63
H6'1 LCG A 3 -9.19 -3.76 -7.95
H6'2 LCG A 3 -8.24 -5.03 -7.16
H8 LCG A 3 -7.66 -0.46 -3.90
H2' LCG A 3 -5.42 -2.57 -6.93
H1' LCG A 3 -7.37 -0.91 -7.68
H1 LCG A 3 -2.85 2.86 -6.57
H21 LCG A 3 -2.41 2.07 -8.61
H22 LCG A 3 -3.36 0.77 -9.32
P LCA A 4 -5.09 -5.14 -4.66
O1P LCA A 4 -4.89 -6.60 -4.80
O5' LCA A 4 -3.94 -4.38 -5.49
C5' LCA A 4 -3.57 -4.78 -6.80
C3' LCA A 4 -1.18 -3.80 -6.55
C6' LCA A 4 -2.01 -4.03 -8.75
N9 LCA A 4 -1.68 -0.81 -6.09
C8 LCA A 4 -2.40 -0.96 -4.93
C4 LCA A 4 -0.86 0.30 -5.86
N7 LCA A 4 -2.19 -0.04 -4.04
C5 LCA A 4 -1.23 0.77 -4.62
C6 LCA A 4 -0.60 1.96 -4.17
C2' LCA A 4 -0.70 -2.69 -7.48
N6 LCA A 4 -0.89 2.56 -3.01
C4' LCA A 4 -2.51 -3.81 -7.31
C1' LCA A 4 -1.81 -1.64 -7.33
C2 LCA A 4 0.64 1.96 -6.11
N1 LCA A 4 0.34 2.52 -4.95
O4' LCA A 4 -2.96 -2.47 -7.23
O2P LCA A 4 -5.12 -4.53 -3.30
N3 LCA A 4 0.09 0.86 -6.68
O3' LCA A 4 -0.43 -5.00 -6.65
O2' LCA A 4 -0.82 -3.25 -8.79
H5'1 LCA A 4 -4.43 -4.75 -7.45
H5'2 LCA A 4 -3.16 -5.80 -6.78
H3' LCA A 4 -1.30 -3.48 -5.52
H6'1 LCA A 4 -1.78 -5.08 -8.92
H6'2 LCA A 4 -2.75 -3.68 -9.47
H8 LCA A 4 -3.11 -1.76 -4.79
H2'1 LCA A 4 0.29 -2.32 -7.26
H61 LCA A 4 -0.44 3.43 -2.76
H62 LCA A 4 -1.60 2.16 -2.42
H1' LCA A 4 -1.91 -1.05 -8.24
H2 LCA A 4 1.44 2.49 -6.64
P TLN A 5 0.80 -5.33 -5.67
OP1 TLN A 5 1.45 -6.56 -6.13
OP2 TLN A 5 0.31 -5.23 -4.28
O5' TLN A 5 1.83 -4.10 -5.89
C5' TLN A 5 2.62 -3.96 -7.06
C4' TLN A 5 3.44 -2.67 -6.92
O4' TLN A 5 2.61 -1.52 -6.79
C1' TLN A 5 3.40 -0.53 -6.14
N1 TLN A 5 2.89 -0.16 -4.78
C6 TLN A 5 2.02 -0.97 -4.10
C5 TLN A 5 1.50 -0.62 -2.90
C5M TLN A 5 0.53 -1.56 -2.20
C4 TLN A 5 1.84 0.65 -2.29
O4 TLN A 5 1.42 1.07 -1.21
N3 TLN A 5 2.75 1.41 -3.01
C2 TLN A 5 3.31 1.06 -4.24
O2 TLN A 5 4.13 1.81 -4.78
C3' TLN A 5 4.37 -2.66 -5.72
C2' TLN A 5 4.75 -1.23 -6.10
O2' TLN A 5 5.23 -1.34 -7.45
O3' TLN A 5 5.45 -3.58 -5.76
C6' TLN A 5 4.46 -2.39 -8.04
H5' TLN A 5 1.98 -3.90 -7.95
H5'' TLN A 5 3.29 -4.82 -7.16
H1' TLN A 5 3.44 0.39 -6.74
H6 TLN A 5 1.76 -1.93 -4.53
H71 TLN A 5 0.16 -2.32 -2.90
H72 TLN A 5 1.04 -2.06 -1.38
H73 TLN A 5 -0.32 -1.00 -1.81
H3 TLN A 5 3.04 2.29 -2.62
H3' TLN A 5 3.82 -2.71 -4.77
H2' TLN A 5 5.45 -0.76 -5.41
H6'1 TLN A 5 5.09 -3.26 -8.21
H6'2 TLN A 5 3.99 -2.10 -8.98
P LCA A 6 6.29 -3.96 -4.43
O1P LCA A 6 7.41 -4.84 -4.85
O5' LCA A 6 6.90 -2.56 -3.94
C5' LCA A 6 7.98 -1.91 -4.61
C3' LCA A 6 8.69 -0.88 -2.38
C6' LCA A 6 9.52 0.18 -4.33
N9 LCA A 6 6.39 0.97 -1.66
C8 LCA A 6 5.42 -0.01 -1.59
C4 LCA A 6 6.11 1.84 -0.65
N7 LCA A 6 4.54 0.19 -0.65
C5 LCA A 6 4.95 1.38 -0.06
C6 LCA A 6 4.42 2.17 0.99
C2' LCA A 6 8.84 0.64 -2.21
N6 LCA A 6 3.28 1.86 1.61
C4' LCA A 6 8.31 -0.64 -3.84
C1' LCA A 6 7.46 1.12 -2.68
C2 LCA A 6 6.23 3.58 0.74
N1 LCA A 6 5.10 3.27 1.37
O4' LCA A 6 7.21 0.26 -3.79
O2P LCA A 6 5.33 -4.43 -3.40
N3 LCA A 6 6.80 2.95 -0.28
O3' LCA A 6 9.91 -1.59 -2.18
O2' LCA A 6 9.78 1.02 -3.21
H5'1 LCA A 6 7.69 -1.67 -5.63
H5'2 LCA A 6 8.85 -2.57 -4.63
H3' LCA A 6 7.87 -1.30 -1.79
H6'1 LCA A 6 10.37 -0.47 -4.52
H6'2 LCA A 6 9.26 0.77 -5.21
H8 LCA A 6 5.38 -0.86 -2.26
H2'1 LCA A 6 9.10 0.96 -1.21
H61 LCA A 6 2.92 2.47 2.34
H62 LCA A 6 2.77 1.04 1.32
H1' LCA A 6 7.51 2.16 -3.01
H2 LCA A 6 6.76 4.45 1.09
P TLN A 7 10.22 -2.41 -0.83
OP1 TLN A 7 11.59 -2.94 -0.91
OP2 TLN A 7 9.08 -3.33 -0.59
O5' TLN A 7 10.17 -1.28 0.32
C5' TLN A 7 11.21 -0.32 0.47
C4' TLN A 7 10.77 0.67 1.56
O4' TLN A 7 9.55 1.32 1.20
C1' TLN A 7 8.95 1.78 2.41
N1 TLN A 7 7.66 1.10 2.74
C6 TLN A 7 7.27 -0.06 2.11
C5 TLN A 7 6.10 -0.67 2.40
C5M TLN A 7 5.73 -1.96 1.68
C4 TLN A 7 5.17 -0.09 3.36
O4 TLN A 7 4.07 -0.55 3.67
N3 TLN A 7 5.62 1.08 3.95
C2 TLN A 7 6.83 1.71 3.70
O2 TLN A 7 7.14 2.73 4.30
C3' TLN A 7 10.49 0.05 2.93
C2' TLN A 7 10.07 1.44 3.41
O2' TLN A 7 11.19 2.29 3.12
O3' TLN A 7 11.62 -0.47 3.62
C6' TLN A 7 11.79 1.74 1.94
H5' TLN A 7 11.35 0.21 -0.46
H5'' TLN A 7 12.12 -0.81 0.77
H1' TLN A 7 8.79 2.86 2.39
H6 TLN A 7 7.93 -0.52 1.39
H71 TLN A 7 6.33 -2.07 0.77
H72 TLN A 7 5.94 -2.80 2.35
H73 TLN A 7 4.68 -1.97 1.42
H3 TLN A 7 5.01 1.53 4.62
H3' TLN A 7 9.68 -0.66 2.91
H2' TLN A 7 9.73 1.49 4.44
H6'1 TLN A 7 11.96 2.47 1.16
H6'2 TLN A 7 12.74 1.27 2.20
P LCG A 8 11.47 -1.47 4.87
OP1 LCG A 8 12.83 -1.73 5.41
O5' LCG A 8 10.65 -0.61 5.96
C5' LCG A 8 11.22 0.46 6.66
C3' LCG A 8 9.56 0.09 8.61
C6' LCG A 8 10.59 2.22 8.48
N9 LCG A 8 6.85 0.69 7.44
C8 LCG A 8 6.84 -0.35 6.54
C4 LCG A 8 5.58 0.71 7.98
N7 LCG A 8 5.70 -0.98 6.45
C5 LCG A 8 4.88 -0.31 7.35
C6 LCG A 8 3.51 -0.53 7.71
C2' LCG A 8 8.65 1.22 9.08
O6 LCG A 8 2.74 -1.37 7.25
C4' LCG A 8 10.14 1.06 7.58
C1' LCG A 8 7.95 1.62 7.78
C2 LCG A 8 3.84 1.33 9.27
N1 LCG A 8 3.05 0.35 8.69
O4' LCG A 8 9.01 1.52 6.84
OP2 LCG A 8 10.64 -2.61 4.45
N2 LCG A 8 3.26 2.07 10.21
N3 LCG A 8 5.11 1.55 8.93
O2' LCG A 8 9.54 2.29 9.44
O3' LCG A 8 10.48 -0.35 9.59
H5' LCG A 8 11.57 1.23 5.97
H5'' LCG A 8 12.06 0.11 7.27
H3' LCG A 8 9.03 -0.73 8.15
H6'1 LCG A 8 10.66 3.15 7.91
H6'2 LCG A 8 11.54 1.99 8.97
H8 LCG A 8 7.71 -0.61 5.94
H2' LCG A 8 7.94 0.96 9.87
H1' LCG A 8 7.58 2.64 7.87
H1 LCG A 8 2.10 0.24 9.00
H21 LCG A 8 2.30 1.89 10.49
H22 LCG A 8 3.80 2.81 10.65
O5' LCC A 9 8.87 -1.05 11.42
C5' LCC A 9 8.97 -0.02 12.40
C4' LCC A 9 7.59 0.17 13.03
O4' LCC A 9 6.61 0.61 12.09
C1' LCC A 9 5.34 0.24 12.62
N1 LCC A 9 4.64 -0.79 11.80
C6 LCC A 9 5.30 -1.53 10.84
C5 LCC A 9 4.67 -2.48 10.11
C5M LCC A 9 5.43 -3.31 9.09
C4 LCC A 9 3.26 -2.68 10.36
N4 LCC A 9 2.55 -3.57 9.68
N3 LCC A 9 2.63 -1.94 11.29
C2 LCC A 9 3.28 -1.00 12.02
O2 LCC A 9 2.66 -0.35 12.87
C3' LCC A 9 6.99 -1.11 13.65
C2' LCC A 9 5.76 -0.29 14.00
O2' LCC A 9 6.25 0.82 14.77
O3' LCC A 9 7.67 -1.67 14.76
C6' LCC A 9 7.55 1.10 14.24
P LCC A 9 10.14 -1.58 10.58
O1P LCC A 9 11.27 -1.76 11.51
O2P LCC A 9 9.68 -2.72 9.76
H5'1 LCC A 9 9.29 0.90 11.93
H5'2 LCC A 9 9.70 -0.32 13.16
H1' LCC A 9 4.68 1.10 12.73
H6 LCC A 9 6.36 -1.37 10.69
H5M1 LCC A 9 5.55 -4.32 9.45
H5M2 LCC A 9 4.89 -3.31 8.14
H5M3 LCC A 9 6.42 -2.88 8.91
H41 LCC A 9 1.56 -3.68 9.88
H42 LCC A 9 2.99 -4.13 8.97
H3' LCC A 9 6.79 -1.87 12.90
H2'1 LCC A 9 4.98 -0.86 14.50
H3T LCC A 9 8.49 -2.07 14.45
H6'1 LCC A 9 7.68 2.16 13.96
H6'2 LCC A 9 8.31 0.82 14.97
N1 LKC A 1 -13.63 5.21 -2.77
C2 LKC A 1 -12.99 5.01 -4.00
N3 LKC A 1 -11.77 5.56 -4.22
C4 LKC A 1 -11.15 6.28 -3.26
C5 LKC A 1 -11.77 6.48 -1.97
C6 LKC A 1 -13.01 5.93 -1.77
O2 LKC A 1 -13.52 4.33 -4.89
N4 LKC A 1 -9.96 6.80 -3.56
C1' LKC A 1 -15.01 4.67 -2.60
C2' LKC A 1 -15.03 3.17 -2.30
C3' LKC A 1 -14.96 3.16 -0.77
C4' LKC A 1 -16.18 4.08 -0.75
O4' LKC A 1 -15.72 5.20 -1.49
O3' LKC A 1 -15.17 1.88 -0.20
C5' LKC A 1 -16.67 4.45 0.65
O5' LKC A 1 -17.83 5.25 0.58
C5A LKC A 1 -11.10 7.28 -0.86
O2' LKC A 1 -16.34 2.71 -2.61
C6' LKC A 1 -17.18 3.28 -1.61
H6 LKC A 1 -13.50 6.06 -0.82
H41 LKC A 1 -9.57 6.65 -4.47
H42 LKC A 1 -9.46 7.34 -2.87
H1' LKC A 1 -15.58 4.86 -3.52
H2'1 LKC A 1 -14.23 2.62 -2.78
H3' LKC A 1 -14.07 3.65 -0.38
H5'1 LKC A 1 -16.90 3.54 1.21
H5'2 LKC A 1 -15.87 5.00 1.18
H5T LKC A 1 -17.62 6.02 0.04
H5M1 LKC A 1 -10.09 6.90 -0.71
H5M2 LKC A 1 -11.05 8.32 -1.15
H5M3 LKC A 1 -11.65 7.18 0.07
H6'1 LKC A 1 -17.92 3.94 -2.06
H6'2 LKC A 1 -17.65 2.49 -1.02
P TLN A 2 -13.96 0.85 0.04
OP1 TLN A 2 -14.51 -0.37 0.69
OP2 TLN A 2 -12.86 1.59 0.71
O5' TLN A 2 -13.46 0.47 -1.45
C5' TLN A 2 -14.22 -0.36 -2.31
C4' TLN A 2 -13.47 -0.50 -3.63
O4' TLN A 2 -13.30 0.77 -4.28
C1' TLN A 2 -12.16 0.66 -5.14
N1 TLN A 2 -11.01 1.52 -4.70
C6 TLN A 2 -10.96 2.09 -3.44
C5 TLN A 2 -9.96 2.93 -3.08
C5M TLN A 2 -9.96 3.48 -1.67
C4 TLN A 2 -8.91 3.28 -4.02
O4 TLN A 2 -8.00 4.08 -3.82
N3 TLN A 2 -9.00 2.65 -5.25
C2 TLN A 2 -9.99 1.75 -5.63
O2 TLN A 2 -9.95 1.21 -6.73
C3' TLN A 2 -12.05 -1.06 -3.52
C2' TLN A 2 -11.85 -0.85 -5.02
O2' TLN A 2 -12.96 -1.62 -5.56
O3' TLN A 2 -11.96 -2.42 -3.12
C6' TLN A 2 -14.09 -1.44 -4.67
H5' TLN A 2 -15.19 0.09 -2.49
H5'' TLN A 2 -14.34 -1.35 -1.85
H1' TLN A 2 -12.40 0.92 -6.17
H6 TLN A 2 -11.72 1.86 -2.72
H71 TLN A 2 -10.97 3.63 -1.31
H72 TLN A 2 -9.44 2.78 -1.01
H73 TLN A 2 -9.43 4.44 -1.63
H3 TLN A 2 -8.28 2.83 -5.93
H3' TLN A 2 -11.40 -0.42 -2.91
H2' TLN A 2 -10.84 -1.06 -5.42
H6'1 TLN A 2 -14.95 -0.99 -5.18
H6'2 TLN A 2 -14.49 -2.37 -4.20
P LCG A 3 -10.60 -3.04 -2.53
OP1 LCG A 3 -10.81 -4.50 -2.36
O5' LCG A 3 -9.51 -2.81 -3.69
C5' LCG A 3 -9.54 -3.54 -4.91
C3' LCG A 3 -7.01 -3.18 -5.30
C6' LCG A 3 -8.31 -3.75 -7.17
N9 LCG A 3 -6.64 -0.18 -5.60
C8 LCG A 3 -6.97 0.20 -4.32
C4 LCG A 3 -5.58 0.63 -5.94
N7 LCG A 3 -6.26 1.18 -3.84
C5 LCG A 3 -5.37 1.47 -4.87
C6 LCG A 3 -4.35 2.48 -4.96
C2' LCG A 3 -6.51 -2.50 -6.56
O6 LCG A 3 -4.03 3.32 -4.12
C4' LCG A 3 -8.43 -3.02 -5.82
C1' LCG A 3 -7.27 -1.17 -6.51
C2 LCG A 3 -3.92 1.55 -7.18
N1 LCG A 3 -3.66 2.44 -6.17
O4' LCG A 3 -8.55 -1.61 -6.07
OP2 LCG A 3 -10.20 -2.23 -1.36
N2 LCG A 3 -3.16 1.62 -8.27
N3 LCG A 3 -4.89 0.62 -7.12
O2' LCG A 3 -7.05 -3.26 -7.64
O3' LCG A 3 -6.57 -4.53 -5.14
H5' LCG A 3 -10.50 -3.42 -5.39
H5'' LCG A 3 -9.38 -4.60 -4.70
H3' LCG A 3 -6.83 -2.60 -4.39
H6'1 LCG A 3 -9.14 -3.55 -7.86
H6'2 LCG A 3 -8.24 -4.82 -7.00
H8 LCG A 3 -7.77 -0.24 -3.74
H2' LCG A 3 -5.44 -2.37 -6.61
H1' LCG A 3 -7.34 -0.72 -7.50
H1 LCG A 3 -2.93 3.12 -6.31
H21 LCG A 3 -2.42 2.31 -8.33
H22 LCG A 3 -3.34 1.00 -9.04
P LCA A 4 -5.21 -4.92 -4.39
O1P LCA A 4 -5.04 -6.38 -4.47
O5' LCA A 4 -4.04 -4.23 -5.27
C5' LCA A 4 -3.72 -4.66 -6.57
C3' LCA A 4 -1.31 -3.73 -6.43
C6' LCA A 4 -2.22 -3.96 -8.59
N9 LCA A 4 -1.76 -0.71 -5.97
C8 LCA A 4 -2.49 -0.82 -4.81
C4 LCA A 4 -0.94 0.39 -5.77
N7 LCA A 4 -2.25 0.11 -3.93
C5 LCA A 4 -1.28 0.89 -4.54
C6 LCA A 4 -0.63 2.08 -4.12
C2' LCA A 4 -0.84 -2.63 -7.37
N6 LCA A 4 -0.90 2.71 -2.98
C4' LCA A 4 -2.65 -3.72 -7.13
C1' LCA A 4 -1.92 -1.56 -7.19
C2 LCA A 4 0.58 2.03 -6.09
N1 LCA A 4 0.31 2.62 -4.93
O4' LCA A 4 -3.08 -2.37 -7.06
O2P LCA A 4 -5.21 -4.26 -3.06
N3 LCA A 4 0.01 0.93 -6.61
O3' LCA A 4 -0.60 -4.96 -6.57
O2' LCA A 4 -1.02 -3.19 -8.67
H5'1 LCA A 4 -4.60 -4.63 -7.20
H5'2 LCA A 4 -3.32 -5.68 -6.54
H3' LCA A 4 -1.38 -3.41 -5.38
H6'1 LCA A 4 -2.01 -5.01 -8.76
H6'2 LCA A 4 -2.97 -3.59 -9.29
H8 LCA A 4 -3.22 -1.60 -4.64
H2'1 LCA A 4 0.17 -2.27 -7.18
H61 LCA A 4 -0.44 3.59 -2.75
H62 LCA A 4 -1.62 2.33 -2.37
H1' LCA A 4 -2.04 -0.98 -8.10
H2 LCA A 4 1.37 2.53 -6.64
P TLN A 5 0.68 -5.32 -5.65
OP1 TLN A 5 1.25 -6.59 -6.15
OP2 TLN A 5 0.27 -5.21 -4.23
O5' TLN A 5 1.73 -4.14 -5.95
C5' TLN A 5 2.46 -4.04 -7.15
C4' TLN A 5 3.33 -2.78 -7.05
O4' TLN A 5 2.53 -1.60 -6.91
C1' TLN A 5 3.34 -0.63 -6.26
N1 TLN A 5 2.86 -0.27 -4.90
C6 TLN A 5 1.97 -1.08 -4.22
C5 TLN A 5 1.44 -0.72 -3.02
C5M TLN A 5 0.47 -1.67 -2.33
C4 TLN A 5 1.81 0.54 -2.39
O4 TLN A 5 1.37 0.96 -1.31
N3 TLN A 5 2.72 1.30 -3.11
C2 TLN A 5 3.28 0.94 -4.34
O2 TLN A 5 4.11 1.69 -4.88
C3' TLN A 5 4.28 -2.78 -5.85
C2' TLN A 5 4.69 -1.37 -6.24
O2' TLN A 5 5.14 -1.49 -7.60
O3' TLN A 5 5.33 -3.73 -5.92
C6' TLN A 5 4.33 -2.51 -8.18
H5' TLN A 5 1.78 -3.95 -8.00
H5'' TLN A 5 3.10 -4.92 -7.28
H1' TLN A 5 3.41 0.28 -6.86
H6 TLN A 5 1.70 -2.02 -4.65
H71 TLN A 5 0.98 -2.18 -1.51
H72 TLN A 5 -0.37 -1.10 -1.93
H73 TLN A 5 0.09 -2.40 -3.03
H3 TLN A 5 3.02 2.17 -2.71
H3' TLN A 5 3.74 -2.83 -4.90
H2' TLN A 5 5.40 -0.92 -5.56
H6'1 TLN A 5 4.93 -3.40 -8.36
H6'2 TLN A 5 3.84 -2.21 -9.11
P LCA A 6 6.13 -4.20 -4.60
O1P LCA A 6 7.24 -5.08 -5.04
O5' LCA A 6 6.77 -2.84 -4.03
C5' LCA A 6 7.86 -2.19 -4.65
C3' LCA A 6 8.54 -1.18 -2.37
C6' LCA A 6 9.40 -0.12 -4.31
N9 LCA A 6 6.25 0.68 -1.67
C8 LCA A 6 5.28 -0.28 -1.59
C4 LCA A 6 5.99 1.54 -0.64
N7 LCA A 6 4.41 -0.08 -0.64
C5 LCA A 6 4.84 1.10 -0.05
C6 LCA A 6 4.34 1.89 1.01
C2' LCA A 6 8.69 0.32 -2.19
N6 LCA A 6 3.20 1.59 1.65
C4' LCA A 6 8.19 -0.93 -3.83
C1' LCA A 6 7.33 0.83 -2.68
C2 LCA A 6 6.15 3.29 0.76
N1 LCA A 6 5.02 2.99 1.40
O4' LCA A 6 7.09 -0.03 -3.79
O2P LCA A 6 5.14 -4.69 -3.61
N3 LCA A 6 6.72 2.65 -0.27
O3' LCA A 6 9.74 -1.91 -2.17
O2' LCA A 6 9.66 0.70 -3.17
H5'1 LCA A 6 7.60 -1.90 -5.67
H5'2 LCA A 6 8.73 -2.84 -4.66
H3' LCA A 6 7.70 -1.61 -1.83
H6'1 LCA A 6 10.25 -0.77 -4.50
H6'2 LCA A 6 9.16 0.48 -5.18
H8 LCA A 6 5.22 -1.13 -2.26
H2'1 LCA A 6 8.94 0.64 -1.19
H61 LCA A 6 2.84 2.20 2.38
H62 LCA A 6 2.67 0.78 1.36
H1' LCA A 6 7.39 1.87 -3.01
H2 LCA A 6 6.71 4.14 1.11
P TLN A 7 10.04 -2.69 -0.78
OP1 TLN A 7 11.41 -3.24 -0.86
OP2 TLN A 7 8.90 -3.59 -0.51
O5' TLN A 7 10.03 -1.53 0.33
C5' TLN A 7 11.06 -0.56 0.44
C4' TLN A 7 10.63 0.47 1.49
O4' TLN A 7 9.38 1.08 1.15
C1' TLN A 7 8.83 1.57 2.36
N1 TLN A 7 7.58 0.88 2.78
C6 TLN A 7 7.19 -0.33 2.22
C5 TLN A 7 6.02 -0.93 2.54
C5M TLN A 7 5.65 -2.24 1.88
C4 TLN A 7 5.11 -0.31 3.50
O4 TLN A 7 4.02 -0.77 3.85
N3 TLN A 7 5.56 0.89 4.04
C2 TLN A 7 6.77 1.51 3.73
O2 TLN A 7 7.07 2.57 4.28
C3' TLN A 7 10.44 -0.06 2.91
C2' TLN A 7 10.01 1.34 3.32
O2' TLN A 7 11.09 2.20 2.92
O3' TLN A 7 11.63 -0.49 3.58
C6' TLN A 7 11.64 1.60 1.75
H5' TLN A 7 11.20 -0.07 -0.53
H5'' TLN A 7 11.99 -1.05 0.74
H1' TLN A 7 8.62 2.64 2.28
H6 TLN A 7 7.85 -0.82 1.51
H71 TLN A 7 5.82 -3.05 2.59
H72 TLN A 7 4.60 -2.23 1.59
H73 TLN A 7 6.25 -2.40 0.99
H3 TLN A 7 4.96 1.35 4.70
H3' TLN A 7 9.66 -0.80 2.97
H2' TLN A 7 9.72 1.45 4.36
H6'1 TLN A 7 11.73 2.29 0.91
H6'2 TLN A 7 12.62 1.18 1.98
P LCG A 8 11.59 -1.36 4.93
OP1 LCG A 8 12.97 -1.53 5.41
O5' LCG A 8 10.78 -0.44 5.98
C5' LCG A 8 11.36 0.73 6.55
C3' LCG A 8 9.81 0.54 8.61
C6' LCG A 8 10.70 2.68 8.17
N9 LCG A 8 7.04 0.79 7.46
C8 LCG A 8 7.08 -0.32 6.65
C4 LCG A 8 5.79 0.77 8.03
N7 LCG A 8 5.98 -1.02 6.63
C5 LCG A 8 5.14 -0.32 7.49
C6 LCG A 8 3.78 -0.58 7.87
C2' LCG A 8 8.84 1.65 8.98
O6 LCG A 8 3.05 -1.49 7.48
C4' LCG A 8 10.29 1.38 7.44
C1' LCG A 8 8.08 1.83 7.66
C2 LCG A 8 4.01 1.38 9.30
N1 LCG A 8 3.28 0.34 8.79
O4' LCG A 8 9.11 1.69 6.70
OP2 LCG A 8 10.75 -2.57 4.68
N2 LCG A 8 3.40 2.16 10.19
N3 LCG A 8 5.29 1.65 8.94
O2' LCG A 8 9.67 2.80 9.14
O3' LCG A 8 10.80 0.28 9.61
H5' LCG A 8 11.65 1.43 5.77
H5'' LCG A 8 12.23 0.47 7.15
H3' LCG A 8 9.32 -0.38 8.28
H6'1 LCG A 8 10.69 3.53 7.48
H6'2 LCG A 8 11.67 2.57 8.64
H8 LCG A 8 7.95 -0.60 6.08
H2' LCG A 8 8.18 1.46 9.81
H1' LCG A 8 7.64 2.82 7.62
H1 LCG A 8 2.33 0.20 9.11
H21 LCG A 8 2.45 1.96 10.48
H22 LCG A 8 3.89 2.95 10.58
O5' LCC A 9 9.29 -0.28 11.57
C5' LCC A 9 9.32 0.85 12.42
C4' LCC A 9 7.93 1.01 13.05
O4' LCC A 9 6.92 1.27 12.08
C1' LCC A 9 5.68 0.84 12.66
N1 LCC A 9 5.09 -0.34 11.95
C6 LCC A 9 5.84 -1.11 11.08
C5 LCC A 9 5.29 -2.18 10.44
C5M LCC A 9 6.14 -3.03 9.50
C4 LCC A 9 3.89 -2.46 10.68
N4 LCC A 9 3.28 -3.48 10.08
N3 LCC A 9 3.18 -1.69 11.52
C2 LCC A 9 3.73 -0.63 12.17
O2 LCC A 9 3.05 0.06 12.93
C3' LCC A 9 7.45 -0.23 13.82
C2' LCC A 9 6.15 0.50 14.09
O2' LCC A 9 6.54 1.72 14.73
O3' LCC A 9 8.15 -0.58 15.00
C6' LCC A 9 7.80 2.08 14.15
P LCC A 9 10.57 -0.82 10.77
O1P LCC A 9 11.74 -0.77 11.68
O2P LCC A 9 10.19 -2.10 10.13
H5'1 LCC A 9 9.57 1.75 11.85
H5'2 LCC A 9 10.07 0.70 13.20
H1' LCC A 9 4.94 1.64 12.69
H6 LCC A 9 6.87 -0.88 10.92
H5M1 LCC A 9 7.08 -2.52 9.28
H5M2 LCC A 9 6.35 -3.99 9.98
H5M3 LCC A 9 5.60 -3.20 8.57
H41 LCC A 9 2.29 -3.63 10.26
H42 LCC A 9 3.77 -4.06 9.43
H3' LCC A 9 7.33 -1.10 13.18
H2'1 LCC A 9 5.42 -0.07 14.65
H3T LCC A 9 8.09 0.16 15.61
H6'1 LCC A 9 7.83 3.09 13.74
H6'2 LCC A 9 8.59 1.97 14.88
N1 LKC A 1 -14.17 5.60 -4.63
C2 LKC A 1 -13.35 5.28 -5.73
N3 LKC A 1 -12.07 5.75 -5.75
C4 LKC A 1 -11.57 6.47 -4.74
C5 LKC A 1 -12.39 6.77 -3.57
C6 LKC A 1 -13.66 6.31 -3.57
O2 LKC A 1 -13.77 4.61 -6.67
N4 LKC A 1 -10.31 6.89 -4.84
C1' LKC A 1 -15.59 5.14 -4.68
C2' LKC A 1 -15.75 3.66 -4.35
C3' LKC A 1 -15.88 3.67 -2.84
C4' LKC A 1 -17.02 4.67 -2.99
O4' LKC A 1 -16.43 5.74 -3.70
O3' LKC A 1 -16.24 2.43 -2.26
C5' LKC A 1 -17.71 5.11 -1.68
O5' LKC A 1 -16.75 5.59 -0.75
C5A LKC A 1 -11.84 7.57 -2.41
O2' LKC A 1 -17.03 3.27 -4.82
C6' LKC A 1 -17.96 3.92 -3.94
H6 LKC A 1 -14.29 6.52 -2.72
H41 LKC A 1 -9.78 6.65 -5.67
H42 LKC A 1 -9.89 7.42 -4.09
H1' LKC A 1 -15.99 5.33 -5.67
H2'1 LKC A 1 -14.93 3.04 -4.73
H3' LKC A 1 -15.01 4.12 -2.34
H5'1 LKC A 1 -18.42 5.90 -1.90
H5'2 LKC A 1 -18.23 4.26 -1.24
H5T LKC A 1 -16.17 4.88 -0.51
H5M1 LKC A 1 -11.55 8.56 -2.74
H5M2 LKC A 1 -12.59 7.67 -1.62
H5M3 LKC A 1 -10.97 7.05 -1.98
H6'1 LKC A 1 -18.59 4.60 -4.50
H6'2 LKC A 1 -18.55 3.17 -3.42
P TLN A 2 -15.13 1.33 -1.83
OP1 TLN A 2 -15.84 0.18 -1.25
OP2 TLN A 2 -14.08 2.03 -1.06
O5' TLN A 2 -14.49 0.86 -3.25
C5' TLN A 2 -15.20 0.06 -4.17
C4' TLN A 2 -14.31 -0.16 -5.41
O4' TLN A 2 -14.00 1.09 -6.04
C1' TLN A 2 -12.80 0.89 -6.77
N1 TLN A 2 -11.65 1.68 -6.24
C6 TLN A 2 -11.67 2.26 -4.99
C5 TLN A 2 -10.65 3.02 -4.52
C5M TLN A 2 -10.75 3.59 -3.12
C4 TLN A 2 -9.48 3.28 -5.35
O4 TLN A 2 -8.51 3.98 -5.05
N3 TLN A 2 -9.51 2.64 -6.59
C2 TLN A 2 -10.53 1.84 -7.07
O2 TLN A 2 -10.42 1.31 -8.18
C3' TLN A 2 -12.95 -0.79 -5.14
C2' TLN A 2 -12.59 -0.62 -6.61
O2' TLN A 2 -13.69 -1.33 -7.26
O3' TLN A 2 -12.98 -2.16 -4.73
C6' TLN A 2 -14.89 -1.08 -6.50
H5' TLN A 2 -16.12 0.54 -4.47
H5'' TLN A 2 -15.42 -0.91 -3.71
H1' TLN A 2 -12.92 1.15 -7.83
H6 TLN A 2 -12.52 2.10 -4.34
H71 TLN A 2 -10.12 4.47 -3.02
H72 TLN A 2 -11.77 3.86 -2.89
H73 TLN A 2 -10.41 2.84 -2.40
H3 TLN A 2 -8.70 2.78 -7.19
H3' TLN A 2 -12.33 -0.19 -4.47
H2' TLN A 2 -11.56 -0.91 -6.91
H6'1 TLN A 2 -15.67 -0.59 -7.09
H6'2 TLN A 2 -15.39 -1.98 -6.05
P LCG A 3 -11.73 -2.85 -3.99
OP1 LCG A 3 -12.02 -4.29 -3.85
O5' LCG A 3 -10.51 -2.67 -5.03
C5' LCG A 3 -10.43 -3.41 -6.24
C3' LCG A 3 -7.86 -3.17 -6.34
C6' LCG A 3 -8.96 -3.69 -8.36
N9 LCG A 3 -7.31 -0.21 -6.60
C8 LCG A 3 -7.73 0.15 -5.34
C4 LCG A 3 -6.17 0.54 -6.81
N7 LCG A 3 -6.98 1.04 -4.76
C5 LCG A 3 -5.99 1.31 -5.69
C6 LCG A 3 -4.87 2.21 -5.62
C2' LCG A 3 -7.19 -2.53 -7.55
O6 LCG A 3 -4.55 2.97 -4.71
C4' LCG A 3 -9.21 -2.95 -7.03
C1' LCG A 3 -7.89 -1.15 -7.58
C2 LCG A 3 -4.34 1.36 -7.86
N1 LCG A 3 -4.08 2.17 -6.78
O4' LCG A 3 -9.23 -1.54 -7.28
OP2 LCG A 3 -11.42 -2.05 -2.79
N2 LCG A 3 -3.50 1.45 -8.89
N3 LCG A 3 -5.39 0.52 -7.93
O2' LCG A 3 -7.64 -3.26 -8.68
O3' LCG A 3 -7.49 -4.54 -6.14
H5' LCG A 3 -11.33 -3.25 -6.83
H5'' LCG A 3 -10.33 -4.47 -6.01
H3' LCG A 3 -7.76 -2.59 -5.43
H6'1 LCG A 3 -9.70 -3.46 -9.13
H6'2 LCG A 3 -8.97 -4.76 -8.18
H8 LCG A 3 -8.61 -0.26 -4.85
H2' LCG A 3 -6.11 -2.44 -7.48
H1' LCG A 3 -7.82 -0.71 -8.57
H1 LCG A 3 -3.28 2.79 -6.81
H21 LCG A 3 -2.70 2.07 -8.84
H22 LCG A 3 -3.66 0.88 -9.70
P LCA A 4 -6.30 -4.98 -5.15
O1P LCA A 4 -6.14 -6.44 -5.26
O5' LCA A 4 -4.98 -4.27 -5.77
C5' LCA A 4 -4.43 -4.68 -7.01
C3' LCA A 4 -2.06 -3.83 -6.45
C6' LCA A 4 -2.64 -3.99 -8.74
N9 LCA A 4 -2.39 -0.80 -6.02
C8 LCA A 4 -3.22 -0.91 -4.93
C4 LCA A 4 -1.52 0.24 -5.70
N7 LCA A 4 -3.00 -0.05 -3.99
C5 LCA A 4 -1.93 0.70 -4.46
C6 LCA A 4 -1.23 1.81 -3.92
C2' LCA A 4 -1.40 -2.75 -7.30
N6 LCA A 4 -1.54 2.38 -2.76
C4' LCA A 4 -3.27 -3.75 -7.36
C1' LCA A 4 -2.45 -1.62 -7.27
C2 LCA A 4 0.12 1.77 -5.79
N1 LCA A 4 -0.20 2.32 -4.62
O4' LCA A 4 -3.66 -2.38 -7.30
O2P LCA A 4 -6.56 -4.36 -3.83
N3 LCA A 4 -0.47 0.76 -6.42
O3' LCA A 4 -1.36 -5.07 -6.49
O2' LCA A 4 -1.40 -3.28 -8.63
H5'1 LCA A 4 -5.20 -4.62 -7.80
H5'2 LCA A 4 -4.08 -5.70 -6.94
H3' LCA A 4 -2.28 -3.50 -5.43
H6'1 LCA A 4 -2.44 -5.05 -8.90
H6'2 LCA A 4 -3.26 -3.57 -9.53
H8 LCA A 4 -4.00 -1.65 -4.86
H2'1 LCA A 4 -0.42 -2.45 -6.96
H61 LCA A 4 -1.04 3.19 -2.43
H62 LCA A 4 -2.32 2.02 -2.22
H1' LCA A 4 -2.42 -1.04 -8.18
H2 LCA A 4 0.99 2.26 -6.24
P TLN A 5 -0.24 -5.45 -5.40
OP1 TLN A 5 0.36 -6.75 -5.79
OP2 TLN A 5 -0.84 -5.30 -4.06
O5' TLN A 5 0.89 -4.32 -5.55
C5' TLN A 5 1.77 -4.25 -6.66
C4' TLN A 5 2.66 -3.02 -6.48
O4' TLN A 5 1.89 -1.80 -6.39
C1' TLN A 5 2.71 -0.86 -5.71
N1 TLN A 5 2.18 -0.47 -4.36
C6 TLN A 5 1.21 -1.21 -3.73
C5 TLN A 5 0.69 -0.86 -2.53
C5M TLN A 5 -0.38 -1.73 -1.91
C4 TLN A 5 1.16 0.34 -1.84
O4 TLN A 5 0.76 0.74 -0.76
N3 TLN A 5 2.14 1.04 -2.53
C2 TLN A 5 2.69 0.69 -3.76
O2 TLN A 5 3.58 1.38 -4.26
C3' TLN A 5 3.52 -3.04 -5.21
C2' TLN A 5 4.01 -1.66 -5.59
O2' TLN A 5 4.55 -1.80 -6.90
O3' TLN A 5 4.55 -4.03 -5.20
C6' TLN A 5 3.75 -2.79 -7.54
H5' TLN A 5 1.19 -4.15 -7.59
H5'' TLN A 5 2.38 -5.15 -6.71
H1' TLN A 5 2.85 0.05 -6.29
H6 TLN A 5 0.87 -2.12 -4.22
H71 TLN A 5 0.06 -2.37 -1.15
H72 TLN A 5 -1.15 -1.10 -1.44
H73 TLN A 5 -0.86 -2.36 -2.66
H3 TLN A 5 2.51 1.87 -2.09
H3' TLN A 5 2.93 -3.07 -4.30
H2' TLN A 5 4.68 -1.21 -4.85
H6'1 TLN A 5 4.33 -3.70 -7.67
H6'2 TLN A 5 3.34 -2.48 -8.50
P LCA A 6 5.36 -4.39 -3.85
O1P LCA A 6 6.42 -5.36 -4.21
O5' LCA A 6 6.06 -3.01 -3.41
C5' LCA A 6 7.14 -2.43 -4.12
C3' LCA A 6 8.03 -1.30 -1.99
C6' LCA A 6 8.67 -0.33 -4.05
N9 LCA A 6 5.78 0.57 -1.17
C8 LCA A 6 4.81 -0.38 -0.99
C4 LCA A 6 5.62 1.45 -0.13
N7 LCA A 6 4.03 -0.16 0.04
C5 LCA A 6 4.53 1.02 0.59
C6 LCA A 6 4.15 1.80 1.69
C2' LCA A 6 8.17 0.21 -1.90
N6 LCA A 6 3.10 1.49 2.45
C4' LCA A 6 7.53 -1.13 -3.42
C1' LCA A 6 6.76 0.68 -2.28
C2 LCA A 6 5.92 3.22 1.21
N1 LCA A 6 4.86 2.92 1.97
O4' LCA A 6 6.43 -0.23 -3.32
O2P LCA A 6 4.38 -4.75 -2.80
N3 LCA A 6 6.37 2.57 0.14
O3' LCA A 6 9.27 -1.99 -1.88
O2' LCA A 6 9.03 0.55 -2.98
H5'1 LCA A 6 6.83 -2.23 -5.15
H5'2 LCA A 6 7.99 -3.12 -4.13
H3' LCA A 6 7.27 -1.70 -1.33
H6'1 LCA A 6 9.52 -0.98 -4.29
H6'2 LCA A 6 8.35 0.22 -4.92
H8 LCA A 6 4.67 -1.23 -1.64
H2'1 LCA A 6 8.50 0.58 -0.94
H61 LCA A 6 2.82 2.09 3.21
H62 LCA A 6 2.56 0.66 2.24
H1' LCA A 6 6.78 1.70 -2.66
H2 LCA A 6 6.49 4.09 1.49
P TLN A 7 9.77 -2.65 -0.49
OP1 TLN A 7 11.13 -3.19 -0.69
OP2 TLN A 7 8.70 -3.55 0.00
O5' TLN A 7 9.86 -1.41 0.53
C5' TLN A 7 10.85 -0.41 0.43
C4' TLN A 7 10.52 0.66 1.49
O4' TLN A 7 9.21 1.19 1.30
C1' TLN A 7 8.80 1.70 2.55
N1 TLN A 7 7.66 0.95 3.15
C6 TLN A 7 7.27 -0.29 2.68
C5 TLN A 7 6.15 -0.92 3.13
C5M TLN A 7 5.78 -2.28 2.56
C4 TLN A 7 5.30 -0.31 4.15
O4 TLN A 7 4.28 -0.77 4.61
N3 TLN A 7 5.76 0.94 4.59
C2 TLN A 7 6.90 1.60 4.15
O2 TLN A 7 7.21 2.68 4.63
C3' TLN A 7 10.58 0.20 2.94
C2' TLN A 7 10.10 1.58 3.35
O2' TLN A 7 11.05 2.48 2.76
O3' TLN A 7 11.86 -0.13 3.45
C6' TLN A 7 11.48 1.85 1.55
H5' TLN A 7 10.84 0.03 -0.56
H5'' TLN A 7 11.84 -0.84 0.64
H1' TLN A 7 8.51 2.76 2.48
H6 TLN A 7 7.88 -0.80 1.94
H71 TLN A 7 6.05 -3.06 3.27
H72 TLN A 7 4.70 -2.31 2.37
H73 TLN A 7 6.31 -2.46 1.62
H3 TLN A 7 5.20 1.40 5.30
H3' TLN A 7 9.85 -0.59 3.15
H2' TLN A 7 9.95 1.74 4.41
H6'1 TLN A 7 11.42 2.50 0.68
H6'2 TLN A 7 12.51 1.51 1.67
P LCG A 8 12.06 -0.94 4.84
OP1 LCG A 8 13.51 -0.98 5.13
O5' LCG A 8 11.35 -0.02 5.94
C5' LCG A 8 11.90 1.20 6.41
C3' LCG A 8 10.61 0.97 8.64
C6' LCG A 8 11.30 3.15 8.05
N9 LCG A 8 7.72 1.02 7.78
C8 LCG A 8 7.76 -0.11 7.00
C4 LCG A 8 6.53 0.94 8.47
N7 LCG A 8 6.71 -0.86 7.10
C5 LCG A 8 5.90 -0.20 8.01
C6 LCG A 8 4.60 -0.54 8.52
C2' LCG A 8 9.62 2.04 9.07
O6 LCG A 8 3.91 -1.51 8.23
C4' LCG A 8 10.91 1.82 7.40
C1' LCG A 8 8.70 2.12 7.85
C2 LCG A 8 4.85 1.48 9.89
N1 LCG A 8 4.15 0.36 9.47
O4' LCG A 8 9.64 2.04 6.79
OP2 LCG A 8 11.30 -2.20 4.74
N2 LCG A 8 4.28 2.23 10.83
N3 LCG A 8 6.06 1.82 9.40
O2' LCG A 8 10.38 3.24 9.14
O3' LCG A 8 11.71 0.80 9.53
H5' LCG A 8 12.06 1.88 5.58
H5'' LCG A 8 12.85 1.00 6.91
H3' LCG A 8 10.14 0.02 8.38
H6'1 LCG A 8 11.18 3.97 7.35
H6'2 LCG A 8 12.32 3.11 8.43
H8 LCG A 8 8.59 -0.34 6.34
H2' LCG A 8 9.06 1.83 9.99
H1' LCG A 8 8.20 3.09 7.85
H1 LCG A 8 3.24 0.18 9.88
H21 LCG A 8 3.37 1.97 11.20
H22 LCG A 8 4.75 3.07 11.13
O5' LCC A 9 10.45 0.19 11.65
C5' LCC A 9 10.50 1.35 12.46
C4' LCC A 9 9.19 1.43 13.24
O4' LCC A 9 8.07 1.62 12.38
C1' LCC A 9 6.93 1.13 13.10
N1 LCC A 9 6.33 -0.09 12.47
C6 LCC A 9 7.01 -0.84 11.54
C5 LCC A 9 6.47 -1.95 10.97
C5M LCC A 9 7.26 -2.78 9.98
C4 LCC A 9 5.13 -2.30 11.38
N4 LCC A 9 4.50 -3.37 10.86
N3 LCC A 9 4.46 -1.56 12.27
C2 LCC A 9 5.02 -0.45 12.84
O2 LCC A 9 4.38 0.22 13.65
C3' LCC A 9 8.87 0.18 14.06
C2' LCC A 9 7.56 0.84 14.47
O2' LCC A 9 7.94 2.10 15.05
O3' LCC A 9 9.73 -0.11 15.15
C6' LCC A 9 9.12 2.51 14.34
P LCC A 9 11.68 -0.28 10.72
O1P LCC A 9 12.93 -0.14 11.50
O2P LCC A 9 11.32 -1.60 10.14
H5'1 LCC A 9 10.63 2.25 11.84
H5'2 LCC A 9 11.34 1.27 13.15
H1' LCC A 9 6.14 1.88 13.20
H6 LCC A 9 8.02 -0.56 11.27
H5M1 LCC A 9 7.58 -3.71 10.45
H5M2 LCC A 9 6.64 -3.01 9.11
H5M3 LCC A 9 8.14 -2.22 9.64
H41 LCC A 9 3.55 -3.57 11.15
H42 LCC A 9 4.96 -3.93 10.17
H3' LCC A 9 8.72 -0.70 13.45
H2'1 LCC A 9 6.93 0.24 15.12
H3T LCC A 9 10.57 -0.42 14.79
H6'1 LCC A 9 9.05 3.52 13.92
H6'2 LCC A 9 9.98 2.44 14.99
N1 LKC A 1 -13.10 5.18 -2.85
C2 LKC A 1 -12.46 4.91 -4.07
N3 LKC A 1 -11.21 5.44 -4.28
C4 LKC A 1 -10.60 6.18 -3.36
C5 LKC A 1 -11.23 6.43 -2.08
C6 LKC A 1 -12.47 5.92 -1.88
O2 LKC A 1 -12.99 4.21 -4.93
N4 LKC A 1 -9.39 6.67 -3.65
C1' LKC A 1 -14.50 4.68 -2.68
C2' LKC A 1 -14.55 3.18 -2.33
C3' LKC A 1 -14.48 3.20 -0.81
C4' LKC A 1 -15.67 4.15 -0.81
O4' LKC A 1 -15.21 5.25 -1.58
O3' LKC A 1 -14.71 1.94 -0.21
C5' LKC A 1 -16.14 4.56 0.60
O5' LKC A 1 -17.31 5.35 0.52
C5A LKC A 1 -10.54 7.25 -1.00
O2' LKC A 1 -15.87 2.74 -2.64
C6' LKC A 1 -16.69 3.34 -1.65
H6 LKC A 1 -12.97 6.11 -0.94
H41 LKC A 1 -8.99 6.47 -4.56
H42 LKC A 1 -8.88 7.22 -2.98
H1' LKC A 1 -15.06 4.85 -3.60
H2'1 LKC A 1 -13.77 2.60 -2.82
H3' LKC A 1 -13.58 3.69 -0.44
H5'1 LKC A 1 -16.34 3.67 1.19
H5'2 LKC A 1 -15.35 5.13 1.08
H5T LKC A 1 -18.01 4.84 0.11
H5M1 LKC A 1 -9.59 6.79 -0.73
H5M2 LKC A 1 -10.36 8.27 -1.37
H5M3 LKC A 1 -11.16 7.31 -0.11
H6'1 LKC A 1 -17.43 4.01 -2.10
H6'2 LKC A 1 -17.18 2.58 -1.04
P TLN A 2 -13.52 0.87 0.02
OP1 TLN A 2 -14.08 -0.30 0.71
OP2 TLN A 2 -12.38 1.60 0.62
O5' TLN A 2 -13.09 0.43 -1.47
C5' TLN A 2 -13.91 -0.38 -2.29
C4' TLN A 2 -13.22 -0.57 -3.64
O4' TLN A 2 -13.04 0.68 -4.31
C1' TLN A 2 -11.95 0.51 -5.22
N1 TLN A 2 -10.75 1.33 -4.85
C6 TLN A 2 -10.60 1.89 -3.59
C5 TLN A 2 -9.56 2.72 -3.29
C5M TLN A 2 -9.47 3.28 -1.89
C4 TLN A 2 -8.57 3.06 -4.30
O4 TLN A 2 -7.63 3.84 -4.16
N3 TLN A 2 -8.76 2.43 -5.52
C2 TLN A 2 -9.77 1.54 -5.84
O2 TLN A 2 -9.81 1.00 -6.94
C3' TLN A 2 -11.83 -1.20 -3.60
C2' TLN A 2 -11.71 -1.00 -5.10
O2' TLN A 2 -12.87 -1.72 -5.58
O3' TLN A 2 -11.80 -2.57 -3.20
C6' TLN A 2 -13.95 -1.49 -4.64
H5' TLN A 2 -14.89 0.09 -2.43
H5'' TLN A 2 -14.05 -1.36 -1.81
H1' TLN A 2 -12.22 0.78 -6.23
H6 TLN A 2 -11.32 1.68 -2.82
H71 TLN A 2 -8.97 2.55 -1.24
H72 TLN A 2 -8.89 4.21 -1.88
H73 TLN A 2 -10.46 3.49 -1.49
H3 TLN A 2 -8.07 2.61 -6.24
H3' TLN A 2 -11.13 -0.60 -3.02
H2' TLN A 2 -10.72 -1.27 -5.54
H6'1 TLN A 2 -14.81 -1.00 -5.11
H6'2 TLN A 2 -14.37 -2.39 -4.15
P LCG A 3 -10.45 -3.27 -2.66
OP1 LCG A 3 -10.72 -4.72 -2.50
O5' LCG A 3 -9.40 -3.08 -3.88
C5' LCG A 3 -9.50 -3.82 -5.08
C3' LCG A 3 -6.97 -3.49 -5.55
C6' LCG A 3 -8.33 -4.04 -7.39
N9 LCG A 3 -6.62 -0.48 -5.83
C8 LCG A 3 -6.92 -0.15 -4.53
C4 LCG A 3 -5.59 0.36 -6.19
N7 LCG A 3 -6.19 0.81 -4.04
C5 LCG A 3 -5.34 1.15 -5.10
C6 LCG A 3 -4.33 2.17 -5.18
C2' LCG A 3 -6.51 -2.79 -6.84
O6 LCG A 3 -3.99 2.98 -4.32
C4' LCG A 3 -8.41 -3.31 -6.04
C1' LCG A 3 -7.27 -1.46 -6.75
C2 LCG A 3 -4.01 1.34 -7.47
N1 LCG A 3 -3.70 2.19 -6.42
O4' LCG A 3 -8.53 -1.90 -6.27
OP2 LCG A 3 -9.96 -2.48 -1.52
N2 LCG A 3 -3.30 1.49 -8.58
N3 LCG A 3 -4.97 0.40 -7.40
O2' LCG A 3 -7.08 -3.55 -7.90
O3' LCG A 3 -6.53 -4.83 -5.43
H5' LCG A 3 -10.48 -3.68 -5.53
H5'' LCG A 3 -9.34 -4.88 -4.87
H3' LCG A 3 -6.77 -2.91 -4.65
H6'1 LCG A 3 -9.17 -3.84 -8.07
H6'2 LCG A 3 -8.25 -5.12 -7.23
H8 LCG A 3 -7.69 -0.61 -3.93
H2' LCG A 3 -5.44 -2.66 -6.91
H1' LCG A 3 -7.35 -1.00 -7.74
H1 LCG A 3 -2.97 2.88 -6.55
H21 LCG A 3 -2.56 2.19 -8.64
H22 LCG A 3 -3.51 0.90 -9.38
P LCA A 4 -5.15 -5.22 -4.69
O1P LCA A 4 -4.97 -6.69 -4.82
O5' LCA A 4 -4.00 -4.49 -5.55
C5' LCA A 4 -3.65 -4.90 -6.86
C3' LCA A 4 -1.26 -3.91 -6.67
C6' LCA A 4 -2.15 -4.14 -8.85
N9 LCA A 4 -1.77 -0.92 -6.19
C8 LCA A 4 -2.47 -1.08 -5.02
C4 LCA A 4 -0.97 0.20 -5.97
N7 LCA A 4 -2.25 -0.18 -4.12
C5 LCA A 4 -1.32 0.66 -4.72
C6 LCA A 4 -0.69 1.85 -4.29
C2' LCA A 4 -0.81 -2.80 -7.61
N6 LCA A 4 -0.96 2.45 -3.12
C4' LCA A 4 -2.60 -3.92 -7.40
C1' LCA A 4 -1.91 -1.76 -7.42
C2 LCA A 4 0.50 1.87 -6.26
N1 LCA A 4 0.23 2.42 -5.09
O4' LCA A 4 -3.06 -2.58 -7.31
O2P LCA A 4 -5.17 -4.61 -3.35
N3 LCA A 4 -0.05 0.77 -6.81
O3' LCA A 4 -0.52 -5.12 -6.80
O2' LCA A 4 -0.96 -3.35 -8.91
H5'1 LCA A 4 -4.53 -4.88 -7.50
H5'2 LCA A 4 -3.24 -5.91 -6.84
H3' LCA A 4 -1.37 -3.60 -5.64
H6'1 LCA A 4 -1.91 -5.19 -9.03
H6'2 LCA A 4 -2.90 -3.78 -9.55
H8 LCA A 4 -3.16 -1.90 -4.86
H2'1 LCA A 4 0.20 -2.42 -7.40
H61 LCA A 4 -0.52 3.32 -2.87
H62 LCA A 4 -1.65 2.03 -2.52
H1' LCA A 4 -2.04 -1.16 -8.33
H2 LCA A 4 1.29 2.41 -6.80
P TLN A 5 0.70 -5.48 -5.82
OP1 TLN A 5 1.34 -6.72 -6.31
OP2 TLN A 5 0.22 -5.41 -4.42
O5' TLN A 5 1.74 -4.27 -6.03
C5' TLN A 5 2.53 -4.12 -7.20
C4' TLN A 5 3.33 -2.83 -7.05
O4' TLN A 5 2.49 -1.68 -6.90
C1' TLN A 5 3.25 -0.68 -6.23
N1 TLN A 5 2.74 -0.36 -4.86
C6 TLN A 5 1.88 -1.20 -4.20
C5 TLN A 5 1.34 -0.89 -3.00
C5M TLN A 5 0.41 -1.86 -2.32
C4 TLN A 5 1.67 0.38 -2.35
O4 TLN A 5 1.24 0.77 -1.27
N3 TLN A 5 2.57 1.17 -3.07
C2 TLN A 5 3.13 0.85 -4.29
O2 TLN A 5 3.93 1.62 -4.82
C3' TLN A 5 4.26 -2.81 -5.82
C2' TLN A 5 4.63 -1.37 -6.20
O2' TLN A 5 5.11 -1.46 -7.54
O3' TLN A 5 5.36 -3.71 -5.86
C6' TLN A 5 4.35 -2.51 -8.15
H5' TLN A 5 1.89 -4.05 -8.08
H5'' TLN A 5 3.21 -4.97 -7.30
H1' TLN A 5 3.29 0.23 -6.82
H6 TLN A 5 1.64 -2.15 -4.66
H71 TLN A 5 0.91 -2.32 -1.47
H72 TLN A 5 -0.48 -1.34 -1.96
H73 TLN A 5 0.09 -2.64 -3.02
H3 TLN A 5 2.84 2.05 -2.65
H3' TLN A 5 3.71 -2.89 -4.89
H2' TLN A 5 5.31 -0.90 -5.48
H6'1 TLN A 5 5.00 -3.36 -8.33
H6'2 TLN A 5 3.88 -2.22 -9.09
P LCA A 6 6.18 -4.12 -4.54
O1P LCA A 6 7.31 -4.98 -4.96
O5' LCA A 6 6.75 -2.72 -4.00
C5' LCA A 6 7.81 -2.04 -4.63
C3' LCA A 6 8.49 -1.03 -2.36
C6' LCA A 6 9.31 0.07 -4.29
N9 LCA A 6 6.17 0.78 -1.62
C8 LCA A 6 5.22 -0.20 -1.53
C4 LCA A 6 5.90 1.64 -0.57
N7 LCA A 6 4.35 -0.03 -0.58
C5 LCA A 6 4.76 1.17 0.02
C6 LCA A 6 4.25 1.93 1.09
C2' LCA A 6 8.61 0.47 -2.17
N6 LCA A 6 3.12 1.60 1.74
C4' LCA A 6 8.12 -0.78 -3.81
C1' LCA A 6 7.23 0.95 -2.64
C2 LCA A 6 6.02 3.38 0.82
N1 LCA A 6 4.90 3.04 1.47
O4' LCA A 6 6.99 0.10 -3.75
O2P LCA A 6 5.19 -4.63 -3.55
N3 LCA A 6 6.59 2.76 -0.21
O3' LCA A 6 9.72 -1.73 -2.17
O2' LCA A 6 9.56 0.89 -3.14
H5'1 LCA A 6 7.54 -1.76 -5.65
H5'2 LCA A 6 8.70 -2.67 -4.65
H3' LCA A 6 7.67 -1.47 -1.80
H6'1 LCA A 6 10.17 -0.56 -4.48
H6'2 LCA A 6 9.05 0.68 -5.15
H8 LCA A 6 5.17 -1.05 -2.21
H2'1 LCA A 6 8.85 0.80 -1.16
H61 LCA A 6 2.75 2.20 2.47
H62 LCA A 6 2.62 0.78 1.45
H1' LCA A 6 7.28 2.00 -2.96
H2 LCA A 6 6.55 4.25 1.18
P TLN A 7 10.04 -2.51 -0.80
OP1 TLN A 7 11.42 -3.02 -0.88
OP2 TLN A 7 8.92 -3.44 -0.52
O5' TLN A 7 10.00 -1.36 0.33
C5' TLN A 7 11.01 -0.37 0.44
C4' TLN A 7 10.57 0.64 1.51
O4' TLN A 7 9.31 1.23 1.21
C1' TLN A 7 8.77 1.70 2.44
N1 TLN A 7 7.53 0.99 2.85
C6 TLN A 7 7.15 -0.21 2.28
C5 TLN A 7 5.97 -0.82 2.61
C5M TLN A 7 5.62 -2.13 1.94
C4 TLN A 7 5.07 -0.23 3.59
O4 TLN A 7 3.99 -0.69 3.95
N3 TLN A 7 5.52 0.97 4.12
C2 TLN A 7 6.72 1.61 3.81
O2 TLN A 7 7.02 2.66 4.38
C3' TLN A 7 10.41 0.06 2.93
C2' TLN A 7 9.95 1.45 3.37
O2' TLN A 7 11.02 2.33 3.00
O3' TLN A 7 11.60 -0.39 3.56
C6' TLN A 7 11.57 1.76 1.81
H5' TLN A 7 11.13 0.15 -0.50
H5'' TLN A 7 11.95 -0.83 0.73
H1' TLN A 7 8.56 2.77 2.39
H6 TLN A 7 7.79 -0.69 1.55
H71 TLN A 7 5.83 -2.96 2.62
H72 TLN A 7 4.55 -2.14 1.68
H73 TLN A 7 6.20 -2.27 1.03
H3 TLN A 7 4.92 1.42 4.80
H3' TLN A 7 9.62 -0.69 2.97
H2' TLN A 7 9.67 1.53 4.41
H6'1 TLN A 7 11.66 2.48 0.98
H6'2 TLN A 7 12.56 1.36 2.02
P LCG A 8 11.57 -1.33 4.86
OP1 LCG A 8 12.96 -1.50 5.34
O5' LCG A 8 10.77 -0.45 5.95
C5' LCG A 8 11.32 0.69 6.58
C3' LCG A 8 9.78 0.38 8.63
C6' LCG A 8 10.69 2.54 8.30
N9 LCG A 8 6.98 0.77 7.54
C8 LCG A 8 6.97 -0.31 6.71
C4 LCG A 8 5.75 0.78 8.15
N7 LCG A 8 5.85 -0.98 6.71
C5 LCG A 8 5.05 -0.28 7.61
C6 LCG A 8 3.70 -0.53 8.05
C2' LCG A 8 8.83 1.49 9.06
O6 LCG A 8 2.93 -1.42 7.67
C4' LCG A 8 10.26 1.29 7.51
C1' LCG A 8 8.07 1.76 7.77
C2 LCG A 8 4.04 1.41 9.49
N1 LCG A 8 3.27 0.38 9.00
O4' LCG A 8 9.08 1.65 6.79
OP2 LCG A 8 10.75 -2.52 4.55
N2 LCG A 8 3.49 2.20 10.42
N3 LCG A 8 5.30 1.66 9.08
O2' LCG A 8 9.68 2.61 9.30
O3' LCG A 8 10.76 0.04 9.59
H5' LCG A 8 11.62 1.41 5.82
H5'' LCG A 8 12.20 0.40 7.17
H3' LCG A 8 9.26 -0.50 8.23
H6'1 LCG A 8 10.69 3.42 7.66
H6'2 LCG A 8 11.67 2.38 8.77
H8 LCG A 8 7.82 -0.59 6.09
H2' LCG A 8 8.17 1.26 9.89
H1' LCG A 8 7.65 2.77 7.80
H1 LCG A 8 2.33 0.26 9.35
H21 LCG A 8 2.54 2.01 10.74
H22 LCG A 8 4.01 2.97 10.78
O5' LCC A 9 9.26 -0.58 11.54
C5' LCC A 9 9.37 0.51 12.45
C4' LCC A 9 8.00 0.68 13.13
O4' LCC A 9 6.97 1.03 12.19
C1' LCC A 9 5.74 0.63 12.80
N1 LCC A 9 5.06 -0.49 12.07
C6 LCC A 9 5.73 -1.26 11.15
C5 LCC A 9 5.13 -2.28 10.50
C5M LCC A 9 5.90 -3.13 9.50
C4 LCC A 9 3.73 -2.53 10.81
N4 LCC A 9 3.05 -3.51 10.21
N3 LCC A 9 3.09 -1.77 11.71
C2 LCC A 9 3.71 -0.74 12.36
O2 LCC A 9 3.09 -0.08 13.18
C3' LCC A 9 7.49 -0.56 13.86
C2' LCC A 9 6.22 0.23 14.20
O2' LCC A 9 6.70 1.40 14.86
O3' LCC A 9 8.21 -0.99 15.00
C6' LCC A 9 7.95 1.72 14.26
P LCC A 9 10.52 -1.12 10.69
O1P LCC A 9 11.69 -1.17 11.57
O2P LCC A 9 10.07 -2.34 9.98
H5'1 LCC A 9 9.64 1.41 11.91
H5'2 LCC A 9 10.13 0.29 13.20
H1' LCC A 9 5.03 1.45 12.87
H6 LCC A 9 6.78 -1.05 10.94
H5M1 LCC A 9 5.32 -3.23 8.58
H5M2 LCC A 9 6.85 -2.67 9.26
H5M3 LCC A 9 6.08 -4.12 9.92
H41 LCC A 9 2.08 -3.64 10.45
H42 LCC A 9 3.49 -4.08 9.51
H3' LCC A 9 7.31 -1.38 13.18
H2'1 LCC A 9 5.49 -0.35 14.76
H3T LCC A 9 8.21 -0.27 15.63
H6'1 LCC A 9 8.01 2.74 13.90
H6'2 LCC A 9 8.76 1.54 14.97
N1 LKC A 1 -13.03 5.20 -1.88
C2 LKC A 1 -12.49 5.00 -3.15
N3 LKC A 1 -11.29 5.54 -3.47
C4 LKC A 1 -10.59 6.26 -2.56
C5 LKC A 1 -11.10 6.47 -1.24
C6 LKC A 1 -12.31 5.92 -0.94
O2 LKC A 1 -13.09 4.33 -4.00
N4 LKC A 1 -9.42 6.77 -2.95
C1' LKC A 1 -14.38 4.67 -1.59
C2' LKC A 1 -14.38 3.17 -1.28
C3' LKC A 1 -14.13 3.15 0.23
C4' LKC A 1 -15.32 4.08 0.40
O4' LKC A 1 -15.00 5.21 -0.41
O3' LKC A 1 -14.28 1.87 0.83
C5' LKC A 1 -15.68 4.47 1.84
O5' LKC A 1 -14.57 5.07 2.48
C5A LKC A 1 -10.33 7.26 -0.19
O2' LKC A 1 -15.72 2.71 -1.42
C6' LKC A 1 -16.43 3.28 -0.32
H6 LKC A 1 -12.72 6.06 0.05
H41 LKC A 1 -9.10 6.60 -3.90
H42 LKC A 1 -8.86 7.30 -2.30
H1' LKC A 1 -15.03 4.85 -2.45
H2'1 LKC A 1 -13.65 2.61 -1.86
H3' LKC A 1 -13.19 3.64 0.51
H5'1 LKC A 1 -16.51 5.17 1.82
H5'2 LKC A 1 -15.96 3.58 2.39
H5T LKC A 1 -14.79 5.24 3.40
H5M1 LKC A 1 -10.18 8.28 -0.55
H5M2 LKC A 1 -10.88 7.29 0.75
H5M3 LKC A 1 -9.37 6.79 -0.02
H6'1 LKC A 1 -17.22 3.94 -0.68
H6'2 LKC A 1 -16.82 2.50 0.32
P TLN A 2 -13.07 0.81 0.91
OP1 TLN A 2 -13.57 -0.40 1.60
OP2 TLN A 2 -11.88 1.52 1.43
O5' TLN A 2 -12.77 0.43 -0.64
C5' TLN A 2 -13.65 -0.36 -1.41
C4' TLN A 2 -13.05 -0.50 -2.82
O4' TLN A 2 -12.93 0.77 -3.46
C1' TLN A 2 -11.89 0.64 -4.43
N1 TLN A 2 -10.69 1.49 -4.12
C6 TLN A 2 -10.49 2.04 -2.86
C5 TLN A 2 -9.46 2.87 -2.60
C5M TLN A 2 -9.29 3.41 -1.19
C4 TLN A 2 -8.51 3.23 -3.65
O4 TLN A 2 -7.58 4.02 -3.54
N3 TLN A 2 -8.75 2.62 -4.87
C2 TLN A 2 -9.77 1.73 -5.15
O2 TLN A 2 -9.87 1.21 -6.26
C3' TLN A 2 -11.64 -1.10 -2.86
C2' TLN A 2 -11.60 -0.87 -4.37
O2' TLN A 2 -12.78 -1.61 -4.80
O3' TLN A 2 -11.56 -2.46 -2.49
C6' TLN A 2 -13.80 -1.42 -3.79
H5' TLN A 2 -14.63 0.10 -1.47
H5'' TLN A 2 -13.74 -1.36 -0.95
H1' TLN A 2 -12.24 0.93 -5.43
H6 TLN A 2 -11.17 1.79 -2.06
H71 TLN A 2 -8.73 2.68 -0.60
H72 TLN A 2 -8.74 4.34 -1.20
H73 TLN A 2 -10.26 3.57 -0.74
H3 TLN A 2 -8.10 2.81 -5.62
H3' TLN A 2 -10.91 -0.49 -2.31
H2' TLN A 2 -10.63 -1.09 -4.87
H6'1 TLN A 2 -14.70 -0.95 -4.20
H6'2 TLN A 2 -14.16 -2.35 -3.29
P LCG A 3 -10.17 -3.15 -2.06
OP1 LCG A 3 -10.39 -4.60 -1.89
O5' LCG A 3 -9.21 -2.92 -3.34
C5' LCG A 3 -9.37 -3.65 -4.55
C3' LCG A 3 -6.87 -3.33 -5.11
C6' LCG A 3 -8.30 -3.89 -6.89
N9 LCG A 3 -6.53 -0.33 -5.43
C8 LCG A 3 -6.79 0.05 -4.13
C4 LCG A 3 -5.47 0.46 -5.83
N7 LCG A 3 -6.04 1.01 -3.70
C5 LCG A 3 -5.20 1.30 -4.76
C6 LCG A 3 -4.16 2.29 -4.90
C2' LCG A 3 -6.46 -2.65 -6.41
O6 LCG A 3 -3.79 3.13 -4.07
C4' LCG A 3 -8.33 -3.15 -5.55
C1' LCG A 3 -7.21 -1.32 -6.31
C2 LCG A 3 -3.86 1.36 -7.14
N1 LCG A 3 -3.53 2.24 -6.14
O4' LCG A 3 -8.45 -1.74 -5.79
OP2 LCG A 3 -9.61 -2.36 -0.94
N2 LCG A 3 -3.15 1.43 -8.26
N3 LCG A 3 -4.84 0.44 -7.04
O2' LCG A 3 -7.07 -3.41 -7.45
O3' LCG A 3 -6.45 -4.67 -4.99
H5' LCG A 3 -10.38 -3.49 -4.94
H5'' LCG A 3 -9.22 -4.71 -4.36
H3' LCG A 3 -6.64 -2.74 -4.22
H6'1 LCG A 3 -9.16 -3.68 -7.55
H6'2 LCG A 3 -8.23 -4.96 -6.73
H8 LCG A 3 -7.57 -0.38 -3.51
H2' LCG A 3 -5.39 -2.53 -6.53
H1' LCG A 3 -7.32 -0.86 -7.30
H1 LCG A 3 -2.80 2.91 -6.31
H21 LCG A 3 -2.40 2.10 -8.35
H22 LCG A 3 -3.37 0.81 -9.02
P LCA A 4 -5.08 -5.09 -4.26
O1P LCA A 4 -4.92 -6.55 -4.37
O5' LCA A 4 -3.93 -4.39 -5.17
C5' LCA A 4 -3.62 -4.84 -6.47
C3' LCA A 4 -1.22 -3.91 -6.31
C6' LCA A 4 -2.10 -4.19 -8.49
N9 LCA A 4 -1.64 -0.89 -5.94
C8 LCA A 4 -2.35 -0.99 -4.76
C4 LCA A 4 -0.81 0.20 -5.75
N7 LCA A 4 -2.11 -0.05 -3.89
C5 LCA A 4 -1.14 0.72 -4.52
C6 LCA A 4 -0.48 1.91 -4.12
C2' LCA A 4 -0.73 -2.84 -7.29
N6 LCA A 4 -0.74 2.54 -2.97
C4' LCA A 4 -2.56 -3.91 -7.05
C1' LCA A 4 -1.80 -1.75 -7.14
C2 LCA A 4 0.72 1.82 -6.08
N1 LCA A 4 0.46 2.43 -4.93
O4' LCA A 4 -2.98 -2.55 -7.01
O2P LCA A 4 -5.05 -4.44 -2.93
N3 LCA A 4 0.14 0.73 -6.59
O3' LCA A 4 -0.51 -5.14 -6.39
O2' LCA A 4 -0.89 -3.43 -8.57
H5'1 LCA A 4 -4.52 -4.80 -7.10
H5'2 LCA A 4 -3.25 -5.86 -6.44
H3' LCA A 4 -1.32 -3.55 -5.29
H6'1 LCA A 4 -1.90 -5.25 -8.62
H6'2 LCA A 4 -2.84 -3.84 -9.20
H8 LCA A 4 -3.09 -1.77 -4.58
H2'1 LCA A 4 0.28 -2.48 -7.09
H61 LCA A 4 -0.27 3.41 -2.75
H62 LCA A 4 -1.45 2.18 -2.36
H1' LCA A 4 -1.91 -1.19 -8.07
H2 LCA A 4 1.52 2.33 -6.64
P TLN A 5 0.70 -5.50 -5.39
OP1 TLN A 5 1.28 -6.78 -5.83
OP2 TLN A 5 0.20 -5.36 -4.00
O5' TLN A 5 1.77 -4.33 -5.64
C5' TLN A 5 2.56 -4.25 -6.81
C4' TLN A 5 3.42 -2.99 -6.70
O4' TLN A 5 2.62 -1.81 -6.61
C1' TLN A 5 3.43 -0.82 -5.99
N1 TLN A 5 2.91 -0.39 -4.65
C6 TLN A 5 2.01 -1.17 -3.95
C5 TLN A 5 1.48 -0.78 -2.77
C5M TLN A 5 0.48 -1.68 -2.07
C4 TLN A 5 1.86 0.49 -2.17
O4 TLN A 5 1.43 0.94 -1.11
N3 TLN A 5 2.79 1.22 -2.91
C2 TLN A 5 3.35 0.82 -4.12
O2 TLN A 5 4.19 1.53 -4.67
C3' TLN A 5 4.32 -2.95 -5.48
C2' TLN A 5 4.77 -1.56 -5.90
O2' TLN A 5 5.25 -1.73 -7.23
O3' TLN A 5 5.38 -3.92 -5.47
C6' TLN A 5 4.46 -2.76 -7.81
H5' TLN A 5 1.92 -4.19 -7.70
H5'' TLN A 5 3.21 -5.13 -6.88
H1' TLN A 5 3.51 0.08 -6.61
H6 TLN A 5 1.72 -2.13 -4.37
H71 TLN A 5 -0.02 -2.33 -2.79
H72 TLN A 5 1.01 -2.31 -1.34
H73 TLN A 5 -0.26 -1.09 -1.55
H3 TLN A 5 3.10 2.10 -2.53
H3' TLN A 5 3.76 -2.98 -4.54
H2' TLN A 5 5.45 -1.08 -5.21
H6'1 TLN A 5 5.07 -3.65 -7.94
H6'2 TLN A 5 4.01 -2.49 -8.76
P LCA A 6 6.16 -4.31 -4.13
O1P LCA A 6 7.27 -5.23 -4.49
O5' LCA A 6 6.81 -2.92 -3.62
C5' LCA A 6 7.91 -2.31 -4.27
C3' LCA A 6 8.59 -1.19 -2.05
C6' LCA A 6 9.46 -0.24 -4.03
N9 LCA A 6 6.31 0.70 -1.46
C8 LCA A 6 5.34 -0.26 -1.33
C4 LCA A 6 6.04 1.62 -0.47
N7 LCA A 6 4.46 -0.02 -0.40
C5 LCA A 6 4.89 1.20 0.14
C6 LCA A 6 4.37 2.04 1.14
C2' LCA A 6 8.74 0.32 -1.96
N6 LCA A 6 3.23 1.78 1.80
C4' LCA A 6 8.23 -1.01 -3.53
C1' LCA A 6 7.38 0.80 -2.48
C2 LCA A 6 6.19 3.43 0.82
N1 LCA A 6 5.05 3.15 1.49
O4' LCA A 6 7.14 -0.11 -3.54
O2P LCA A 6 5.16 -4.74 -3.12
N3 LCA A 6 6.75 2.73 -0.17
O3' LCA A 6 9.80 -1.91 -1.81
O2' LCA A 6 9.72 0.65 -2.94
H5'1 LCA A 6 7.65 -2.09 -5.31
H5'2 LCA A 6 8.77 -2.99 -4.24
H3' LCA A 6 7.75 -1.58 -1.48
H6'1 LCA A 6 10.31 -0.90 -4.18
H6'2 LCA A 6 9.22 0.32 -4.94
H8 LCA A 6 5.28 -1.14 -1.96
H2'1 LCA A 6 8.99 0.69 -0.97
H61 LCA A 6 2.87 2.43 2.48
H62 LCA A 6 2.71 0.96 1.54
H1' LCA A 6 7.44 1.83 -2.85
H2 LCA A 6 6.74 4.30 1.13
P TLN A 7 10.10 -2.61 -0.39
OP1 TLN A 7 11.46 -3.18 -0.44
OP2 TLN A 7 8.96 -3.49 -0.07
O5' TLN A 7 10.08 -1.40 0.66
C5' TLN A 7 11.11 -0.43 0.72
C4' TLN A 7 10.70 0.64 1.72
O4' TLN A 7 9.45 1.24 1.37
C1' TLN A 7 8.92 1.79 2.57
N1 TLN A 7 7.65 1.11 3.00
C6 TLN A 7 7.27 -0.10 2.48
C5 TLN A 7 6.07 -0.68 2.81
C5M TLN A 7 5.70 -2.02 2.20
C4 TLN A 7 5.14 -0.01 3.71
O4 TLN A 7 4.04 -0.42 4.04
N3 TLN A 7 5.61 1.20 4.21
C2 TLN A 7 6.83 1.79 3.91
O2 TLN A 7 7.14 2.86 4.43
C3' TLN A 7 10.52 0.17 3.17
C2' TLN A 7 10.09 1.58 3.53
O2' TLN A 7 11.17 2.42 3.09
O3' TLN A 7 11.71 -0.25 3.84
C6' TLN A 7 11.72 1.77 1.95
H5' TLN A 7 11.25 0.03 -0.26
H5'' TLN A 7 12.05 -0.91 1.03
H1' TLN A 7 8.71 2.86 2.47
H6 TLN A 7 7.92 -0.63 1.80
H71 TLN A 7 5.73 -2.79 2.98
H72 TLN A 7 4.70 -1.97 1.79
H73 TLN A 7 6.39 -2.29 1.41
H3 TLN A 7 4.99 1.71 4.84
H3' TLN A 7 9.73 -0.57 3.26
H2' TLN A 7 9.81 1.73 4.57
H6'1 TLN A 7 11.81 2.43 1.08
H6'2 TLN A 7 12.70 1.36 2.19
P LCG A 8 11.68 -1.15 5.17
OP1 LCG A 8 13.07 -1.28 5.67
O5' LCG A 8 10.83 -0.26 6.23
C5' LCG A 8 11.37 0.88 6.85
C3' LCG A 8 9.72 0.58 8.82
C6' LCG A 8 10.60 2.75 8.51
N9 LCG A 8 7.02 0.85 7.51
C8 LCG A 8 7.16 -0.25 6.70
C4 LCG A 8 5.73 0.80 7.98
N7 LCG A 8 6.08 -0.97 6.60
C5 LCG A 8 5.14 -0.30 7.39
C6 LCG A 8 3.77 -0.59 7.65
C2' LCG A 8 8.72 1.67 9.18
O6 LCG A 8 3.09 -1.51 7.19
C4' LCG A 8 10.26 1.49 7.72
C1' LCG A 8 8.02 1.89 7.83
C2 LCG A 8 3.85 1.36 9.11
N1 LCG A 8 3.19 0.30 8.55
O4' LCG A 8 9.11 1.82 6.93
OP2 LCG A 8 10.89 -2.37 4.88
N2 LCG A 8 3.16 2.11 9.98
N3 LCG A 8 5.14 1.67 8.86
O2' LCG A 8 9.52 2.82 9.44
O3' LCG A 8 10.64 0.30 9.86
H5' LCG A 8 11.68 1.61 6.09
H5'' LCG A 8 12.21 0.61 7.48
H3' LCG A 8 9.26 -0.33 8.42
H6'1 LCG A 8 10.62 3.64 7.87
H6'2 LCG A 8 11.54 2.63 9.05
H8 LCG A 8 8.08 -0.51 6.21
H2' LCG A 8 8.01 1.42 9.96
H1' LCG A 8 7.57 2.88 7.81
H1 LCG A 8 2.22 0.15 8.78
H21 LCG A 8 2.20 1.87 10.18
H22 LCG A 8 3.60 2.91 10.40
O5' LCC A 9 8.99 -0.45 11.64
C5' LCC A 9 8.92 0.62 12.57
C4' LCC A 9 7.49 0.69 13.10
O4' LCC A 9 6.53 0.98 12.06
C1' LCC A 9 5.27 0.49 12.53
N1 LCC A 9 4.75 -0.64 11.70
C6 LCC A 9 5.57 -1.36 10.86
C5 LCC A 9 5.10 -2.41 10.14
C5M LCC A 9 6.03 -3.21 9.23
C4 LCC A 9 3.69 -2.72 10.25
N4 LCC A 9 3.13 -3.72 9.57
N3 LCC A 9 2.90 -2.00 11.07
C2 LCC A 9 3.39 -0.96 11.80
O2 LCC A 9 2.64 -0.33 12.54
C3' LCC A 9 6.98 -0.60 13.74
C2' LCC A 9 5.64 0.08 13.95
O2' LCC A 9 5.94 1.27 14.69
O3' LCC A 9 7.62 -1.03 14.94
C6' LCC A 9 7.24 1.68 14.25
P LCC A 9 10.38 -0.89 10.93
O1P LCC A 9 11.46 -0.84 11.94
O2P LCC A 9 10.11 -2.13 10.19
H5'1 LCC A 9 9.19 1.56 12.09
H5'2 LCC A 9 9.60 0.43 13.41
H1' LCC A 9 4.52 1.28 12.54
H6 LCC A 9 6.62 -1.11 10.78
H5M1 LCC A 9 6.20 -4.19 9.67
H5M2 LCC A 9 5.57 -3.33 8.25
H5M3 LCC A 9 6.97 -2.69 9.11
H41 LCC A 9 2.14 -3.88 9.65
H42 LCC A 9 3.69 -4.26 8.93
H3' LCC A 9 6.93 -1.42 13.02
H2'1 LCC A 9 4.88 -0.56 14.42
H3T LCC A 9 7.13 -1.77 15.30
H6'1 LCC A 9 7.28 2.73 13.92
H6'2 LCC A 9 7.96 1.52 15.05
N1 LKC A 1 -13.11 5.29 -2.25
C2 LKC A 1 -12.50 5.05 -3.49
N3 LKC A 1 -11.26 5.57 -3.74
C4 LKC A 1 -10.62 6.30 -2.81
C5 LKC A 1 -11.21 6.55 -1.51
C6 LKC A 1 -12.45 6.03 -1.28
O2 LKC A 1 -13.05 4.36 -4.36
N4 LKC A 1 -9.42 6.78 -3.13
C1' LKC A 1 -14.49 4.78 -2.05
C2' LKC A 1 -14.53 3.31 -1.68
C3' LKC A 1 -14.41 3.35 -0.16
C4' LKC A 1 -15.60 4.28 -0.13
O4' LKC A 1 -15.18 5.38 -0.95
O3' LKC A 1 -14.63 2.09 0.48
C5' LKC A 1 -16.09 4.74 1.26
O5' LKC A 1 -15.02 5.28 2.01
C5A LKC A 1 -10.49 7.35 -0.45
O2' LKC A 1 -15.86 2.85 -1.93
C6' LKC A 1 -16.65 3.48 -0.93
H6 LKC A 1 -12.93 6.19 -0.33
H41 LKC A 1 -9.04 6.58 -4.05
H42 LKC A 1 -8.88 7.32 -2.46
H1' LKC A 1 -15.07 4.94 -2.96
H2'1 LKC A 1 -13.77 2.72 -2.18
H3' LKC A 1 -13.50 3.83 0.17
H5'1 LKC A 1 -16.86 5.49 1.14
H5'2 LKC A 1 -16.50 3.88 1.79
H5T LKC A 1 -14.36 4.59 2.14
H5M1 LKC A 1 -10.29 8.35 -0.83
H5M2 LKC A 1 -11.11 7.43 0.44
H5M3 LKC A 1 -9.55 6.86 -0.18
H6'1 LKC A 1 -17.40 4.14 -1.36
H6'2 LKC A 1 -17.12 2.73 -0.29
P TLN A 2 -13.43 1.04 0.71
OP1 TLN A 2 -13.98 -0.12 1.45
OP2 TLN A 2 -12.28 1.78 1.27
O5' TLN A 2 -13.02 0.56 -0.78
C5' TLN A 2 -13.85 -0.30 -1.55
C4' TLN A 2 -13.21 -0.47 -2.93
O4' TLN A 2 -13.08 0.79 -3.60
C1' TLN A 2 -12.04 0.65 -4.55
N1 TLN A 2 -10.85 1.51 -4.24
C6 TLN A 2 -10.63 2.05 -2.99
C5 TLN A 2 -9.60 2.88 -2.73
C5M TLN A 2 -9.43 3.41 -1.31
C4 TLN A 2 -8.66 3.25 -3.78
O4 TLN A 2 -7.71 4.03 -3.68
N3 TLN A 2 -8.91 2.65 -5.00
C2 TLN A 2 -9.95 1.77 -5.28
O2 TLN A 2 -10.04 1.26 -6.40
C3' TLN A 2 -11.80 -1.05 -2.94
C2' TLN A 2 -11.74 -0.84 -4.45
O2' TLN A 2 -12.90 -1.60 -4.88
O3' TLN A 2 -11.70 -2.42 -2.56
C6' TLN A 2 -13.94 -1.41 -3.90
H5' TLN A 2 -14.84 0.15 -1.65
H5'' TLN A 2 -13.93 -1.26 -1.06
H1' TLN A 2 -12.38 0.92 -5.56
H6 TLN A 2 -11.31 1.82 -2.18
H71 TLN A 2 -8.85 4.34 -1.33
H72 TLN A 2 -10.40 3.61 -0.87
H73 TLN A 2 -8.89 2.68 -0.71
H3 TLN A 2 -8.26 2.86 -5.76
H3' TLN A 2 -11.09 -0.44 -2.39
H2' TLN A 2 -10.77 -1.07 -4.94
H6'1 TLN A 2 -14.84 -0.95 -4.33
H6'2 TLN A 2 -14.31 -2.34 -3.39
P LCG A 3 -10.30 -3.10 -2.17
OP1 LCG A 3 -10.53 -4.55 -1.97
O5' LCG A 3 -9.38 -2.91 -3.49
C5' LCG A 3 -9.58 -3.67 -4.68
C3' LCG A 3 -7.11 -3.37 -5.31
C6' LCG A 3 -8.56 -3.96 -7.06
N9 LCG A 3 -6.76 -0.39 -5.67
C8 LCG A 3 -7.01 0.01 -4.38
C4 LCG A 3 -5.69 0.39 -6.07
N7 LCG A 3 -6.22 0.96 -3.94
C5 LCG A 3 -5.38 1.22 -5.02
C6 LCG A 3 -4.32 2.17 -5.15
C2' LCG A 3 -6.71 -2.71 -6.64
O6 LCG A 3 -3.92 2.99 -4.33
C4' LCG A 3 -8.57 -3.20 -5.72
C1' LCG A 3 -7.46 -1.38 -6.53
C2 LCG A 3 -4.07 1.24 -7.40
N1 LCG A 3 -3.70 2.11 -6.40
O4' LCG A 3 -8.69 -1.80 -5.99
OP2 LCG A 3 -9.68 -2.31 -1.09
N2 LCG A 3 -3.36 1.29 -8.52
N3 LCG A 3 -5.08 0.36 -7.29
O2' LCG A 3 -7.35 -3.49 -7.65
O3' LCG A 3 -6.67 -4.72 -5.19
H5' LCG A 3 -10.59 -3.51 -5.05
H5'' LCG A 3 -9.43 -4.73 -4.47
H3' LCG A 3 -6.85 -2.77 -4.45
H6'1 LCG A 3 -9.45 -3.76 -7.69
H6'2 LCG A 3 -8.49 -5.03 -6.88
H8 LCG A 3 -7.80 -0.39 -3.75
H2' LCG A 3 -5.64 -2.60 -6.77
H1' LCG A 3 -7.59 -0.93 -7.52
H1 LCG A 3 -2.95 2.75 -6.56
H21 LCG A 3 -2.59 1.95 -8.61
H22 LCG A 3 -3.60 0.68 -9.29
P LCA A 4 -5.29 -5.11 -4.45
O1P LCA A 4 -5.11 -6.57 -4.58
O5' LCA A 4 -4.15 -4.39 -5.34
C5' LCA A 4 -3.82 -4.82 -6.65
C3' LCA A 4 -1.41 -3.91 -6.42
C6' LCA A 4 -2.24 -4.17 -8.61
N9 LCA A 4 -1.80 -0.90 -6.03
C8 LCA A 4 -2.54 -1.01 -4.88
C4 LCA A 4 -0.95 0.17 -5.80
N7 LCA A 4 -2.30 -0.09 -3.98
C5 LCA A 4 -1.30 0.68 -4.57
C6 LCA A 4 -0.62 1.84 -4.13
C2' LCA A 4 -0.89 -2.85 -7.38
N6 LCA A 4 -0.90 2.46 -2.98
C4' LCA A 4 -2.73 -3.90 -7.19
C1' LCA A 4 -1.95 -1.75 -7.25
C2 LCA A 4 0.63 1.76 -6.06
N1 LCA A 4 0.35 2.34 -4.90
O4' LCA A 4 -3.14 -2.53 -7.15
O2P LCA A 4 -5.28 -4.48 -3.11
N3 LCA A 4 0.03 0.68 -6.61
O3' LCA A 4 -0.70 -5.14 -6.49
O2' LCA A 4 -1.03 -3.42 -8.67
H5'1 LCA A 4 -4.69 -4.77 -7.29
H5'2 LCA A 4 -3.44 -5.85 -6.62
H3' LCA A 4 -1.53 -3.55 -5.40
H6'1 LCA A 4 -2.03 -5.24 -8.76
H6'2 LCA A 4 -2.96 -3.81 -9.35
H8 LCA A 4 -3.29 -1.77 -4.73
H2'1 LCA A 4 0.13 -2.51 -7.16
H61 LCA A 4 -0.42 3.32 -2.73
H62 LCA A 4 -1.64 2.10 -2.39
H1' LCA A 4 -2.03 -1.17 -8.17
H2 LCA A 4 1.45 2.24 -6.59
P TLN A 5 0.49 -5.48 -5.46
OP1 TLN A 5 1.11 -6.76 -5.88
OP2 TLN A 5 -0.05 -5.36 -4.08
O5' TLN A 5 1.56 -4.30 -5.66
C5' TLN A 5 2.40 -4.21 -6.80
C4' TLN A 5 3.27 -2.96 -6.65
O4' TLN A 5 2.48 -1.78 -6.55
C1' TLN A 5 3.29 -0.80 -5.91
N1 TLN A 5 2.78 -0.38 -4.57
C6 TLN A 5 1.85 -1.14 -3.90
C5 TLN A 5 1.33 -0.74 -2.71
C5M TLN A 5 0.30 -1.61 -2.02
C4 TLN A 5 1.74 0.52 -2.09
O4 TLN A 5 1.33 0.96 -1.03
N3 TLN A 5 2.70 1.21 -2.82
C2 TLN A 5 3.26 0.82 -4.03
O2 TLN A 5 4.11 1.52 -4.57
C3' TLN A 5 4.15 -2.96 -5.40
C2' TLN A 5 4.62 -1.57 -5.81
O2' TLN A 5 5.13 -1.72 -7.14
O3' TLN A 5 5.19 -3.93 -5.39
C6' TLN A 5 4.34 -2.74 -7.73
H5' TLN A 5 1.79 -4.14 -7.70
H5'' TLN A 5 3.03 -5.10 -6.86
H1' TLN A 5 3.41 0.09 -6.52
H6 TLN A 5 1.55 -2.07 -4.32
H71 TLN A 5 0.75 -2.08 -1.14
H72 TLN A 5 -0.55 -1.01 -1.71
H73 TLN A 5 -0.06 -2.40 -2.69
H3 TLN A 5 3.03 2.09 -2.42
H3' TLN A 5 3.57 -2.98 -4.49
H2' TLN A 5 5.31 -1.11 -5.09
H6'1 TLN A 5 4.93 -3.65 -7.86
H6'2 TLN A 5 3.90 -2.45 -8.70
P LCA A 6 5.96 -4.33 -4.03
O1P LCA A 6 7.06 -5.27 -4.38
O5' LCA A 6 6.63 -2.96 -3.52
C5' LCA A 6 7.73 -2.35 -4.16
C3' LCA A 6 8.45 -1.23 -1.95
C6' LCA A 6 9.26 -0.27 -3.96
N9 LCA A 6 6.15 0.65 -1.32
C8 LCA A 6 5.18 -0.30 -1.18
C4 LCA A 6 5.92 1.58 -0.33
N7 LCA A 6 4.34 -0.06 -0.22
C5 LCA A 6 4.78 1.15 0.31
C6 LCA A 6 4.30 1.98 1.35
C2' LCA A 6 8.59 0.28 -1.87
N6 LCA A 6 3.19 1.70 2.03
C4' LCA A 6 8.07 -1.07 -3.43
C1' LCA A 6 7.21 0.75 -2.37
C2 LCA A 6 6.10 3.38 0.97
N1 LCA A 6 4.99 3.10 1.66
O4' LCA A 6 6.96 -0.16 -3.43
O2P LCA A 6 4.94 -4.74 -3.04
N3 LCA A 6 6.63 2.69 -0.04
O3' LCA A 6 9.67 -1.93 -1.72
O2' LCA A 6 9.54 0.62 -2.87
H5'1 LCA A 6 7.49 -2.15 -5.20
H5'2 LCA A 6 8.59 -3.03 -4.12
H3' LCA A 6 7.62 -1.62 -1.37
H6'1 LCA A 6 10.13 -0.92 -4.13
H6'2 LCA A 6 9.01 0.29 -4.86
H8 LCA A 6 5.11 -1.18 -1.82
H2'1 LCA A 6 8.84 0.66 -0.88
H61 LCA A 6 2.84 2.35 2.73
H62 LCA A 6 2.66 0.88 1.80
H1' LCA A 6 7.28 1.78 -2.74
H2 LCA A 6 6.65 4.26 1.26
P TLN A 7 10.02 -2.57 -0.29
OP1 TLN A 7 11.40 -3.11 -0.36
OP2 TLN A 7 8.91 -3.46 0.10
O5' TLN A 7 10.03 -1.32 0.72
C5' TLN A 7 11.04 -0.33 0.72
C4' TLN A 7 10.64 0.76 1.73
O4' TLN A 7 9.35 1.30 1.42
C1' TLN A 7 8.85 1.85 2.64
N1 TLN A 7 7.63 1.13 3.14
C6 TLN A 7 7.26 -0.11 2.66
C5 TLN A 7 6.10 -0.70 3.00
C5M TLN A 7 5.74 -2.06 2.43
C4 TLN A 7 5.17 -0.04 3.92
O4 TLN A 7 4.08 -0.48 4.28
N3 TLN A 7 5.61 1.19 4.39
C2 TLN A 7 6.81 1.81 4.06
O2 TLN A 7 7.11 2.89 4.56
C3' TLN A 7 10.56 0.29 3.18
C2' TLN A 7 10.08 1.70 3.54
O2' TLN A 7 11.10 2.57 3.05
O3' TLN A 7 11.79 -0.06 3.80
C6' TLN A 7 11.61 1.93 1.87
H5' TLN A 7 11.12 0.11 -0.28
H5'' TLN A 7 11.99 -0.76 1.00
H1' TLN A 7 8.59 2.90 2.53
H6 TLN A 7 7.92 -0.64 1.96
H71 TLN A 7 6.43 -2.34 1.64
H72 TLN A 7 5.78 -2.82 3.22
H73 TLN A 7 4.73 -2.03 2.02
H3 TLN A 7 5.00 1.68 5.02
H3' TLN A 7 9.79 -0.47 3.33
H2' TLN A 7 9.85 1.86 4.58
H6'1 TLN A 7 11.64 2.57 0.99
H6'2 TLN A 7 12.62 1.56 2.08
P LCG A 8 11.86 -0.93 5.14
OP1 LCG A 8 13.26 -0.99 5.58
O5' LCG A 8 11.01 -0.09 6.23
C5' LCG A 8 11.51 1.11 6.83
C3' LCG A 8 9.93 0.75 8.83
C6' LCG A 8 10.71 2.96 8.49
N9 LCG A 8 7.19 0.90 7.59
C8 LCG A 8 7.36 -0.22 6.81
C4 LCG A 8 5.91 0.81 8.07
N7 LCG A 8 6.31 -0.98 6.73
C5 LCG A 8 5.37 -0.32 7.51
C6 LCG A 8 4.00 -0.67 7.80
C2' LCG A 8 8.89 1.81 9.20
O6 LCG A 8 3.36 -1.63 7.39
C4' LCG A 8 10.41 1.67 7.71
C1' LCG A 8 8.16 1.98 7.87
C2 LCG A 8 4.03 1.33 9.21
N1 LCG A 8 3.39 0.22 8.67
O4' LCG A 8 9.23 1.94 6.95
OP2 LCG A 8 11.11 -2.20 4.90
N2 LCG A 8 3.30 2.07 10.04
N3 LCG A 8 5.29 1.68 8.93
O2' LCG A 8 9.65 2.99 9.44
O3' LCG A 8 10.89 0.51 9.86
H5' LCG A 8 11.78 1.83 6.05
H5'' LCG A 8 12.39 0.87 7.43
H3' LCG A 8 9.50 -0.17 8.46
H6'1 LCG A 8 10.68 3.83 7.83
H6'2 LCG A 8 11.67 2.88 9.01
H8 LCG A 8 8.28 -0.46 6.30
H2' LCG A 8 8.22 1.54 10.01
H1' LCG A 8 7.66 2.95 7.85
H1 LCG A 8 2.43 0.04 8.93
H21 LCG A 8 2.35 1.82 10.26
H22 LCG A 8 3.72 2.91 10.44
O5' LCC A 9 9.32 -0.25 11.71
C5' LCC A 9 9.24 0.83 12.61
C4' LCC A 9 7.82 0.86 13.18
O4' LCC A 9 6.83 1.12 12.18
C1' LCC A 9 5.60 0.60 12.68
N1 LCC A 9 5.08 -0.55 11.87
C6 LCC A 9 5.90 -1.26 11.03
C5 LCC A 9 5.44 -2.34 10.34
C5M LCC A 9 6.37 -3.14 9.43
C4 LCC A 9 4.04 -2.69 10.50
N4 LCC A 9 3.50 -3.71 9.85
N3 LCC A 9 3.26 -1.97 11.30
C2 LCC A 9 3.73 -0.89 12.00
O2 LCC A 9 2.97 -0.26 12.74
C3' LCC A 9 7.36 -0.45 13.85
C2' LCC A 9 6.01 0.21 14.11
O2' LCC A 9 6.31 1.42 14.82
O3' LCC A 9 8.06 -0.84 15.02
C6' LCC A 9 7.58 1.85 14.34
P LCC A 9 10.69 -0.66 10.96
O1P LCC A 9 11.80 -0.57 11.93
O2P LCC A 9 10.44 -1.93 10.23
H5'1 LCC A 9 9.45 1.76 12.10
H5'2 LCC A 9 9.95 0.69 13.42
H1' LCC A 9 4.82 1.37 12.72
H6 LCC A 9 6.94 -0.99 10.92
H5M1 LCC A 9 6.59 -4.10 9.89
H5M2 LCC A 9 5.90 -3.30 8.46
H5M3 LCC A 9 7.30 -2.59 9.28
H41 LCC A 9 2.51 -3.90 9.94
H42 LCC A 9 4.06 -4.27 9.21
H3' LCC A 9 7.31 -1.27 13.15
H2'1 LCC A 9 5.29 -0.44 14.61
H3T LCC A 9 8.93 -1.14 14.76
H6'1 LCC A 9 7.59 2.89 14.00
H6'2 LCC A 9 8.34 1.72 15.11
N1 LKC A 1 -12.12 5.28 -1.55
C2 LKC A 1 -11.68 5.08 -2.87
N3 LKC A 1 -10.46 5.56 -3.24
C4 LKC A 1 -9.67 6.20 -2.36
C5 LKC A 1 -10.08 6.38 -0.99
C6 LKC A 1 -11.30 5.91 -0.63
O2 LKC A 1 -12.38 4.49 -3.69
N4 LKC A 1 -8.49 6.63 -2.81
C1' LKC A 1 -13.51 4.85 -1.21
C2' LKC A 1 -13.61 3.34 -0.94
C3' LKC A 1 -13.30 3.25 0.54
C4' LKC A 1 -14.40 4.27 0.81
O4' LKC A 1 -14.01 5.39 0.02
O3' LKC A 1 -13.52 1.97 1.12
C5' LKC A 1 -14.66 4.64 2.27
O5' LKC A 1 -13.50 5.16 2.88
C5A LKC A 1 -9.20 7.07 0.04
O2' LKC A 1 -15.00 3.01 -1.03
C6' LKC A 1 -15.60 3.60 0.10
H6 LKC A 1 -11.64 6.03 0.39
H41 LKC A 1 -8.24 6.49 -3.78
H42 LKC A 1 -7.85 7.10 -2.18
H1' LKC A 1 -14.18 5.12 -2.02
H2'1 LKC A 1 -12.97 2.74 -1.58
H3' LKC A 1 -12.31 3.65 0.80
H5'1 LKC A 1 -15.46 5.39 2.31
H5'2 LKC A 1 -14.98 3.76 2.82
H5T LKC A 1 -13.21 5.93 2.36
H5M1 LKC A 1 -8.44 6.37 0.39
H5M2 LKC A 1 -8.69 7.94 -0.41
H5M3 LKC A 1 -9.79 7.41 0.89
H6'1 LKC A 1 -16.35 4.34 -0.18
H6'2 LKC A 1 -16.04 2.83 0.74
P TLN A 2 -12.39 0.83 1.13
OP1 TLN A 2 -12.95 -0.36 1.81
OP2 TLN A 2 -11.14 1.43 1.62
O5' TLN A 2 -12.19 0.45 -0.43
C5' TLN A 2 -13.14 -0.29 -1.18
C4' TLN A 2 -12.63 -0.41 -2.61
O4' TLN A 2 -12.46 0.87 -3.23
C1' TLN A 2 -11.50 0.72 -4.26
N1 TLN A 2 -10.24 1.48 -3.98
C6 TLN A 2 -9.93 1.97 -2.74
C5 TLN A 2 -8.85 2.75 -2.52
C5M TLN A 2 -8.55 3.21 -1.10
C4 TLN A 2 -7.96 3.12 -3.61
O4 TLN A 2 -6.97 3.85 -3.53
N3 TLN A 2 -8.31 2.57 -4.83
C2 TLN A 2 -9.39 1.73 -5.07
O2 TLN A 2 -9.56 1.25 -6.19
C3' TLN A 2 -11.25 -1.09 -2.75
C2' TLN A 2 -11.29 -0.81 -4.26
O2' TLN A 2 -12.53 -1.47 -4.64
O3' TLN A 2 -11.24 -2.48 -2.44
C6' TLN A 2 -13.49 -1.26 -3.57
H5' TLN A 2 -14.09 0.25 -1.18
H5'' TLN A 2 -13.26 -1.27 -0.74
H1' TLN A 2 -11.88 1.05 -5.23
H6 TLN A 2 -10.57 1.74 -1.89
H71 TLN A 2 -8.01 2.42 -0.57
H72 TLN A 2 -7.94 4.11 -1.10
H73 TLN A 2 -9.48 3.42 -0.57
H3 TLN A 2 -7.71 2.77 -5.62
H3' TLN A 2 -10.47 -0.55 -2.24
H2' TLN A 2 -10.37 -1.08 -4.82
H6'1 TLN A 2 -14.38 -0.71 -3.90
H6'2 TLN A 2 -13.87 -2.17 -3.08
P LCG A 3 -9.87 -3.27 -2.13
OP1 LCG A 3 -10.21 -4.70 -1.94
O5' LCG A 3 -9.00 -3.12 -3.47
C5' LCG A 3 -9.27 -3.87 -4.65
C3' LCG A 3 -6.79 -3.61 -5.33
C6' LCG A 3 -8.28 -4.20 -7.05
N9 LCG A 3 -6.44 -0.64 -5.69
C8 LCG A 3 -6.65 -0.29 -4.38
C4 LCG A 3 -5.40 0.16 -6.12
N7 LCG A 3 -5.87 0.67 -3.95
C5 LCG A 3 -5.08 0.98 -5.06
C6 LCG A 3 -4.06 1.97 -5.22
C2' LCG A 3 -6.42 -2.98 -6.66
O6 LCG A 3 -3.67 2.79 -4.39
C4' LCG A 3 -8.26 -3.43 -5.71
C1' LCG A 3 -7.14 -1.63 -6.55
C2 LCG A 3 -3.86 1.09 -7.49
N1 LCG A 3 -3.49 1.95 -6.48
O4' LCG A 3 -8.38 -2.03 -5.99
OP2 LCG A 3 -9.17 -2.53 -1.04
N2 LCG A 3 -3.19 1.20 -8.64
N3 LCG A 3 -4.83 0.17 -7.36
O2' LCG A 3 -7.08 -3.76 -7.65
O3' LCG A 3 -6.35 -4.97 -5.21
H5' LCG A 3 -10.28 -3.67 -4.98
H5'' LCG A 3 -9.15 -4.93 -4.44
H3' LCG A 3 -6.51 -3.01 -4.47
H6'1 LCG A 3 -9.18 -4.01 -7.67
H6'2 LCG A 3 -8.22 -5.28 -6.86
H8 LCG A 3 -7.40 -0.72 -3.73
H2' LCG A 3 -5.34 -2.87 -6.83
H1' LCG A 3 -7.28 -1.19 -7.54
H1 LCG A 3 -2.75 2.63 -6.67
H21 LCG A 3 -2.46 1.87 -8.73
H22 LCG A 3 -3.44 0.59 -9.41
P LCA A 4 -4.96 -5.35 -4.48
O1P LCA A 4 -4.79 -6.82 -4.59
O5' LCA A 4 -3.83 -4.64 -5.36
C5' LCA A 4 -3.46 -5.08 -6.65
C3' LCA A 4 -1.08 -4.08 -6.49
C6' LCA A 4 -1.96 -4.40 -8.67
N9 LCA A 4 -1.57 -1.09 -6.12
C8 LCA A 4 -2.23 -1.23 -4.92
C4 LCA A 4 -0.78 0.04 -5.95
N7 LCA A 4 -2.00 -0.30 -4.05
C5 LCA A 4 -1.09 0.53 -4.70
C6 LCA A 4 -0.47 1.74 -4.31
C2' LCA A 4 -0.62 -3.00 -7.48
N6 LCA A 4 -0.73 2.36 -3.16
C4' LCA A 4 -2.42 -4.12 -7.23
C1' LCA A 4 -1.74 -1.95 -7.33
C2 LCA A 4 0.68 1.72 -6.31
N1 LCA A 4 0.42 2.30 -5.14
O4' LCA A 4 -2.88 -2.78 -7.18
O2P LCA A 4 -4.97 -4.73 -3.14
N3 LCA A 4 0.13 0.61 -6.82
O3' LCA A 4 -0.32 -5.28 -6.57
O2' LCA A 4 -0.77 -3.60 -8.75
H5'1 LCA A 4 -4.35 -5.08 -7.30
H5'2 LCA A 4 -3.05 -6.09 -6.61
H3' LCA A 4 -1.18 -3.72 -5.47
H6'1 LCA A 4 -1.72 -5.45 -8.81
H6'2 LCA A 4 -2.72 -4.06 -9.38
H8 LCA A 4 -2.91 -2.06 -4.73
H2'1 LCA A 4 0.37 -2.61 -7.29
H61 LCA A 4 -0.31 3.25 -2.95
H62 LCA A 4 -1.40 1.96 -2.52
H1' LCA A 4 -1.87 -1.40 -8.26
H2 LCA A 4 1.43 2.26 -6.88
P TLN A 5 0.90 -5.59 -5.57
OP1 TLN A 5 1.56 -6.84 -6.02
OP2 TLN A 5 0.39 -5.49 -4.19
O5' TLN A 5 1.93 -4.38 -5.80
C5' TLN A 5 2.74 -4.25 -6.96
C4' TLN A 5 3.54 -2.95 -6.84
O4' TLN A 5 2.68 -1.81 -6.72
C1' TLN A 5 3.44 -0.78 -6.10
N1 TLN A 5 2.93 -0.41 -4.75
C6 TLN A 5 2.10 -1.24 -4.04
C5 TLN A 5 1.55 -0.88 -2.85
C5M TLN A 5 0.64 -1.84 -2.12
C4 TLN A 5 1.84 0.42 -2.27
O4 TLN A 5 1.39 0.85 -1.22
N3 TLN A 5 2.71 1.20 -3.02
C2 TLN A 5 3.29 0.84 -4.23
O2 TLN A 5 4.07 1.61 -4.81
C3' TLN A 5 4.47 -2.88 -5.63
C2' TLN A 5 4.82 -1.45 -6.05
O2' TLN A 5 5.29 -1.58 -7.40
O3' TLN A 5 5.57 -3.78 -5.65
C6' TLN A 5 4.55 -2.66 -7.96
H5' TLN A 5 2.11 -4.22 -7.85
H5'' TLN A 5 3.42 -5.10 -7.03
H1' TLN A 5 3.46 0.11 -6.73
H6 TLN A 5 1.88 -2.22 -4.45
H71 TLN A 5 -0.27 -1.33 -1.82
H72 TLN A 5 0.38 -2.69 -2.76
H73 TLN A 5 1.15 -2.22 -1.23
H3 TLN A 5 2.96 2.11 -2.66
H3' TLN A 5 3.92 -2.94 -4.69
H2' TLN A 5 5.51 -0.96 -5.37
H6'1 TLN A 5 5.20 -3.52 -8.11
H6'2 TLN A 5 4.06 -2.41 -8.91
P LCA A 6 6.40 -4.14 -4.31
O1P LCA A 6 7.55 -4.97 -4.70
O5' LCA A 6 6.96 -2.72 -3.80
C5' LCA A 6 8.02 -2.04 -4.43
C3' LCA A 6 8.64 -0.94 -2.18
C6' LCA A 6 9.49 0.10 -4.13
N9 LCA A 6 6.29 0.87 -1.55
C8 LCA A 6 5.34 -0.13 -1.44
C4 LCA A 6 5.98 1.77 -0.56
N7 LCA A 6 4.45 0.08 -0.52
C5 LCA A 6 4.82 1.31 0.03
C6 LCA A 6 4.27 2.13 1.04
C2' LCA A 6 8.74 0.57 -2.04
N6 LCA A 6 3.13 1.84 1.65
C4' LCA A 6 8.29 -0.75 -3.66
C1' LCA A 6 7.37 1.01 -2.57
C2 LCA A 6 6.05 3.57 0.76
N1 LCA A 6 4.92 3.27 1.38
O4' LCA A 6 7.16 0.12 -3.65
O2P LCA A 6 5.43 -4.64 -3.32
N3 LCA A 6 6.65 2.91 -0.23
O3' LCA A 6 9.87 -1.62 -1.95
O2' LCA A 6 9.71 0.96 -3.02
H5'1 LCA A 6 7.76 -1.80 -5.47
H5'2 LCA A 6 8.92 -2.67 -4.42
H3' LCA A 6 7.82 -1.38 -1.62
H6'1 LCA A 6 10.37 -0.53 -4.30
H6'2 LCA A 6 9.23 0.67 -5.03
H8 LCA A 6 5.33 -1.00 -2.08
H2'1 LCA A 6 8.97 0.92 -1.04
H61 LCA A 6 2.73 2.45 2.34
H62 LCA A 6 2.63 0.99 1.39
H1' LCA A 6 7.41 2.04 -2.92
H2 LCA A 6 6.57 4.46 1.08
P TLN A 7 10.19 -2.35 -0.54
OP1 TLN A 7 11.58 -2.86 -0.59
OP2 TLN A 7 9.08 -3.28 -0.24
O5' TLN A 7 10.12 -1.15 0.54
C5' TLN A 7 11.13 -0.16 0.65
C4' TLN A 7 10.68 0.87 1.68
O4' TLN A 7 9.43 1.47 1.32
C1' TLN A 7 8.85 1.96 2.51
N1 TLN A 7 7.57 1.27 2.89
C6 TLN A 7 7.22 0.05 2.33
C5 TLN A 7 6.03 -0.55 2.62
C5M TLN A 7 5.71 -1.88 1.98
C4 TLN A 7 5.09 0.08 3.54
O4 TLN A 7 3.99 -0.37 3.85
N3 TLN A 7 5.51 1.29 4.07
C2 TLN A 7 6.73 1.91 3.80
O2 TLN A 7 7.02 2.98 4.35
C3' TLN A 7 10.46 0.33 3.10
C2' TLN A 7 9.99 1.72 3.50
O2' TLN A 7 11.08 2.58 3.13
O3' TLN A 7 11.63 -0.10 3.77
C6' TLN A 7 11.66 2.00 1.98
H5' TLN A 7 11.27 0.32 -0.32
H5'' TLN A 7 12.06 -0.62 0.96
H1' TLN A 7 8.64 3.03 2.43
H6 TLN A 7 7.89 -0.45 1.65
H71 TLN A 7 5.91 -2.68 2.70
H72 TLN A 7 4.65 -1.91 1.71
H73 TLN A 7 6.31 -2.03 1.09
H3 TLN A 7 4.89 1.76 4.70
H3' TLN A 7 9.67 -0.42 3.13
H2' TLN A 7 9.68 1.83 4.53
H6'1 TLN A 7 11.79 2.69 1.14
H6'2 TLN A 7 12.64 1.59 2.24
P LCG A 8 11.56 -1.07 5.07
OP1 LCG A 8 12.93 -1.21 5.60
O5' LCG A 8 10.68 -0.24 6.13
C5' LCG A 8 11.19 0.89 6.82
C3' LCG A 8 9.51 0.49 8.74
C6' LCG A 8 10.42 2.66 8.58
N9 LCG A 8 6.81 0.88 7.45
C8 LCG A 8 6.92 -0.18 6.58
C4 LCG A 8 5.53 0.83 7.93
N7 LCG A 8 5.83 -0.88 6.47
C5 LCG A 8 4.92 -0.24 7.31
C6 LCG A 8 3.54 -0.53 7.58
C2' LCG A 8 8.52 1.56 9.15
O6 LCG A 8 2.85 -1.42 7.11
C4' LCG A 8 10.06 1.45 7.70
C1' LCG A 8 7.84 1.88 7.82
C2 LCG A 8 3.69 1.37 9.12
N1 LCG A 8 3.00 0.34 8.53
O4' LCG A 8 8.94 1.84 6.91
OP2 LCG A 8 10.79 -2.27 4.70
N2 LCG A 8 3.02 2.09 10.04
N3 LCG A 8 4.96 1.66 8.86
O2' LCG A 8 9.32 2.68 9.50
O3' LCG A 8 10.41 0.11 9.76
H5' LCG A 8 11.52 1.65 6.11
H5'' LCG A 8 12.03 0.60 7.44
H3' LCG A 8 9.03 -0.38 8.27
H6'1 LCG A 8 10.45 3.58 7.99
H6'2 LCG A 8 11.35 2.50 9.11
H8 LCG A 8 7.83 -0.42 6.05
H2' LCG A 8 7.80 1.28 9.91
H1' LCG A 8 7.41 2.88 7.85
H1 LCG A 8 2.03 0.17 8.78
H21 LCG A 8 2.06 1.85 10.26
H22 LCG A 8 3.49 2.86 10.48
O5' LCC A 9 8.73 -0.70 11.49
C5' LCC A 9 8.68 0.33 12.46
C4' LCC A 9 7.25 0.41 12.99
O4' LCC A 9 6.30 0.77 11.98
C1' LCC A 9 5.03 0.30 12.43
N1 LCC A 9 4.45 -0.79 11.59
C6 LCC A 9 5.23 -1.51 10.70
C5 LCC A 9 4.72 -2.51 9.94
C5M LCC A 9 5.59 -3.30 8.99
C4 LCC A 9 3.31 -2.79 10.10
N4 LCC A 9 2.70 -3.76 9.40
N3 LCC A 9 2.56 -2.09 10.96
C2 LCC A 9 3.10 -1.08 11.71
O2 LCC A 9 2.38 -0.46 12.49
C3' LCC A 9 6.71 -0.89 13.59
C2' LCC A 9 5.39 -0.18 13.85
O2' LCC A 9 5.73 0.97 14.63
O3' LCC A 9 7.33 -1.37 14.77
C6' LCC A 9 7.03 1.37 14.18
P LCC A 9 10.09 -1.13 10.75
O1P LCC A 9 11.18 -1.18 11.77
O2P LCC A 9 9.81 -2.32 9.93
H5'1 LCC A 9 8.97 1.29 12.02
H5'2 LCC A 9 9.35 0.10 13.28
H1' LCC A 9 4.29 1.10 12.49
H6 LCC A 9 6.29 -1.27 10.60
H5M1 LCC A 9 6.57 -2.83 8.89
H5M2 LCC A 9 5.73 -4.32 9.35
H5M3 LCC A 9 5.13 -3.33 8.00
H41 LCC A 9 1.71 -3.90 9.52
H42 LCC A 9 3.22 -4.30 8.73
H3' LCC A 9 6.64 -1.68 12.84
H2'1 LCC A 9 4.62 -0.81 14.30
H3T LCC A 9 7.24 -0.71 15.45
H6'1 LCC A 9 7.09 2.42 13.89
H6'2 LCC A 9 7.77 1.18 14.96
N1 LKC A 1 -13.20 5.10 -2.47
C2 LKC A 1 -12.56 4.84 -3.68
N3 LKC A 1 -11.32 5.38 -3.91
C4 LKC A 1 -10.72 6.12 -2.98
C5 LKC A 1 -11.34 6.37 -1.69
C6 LKC A 1 -12.58 5.84 -1.49
O2 LKC A 1 -13.09 4.14 -4.55
N4 LKC A 1 -9.51 6.62 -3.28
C1' LKC A 1 -14.59 4.59 -2.29
C2' LKC A 1 -14.63 3.09 -1.94
C3' LKC A 1 -14.52 3.11 -0.42
C4' LKC A 1 -15.72 4.06 -0.39
O4' LKC A 1 -15.30 5.16 -1.19
O3' LKC A 1 -14.74 1.86 0.21
C5' LKC A 1 -16.21 4.48 1.00
O5' LKC A 1 -15.15 5.02 1.77
C5A LKC A 1 -10.65 7.18 -0.61
O2' LKC A 1 -15.95 2.64 -2.20
C6' LKC A 1 -16.75 3.25 -1.20
H6 LKC A 1 -13.06 6.02 -0.55
H41 LKC A 1 -9.12 6.42 -4.20
H42 LKC A 1 -9.00 7.17 -2.61
H1' LKC A 1 -15.15 4.75 -3.21
H2'1 LKC A 1 -13.85 2.51 -2.43
H3' LKC A 1 -13.61 3.60 -0.07
H5'1 LKC A 1 -16.99 5.23 0.89
H5'2 LKC A 1 -16.62 3.61 1.51
H5T LKC A 1 -14.50 4.32 1.92
H5M1 LKC A 1 -11.28 7.26 0.27
H5M2 LKC A 1 -9.70 6.71 -0.35
H5M3 LKC A 1 -10.45 8.19 -0.99
H6'1 LKC A 1 -17.50 3.91 -1.64
H6'2 LKC A 1 -17.23 2.49 -0.58
P TLN A 2 -13.54 0.81 0.45
OP1 TLN A 2 -14.10 -0.36 1.17
OP2 TLN A 2 -12.41 1.56 1.05
O5' TLN A 2 -13.10 0.35 -1.03
C5' TLN A 2 -13.90 -0.50 -1.83
C4' TLN A 2 -13.21 -0.66 -3.19
O4' TLN A 2 -13.08 0.60 -3.85
C1' TLN A 2 -12.00 0.46 -4.78
N1 TLN A 2 -10.82 1.32 -4.43
C6 TLN A 2 -10.68 1.88 -3.17
C5 TLN A 2 -9.64 2.72 -2.88
C5M TLN A 2 -9.53 3.26 -1.47
C4 TLN A 2 -8.66 3.08 -3.90
O4 TLN A 2 -7.72 3.87 -3.76
N3 TLN A 2 -8.85 2.45 -5.12
C2 TLN A 2 -9.87 1.56 -5.42
O2 TLN A 2 -9.91 1.03 -6.54
C3' TLN A 2 -11.79 -1.24 -3.16
C2' TLN A 2 -11.69 -1.04 -4.67
O2' TLN A 2 -12.84 -1.80 -5.13
O3' TLN A 2 -11.70 -2.60 -2.76
C6' TLN A 2 -13.91 -1.62 -4.18
H5' TLN A 2 -14.89 -0.06 -1.97
H5'' TLN A 2 -13.99 -1.47 -1.35
H1' TLN A 2 -12.30 0.72 -5.79
H6 TLN A 2 -11.37 1.65 -2.40
H71 TLN A 2 -10.53 3.46 -1.06
H72 TLN A 2 -9.02 2.54 -0.83
H73 TLN A 2 -8.96 4.20 -1.46
H3 TLN A 2 -8.18 2.65 -5.85
H3' TLN A 2 -11.11 -0.60 -2.59
H2' TLN A 2 -10.71 -1.26 -5.13
H6'1 TLN A 2 -14.80 -1.17 -4.64
H6'2 TLN A 2 -14.28 -2.55 -3.68
P LCG A 3 -10.29 -3.24 -2.27
OP1 LCG A 3 -10.49 -4.69 -2.09
O5' LCG A 3 -9.29 -3.00 -3.51
C5' LCG A 3 -9.39 -3.74 -4.71
C3' LCG A 3 -6.88 -3.37 -5.25
C6' LCG A 3 -8.27 -3.97 -7.05
N9 LCG A 3 -6.57 -0.38 -5.57
C8 LCG A 3 -6.84 -0.01 -4.27
C4 LCG A 3 -5.52 0.43 -5.96
N7 LCG A 3 -6.09 0.96 -3.83
C5 LCG A 3 -5.25 1.26 -4.90
C6 LCG A 3 -4.22 2.26 -5.01
C2' LCG A 3 -6.46 -2.70 -6.54
O6 LCG A 3 -3.86 3.09 -4.19
C4' LCG A 3 -8.33 -3.23 -5.70
C1' LCG A 3 -7.23 -1.38 -6.45
C2 LCG A 3 -3.92 1.35 -7.27
N1 LCG A 3 -3.60 2.23 -6.26
O4' LCG A 3 -8.48 -1.82 -5.94
OP2 LCG A 3 -9.80 -2.43 -1.13
N2 LCG A 3 -3.23 1.45 -8.40
N3 LCG A 3 -4.90 0.43 -7.18
O2' LCG A 3 -7.05 -3.48 -7.59
O3' LCG A 3 -6.43 -4.72 -5.12
H5' LCG A 3 -10.38 -3.63 -5.14
H5'' LCG A 3 -9.21 -4.80 -4.52
H3' LCG A 3 -6.68 -2.79 -4.35
H6'1 LCG A 3 -9.14 -3.78 -7.70
H6'2 LCG A 3 -8.19 -5.04 -6.88
H8 LCG A 3 -7.60 -0.46 -3.66
H2' LCG A 3 -5.39 -2.56 -6.65
H1' LCG A 3 -7.34 -0.92 -7.44
H1 LCG A 3 -2.87 2.91 -6.43
H21 LCG A 3 -2.48 2.14 -8.48
H22 LCG A 3 -3.45 0.84 -9.17
P LCA A 4 -5.04 -5.09 -4.38
O1P LCA A 4 -4.85 -6.55 -4.48
O5' LCA A 4 -3.90 -4.37 -5.25
C5' LCA A 4 -3.58 -4.79 -6.56
C3' LCA A 4 -1.18 -3.83 -6.38
C6' LCA A 4 -2.06 -4.08 -8.56
N9 LCA A 4 -1.65 -0.82 -5.96
C8 LCA A 4 -2.36 -0.94 -4.80
C4 LCA A 4 -0.83 0.30 -5.76
N7 LCA A 4 -2.13 -0.01 -3.91
C5 LCA A 4 -1.17 0.79 -4.52
C6 LCA A 4 -0.53 1.97 -4.10
C2' LCA A 4 -0.71 -2.74 -7.34
N6 LCA A 4 -0.81 2.60 -2.96
C4' LCA A 4 -2.51 -3.82 -7.11
C1' LCA A 4 -1.80 -1.67 -7.19
C2 LCA A 4 0.68 1.93 -6.07
N1 LCA A 4 0.41 2.52 -4.90
O4' LCA A 4 -2.95 -2.48 -7.05
O2P LCA A 4 -5.06 -4.46 -3.04
N3 LCA A 4 0.12 0.84 -6.59
O3' LCA A 4 -0.45 -5.04 -6.49
O2' LCA A 4 -0.86 -3.31 -8.63
H5'1 LCA A 4 -4.46 -4.75 -7.20
H5'2 LCA A 4 -3.18 -5.80 -6.54
H3' LCA A 4 -1.28 -3.49 -5.35
H6'1 LCA A 4 -1.84 -5.14 -8.72
H6'2 LCA A 4 -2.80 -3.73 -9.28
H8 LCA A 4 -3.08 -1.74 -4.62
H2'1 LCA A 4 0.30 -2.37 -7.14
H61 LCA A 4 -0.34 3.46 -2.72
H62 LCA A 4 -1.51 2.20 -2.35
H1' LCA A 4 -1.91 -1.09 -8.10
H2 LCA A 4 1.47 2.45 -6.61
P TLN A 5 0.78 -5.38 -5.51
OP1 TLN A 5 1.39 -6.66 -5.96
OP2 TLN A 5 0.31 -5.26 -4.11
O5' TLN A 5 1.84 -4.20 -5.77
C5' TLN A 5 2.62 -4.10 -6.95
C4' TLN A 5 3.47 -2.84 -6.83
O4' TLN A 5 2.65 -1.67 -6.73
C1' TLN A 5 3.46 -0.67 -6.09
N1 TLN A 5 2.95 -0.28 -4.74
C6 TLN A 5 2.06 -1.08 -4.06
C5 TLN A 5 1.53 -0.71 -2.86
C5M TLN A 5 0.55 -1.64 -2.17
C4 TLN A 5 1.89 0.55 -2.25
O4 TLN A 5 1.47 0.98 -1.17
N3 TLN A 5 2.80 1.30 -2.98
C2 TLN A 5 3.37 0.94 -4.20
O2 TLN A 5 4.19 1.67 -4.75
C3' TLN A 5 4.39 -2.81 -5.62
C2' TLN A 5 4.80 -1.40 -6.02
O2' TLN A 5 5.29 -1.54 -7.36
O3' TLN A 5 5.46 -3.75 -5.63
C6' TLN A 5 4.50 -2.59 -7.95
H5' TLN A 5 1.97 -4.04 -7.83
H5'' TLN A 5 3.26 -4.98 -7.04
H1' TLN A 5 3.53 0.22 -6.70
H6 TLN A 5 1.78 -2.03 -4.48
H71 TLN A 5 0.12 -2.35 -2.88
H72 TLN A 5 1.06 -2.19 -1.38
H73 TLN A 5 -0.27 -1.07 -1.72
H3 TLN A 5 3.11 2.19 -2.59
H3' TLN A 5 3.84 -2.85 -4.67
H2' TLN A 5 5.50 -0.93 -5.33
H6'1 TLN A 5 5.12 -3.48 -8.10
H6'2 TLN A 5 4.03 -2.30 -8.89
P LCA A 6 6.28 -4.13 -4.30
O1P LCA A 6 7.38 -5.05 -4.70
O5' LCA A 6 6.93 -2.74 -3.83
C5' LCA A 6 8.02 -2.12 -4.50
C3' LCA A 6 8.75 -1.04 -2.28
C6' LCA A 6 9.57 -0.04 -4.26
N9 LCA A 6 6.44 0.81 -1.63
C8 LCA A 6 5.48 -0.15 -1.54
C4 LCA A 6 6.17 1.70 -0.61
N7 LCA A 6 4.60 0.07 -0.60
C5 LCA A 6 5.01 1.26 -0.03
C6 LCA A 6 4.49 2.07 1.02
C2' LCA A 6 8.89 0.48 -2.16
N6 LCA A 6 3.36 1.78 1.64
C4' LCA A 6 8.37 -0.84 -3.75
C1' LCA A 6 7.51 0.95 -2.64
C2 LCA A 6 6.31 3.46 0.74
N1 LCA A 6 5.17 3.18 1.38
O4' LCA A 6 7.27 0.07 -3.73
O2P LCA A 6 5.31 -4.56 -3.27
N3 LCA A 6 6.88 2.82 -0.27
O3' LCA A 6 9.97 -1.75 -2.08
O2' LCA A 6 9.84 0.83 -3.17
H5'1 LCA A 6 7.73 -1.89 -5.53
H5'2 LCA A 6 8.88 -2.80 -4.49
H3' LCA A 6 7.92 -1.44 -1.71
H6'1 LCA A 6 10.42 -0.70 -4.44
H6'2 LCA A 6 9.31 0.52 -5.16
H8 LCA A 6 5.43 -1.01 -2.18
H2'1 LCA A 6 9.15 0.82 -1.16
H61 LCA A 6 2.98 2.39 2.35
H62 LCA A 6 2.83 0.96 1.37
H1' LCA A 6 7.57 1.98 -2.99
H2 LCA A 6 6.85 4.34 1.08
P TLN A 7 10.26 -2.54 -0.70
OP1 TLN A 7 11.64 -3.07 -0.78
OP2 TLN A 7 9.13 -3.45 -0.44
O5' TLN A 7 10.24 -1.38 0.42
C5' TLN A 7 11.26 -0.42 0.55
C4' TLN A 7 10.82 0.60 1.61
O4' TLN A 7 9.60 1.23 1.23
C1' TLN A 7 9.01 1.72 2.42
N1 TLN A 7 7.72 1.03 2.77
C6 TLN A 7 7.35 -0.16 2.18
C5 TLN A 7 6.18 -0.77 2.46
C5M TLN A 7 5.84 -2.08 1.78
C4 TLN A 7 5.25 -0.17 3.41
O4 TLN A 7 4.14 -0.63 3.72
N3 TLN A 7 5.68 1.03 3.97
C2 TLN A 7 6.89 1.66 3.71
O2 TLN A 7 7.18 2.70 4.29
C3' TLN A 7 10.56 0.04 3.01
C2' TLN A 7 10.13 1.43 3.43
O2' TLN A 7 11.24 2.29 3.11
O3' TLN A 7 11.71 -0.44 3.70
C6' TLN A 7 11.84 1.70 1.96
H5' TLN A 7 11.43 0.09 -0.40
H5'' TLN A 7 12.18 -0.91 0.87
H1' TLN A 7 8.82 2.79 2.36
H6 TLN A 7 8.02 -0.63 1.47
H71 TLN A 7 4.78 -2.09 1.51
H72 TLN A 7 6.44 -2.21 0.88
H73 TLN A 7 6.03 -2.91 2.47
H3 TLN A 7 5.06 1.48 4.63
H3' TLN A 7 9.75 -0.69 3.01
H2' TLN A 7 9.79 1.53 4.45
H6'1 TLN A 7 11.99 2.41 1.12
H6'2 TLN A 7 12.80 1.26 2.22
P LCG A 8 11.58 -1.37 5.03
OP1 LCG A 8 12.93 -1.56 5.58
O5' LCG A 8 10.74 -0.47 6.07
C5' LCG A 8 11.28 0.66 6.72
C3' LCG A 8 9.63 0.38 8.69
C6' LCG A 8 10.57 2.53 8.41
N9 LCG A 8 6.91 0.77 7.45
C8 LCG A 8 6.94 -0.30 6.60
C4 LCG A 8 5.64 0.76 7.99
N7 LCG A 8 5.83 -0.98 6.54
C5 LCG A 8 4.98 -0.29 7.41
C6 LCG A 8 3.62 -0.55 7.77
C2' LCG A 8 8.67 1.51 9.06
O6 LCG A 8 2.87 -1.43 7.34
C4' LCG A 8 10.18 1.28 7.59
C1' LCG A 8 7.97 1.76 7.73
C2 LCG A 8 3.87 1.39 9.25
N1 LCG A 8 3.13 0.35 8.72
O4' LCG A 8 9.04 1.65 6.81
OP2 LCG A 8 10.75 -2.54 4.66
N2 LCG A 8 3.27 2.15 10.16
N3 LCG A 8 5.14 1.64 8.92
O2' LCG A 8 9.51 2.61 9.34
O3' LCG A 8 10.55 0.05 9.71
H5' LCG A 8 11.61 1.39 5.98
H5'' LCG A 8 12.12 0.35 7.35
H3' LCG A 8 9.13 -0.51 8.28
H6'1 LCG A 8 10.62 3.41 7.76
H6'2 LCG A 8 11.51 2.37 8.92
H8 LCG A 8 7.82 -0.57 6.02
H2' LCG A 8 7.97 1.26 9.87
H1' LCG A 8 7.55 2.77 7.73
H1 LCG A 8 2.18 0.23 9.02
H21 LCG A 8 2.31 1.95 10.43
H22 LCG A 8 3.78 2.92 10.57
O5' LCC A 9 8.91 -0.56 11.56
C5' LCC A 9 8.93 0.53 12.46
C4' LCC A 9 7.52 0.68 13.05
O4' LCC A 9 6.55 0.98 12.05
C1' LCC A 9 5.29 0.56 12.58
N1 LCC A 9 4.69 -0.59 11.82
C6 LCC A 9 5.43 -1.33 10.93
C5 LCC A 9 4.88 -2.37 10.24
C5M LCC A 9 5.73 -3.19 9.28
C4 LCC A 9 3.49 -2.64 10.46
N4 LCC A 9 2.85 -3.63 9.82
N3 LCC A 9 2.77 -1.91 11.33
C2 LCC A 9 3.32 -0.87 12.03
O2 LCC A 9 2.65 -0.23 12.82
C3' LCC A 9 6.99 -0.56 13.75
C2' LCC A 9 5.69 0.18 14.00
O2' LCC A 9 6.07 1.38 14.68
O3' LCC A 9 7.67 -0.98 14.93
C6' LCC A 9 7.37 1.72 14.17
P LCC A 9 10.23 -1.10 10.80
O1P LCC A 9 11.35 -1.13 11.78
O2P LCC A 9 9.86 -2.33 10.08
H5'1 LCC A 9 9.22 1.44 11.94
H5'2 LCC A 9 9.64 0.33 13.27
H1' LCC A 9 4.56 1.38 12.59
H6 LCC A 9 6.47 -1.10 10.80
H5M1 LCC A 9 5.21 -3.28 8.33
H5M2 LCC A 9 6.70 -2.71 9.12
H5M3 LCC A 9 5.90 -4.18 9.70
H41 LCC A 9 1.87 -3.77 9.98
H42 LCC A 9 3.35 -4.18 9.14
H3' LCC A 9 6.88 -1.41 13.06
H2'1 LCC A 9 4.93 -0.40 14.52
H3T LCC A 9 7.16 -1.68 15.34
H6'1 LCC A 9 7.44 2.75 13.81
H6'2 LCC A 9 8.13 1.56 14.93
N1 LKC A 1 -12.51 4.62 -1.22
C2 LKC A 1 -12.07 4.55 -2.55
N3 LKC A 1 -10.89 5.14 -2.88
C4 LKC A 1 -10.13 5.75 -1.96
C5 LKC A 1 -10.53 5.78 -0.58
C6 LKC A 1 -11.71 5.21 -0.25
O2 LKC A 1 -12.75 3.98 -3.41
N4 LKC A 1 -8.98 6.29 -2.38
C1' LKC A 1 -13.87 4.08 -0.90
C2' LKC A 1 -13.89 2.55 -0.77
C3' LKC A 1 -13.56 2.35 0.70
C4' LKC A 1 -14.71 3.29 1.06
O4' LKC A 1 -14.38 4.49 0.36
O3' LKC A 1 -13.73 1.02 1.17
C5' LKC A 1 -14.97 3.51 2.55
O5' LKC A 1 -13.80 3.91 3.22
C5A LKC A 1 -9.67 6.44 0.49
O2' LKC A 1 -15.26 2.15 -0.89
C6' LKC A 1 -15.87 2.62 0.30
H6 LKC A 1 -12.05 5.23 0.77
H41 LKC A 1 -8.74 6.24 -3.36
H42 LKC A 1 -8.37 6.75 -1.73
H1' LKC A 1 -14.55 4.38 -1.69
H2'1 LKC A 1 -13.22 2.04 -1.46
H3' LKC A 1 -12.59 2.78 0.98
H5'1 LKC A 1 -15.74 4.27 2.67
H5'2 LKC A 1 -15.33 2.58 2.99
H5T LKC A 1 -13.15 3.19 3.16
H5M1 LKC A 1 -8.69 5.97 0.50
H5M2 LKC A 1 -9.55 7.50 0.26
H5M3 LKC A 1 -10.12 6.34 1.47
H6'1 LKC A 1 -16.66 3.33 0.08
H6'2 LKC A 1 -16.27 1.77 0.87
P TLN A 2 -12.52 -0.06 1.11
OP1 TLN A 2 -13.03 -1.32 1.70
OP2 TLN A 2 -11.31 0.58 1.67
O5' TLN A 2 -12.29 -0.28 -0.46
C5' TLN A 2 -13.20 -0.99 -1.29
C4' TLN A 2 -12.66 -1.00 -2.71
O4' TLN A 2 -12.58 0.33 -3.23
C1' TLN A 2 -11.59 0.31 -4.27
N1 TLN A 2 -10.39 1.12 -3.93
C6 TLN A 2 -10.12 1.55 -2.65
C5 TLN A 2 -9.07 2.36 -2.36
C5M TLN A 2 -8.83 2.75 -0.91
C4 TLN A 2 -8.21 2.86 -3.42
O4 TLN A 2 -7.26 3.64 -3.29
N3 TLN A 2 -8.50 2.36 -4.68
C2 TLN A 2 -9.53 1.49 -4.98
O2 TLN A 2 -9.66 1.06 -6.13
C3' TLN A 2 -11.26 -1.57 -2.88
C2' TLN A 2 -11.30 -1.19 -4.37
O2' TLN A 2 -12.49 -1.90 -4.80
O3' TLN A 2 -11.15 -2.98 -2.66
C6' TLN A 2 -13.47 -1.82 -3.74
H5' TLN A 2 -14.18 -0.52 -1.25
H5'' TLN A 2 -13.28 -2.03 -0.93
H1' TLN A 2 -11.98 0.68 -5.21
H6 TLN A 2 -10.75 1.23 -1.84
H71 TLN A 2 -9.77 2.87 -0.38
H72 TLN A 2 -8.24 1.96 -0.43
H73 TLN A 2 -8.27 3.69 -0.85
H3 TLN A 2 -7.90 2.64 -5.43
H3' TLN A 2 -10.51 -1.02 -2.33
H2' TLN A 2 -10.36 -1.38 -4.94
H6'1 TLN A 2 -14.39 -1.32 -4.05
H6'2 TLN A 2 -13.80 -2.79 -3.32
P LCG A 3 -9.74 -3.68 -2.33
OP1 LCG A 3 -9.97 -5.15 -2.28
O5' LCG A 3 -8.84 -3.35 -3.63
C5' LCG A 3 -9.04 -3.99 -4.87
C3' LCG A 3 -6.57 -3.57 -5.49
C6' LCG A 3 -8.02 -4.08 -7.26
N9 LCG A 3 -6.30 -0.56 -5.66
C8 LCG A 3 -6.53 -0.26 -4.33
C4 LCG A 3 -5.29 0.30 -6.04
N7 LCG A 3 -5.79 0.70 -3.87
C5 LCG A 3 -5.00 1.09 -4.95
C6 LCG A 3 -4.02 2.12 -5.06
C2' LCG A 3 -6.20 -2.82 -6.75
O6 LCG A 3 -3.65 2.93 -4.20
C4' LCG A 3 -8.04 -3.41 -5.88
C1' LCG A 3 -6.98 -1.51 -6.58
C2 LCG A 3 -3.76 1.33 -7.36
N1 LCG A 3 -3.43 2.17 -6.32
O4' LCG A 3 -8.21 -2.00 -6.05
OP2 LCG A 3 -9.14 -2.99 -1.17
N2 LCG A 3 -3.09 1.48 -8.50
N3 LCG A 3 -4.70 0.36 -7.27
O2' LCG A 3 -6.81 -3.55 -7.82
O3' LCG A 3 -6.08 -4.90 -5.43
H5' LCG A 3 -10.05 -3.81 -5.23
H5'' LCG A 3 -8.88 -5.06 -4.77
H3' LCG A 3 -6.33 -3.01 -4.57
H6'1 LCG A 3 -8.90 -3.88 -7.87
H6'2 LCG A 3 -7.91 -5.16 -7.15
H8 LCG A 3 -7.27 -0.76 -3.72
H2' LCG A 3 -5.12 -2.66 -6.90
H1' LCG A 3 -7.13 -1.01 -7.54
H1 LCG A 3 -2.72 2.88 -6.47
H21 LCG A 3 -2.37 2.19 -8.57
H22 LCG A 3 -3.31 0.89 -9.28
P LCA A 4 -4.69 -5.28 -4.73
O1P LCA A 4 -4.46 -6.73 -4.91
O5' LCA A 4 -3.58 -4.48 -5.58
C5' LCA A 4 -3.25 -4.84 -6.91
C3' LCA A 4 -0.88 -3.83 -6.70
C6' LCA A 4 -1.76 -4.05 -8.89
N9 LCA A 4 -1.37 -0.83 -6.24
C8 LCA A 4 -2.04 -0.98 -5.05
C4 LCA A 4 -0.57 0.30 -6.05
N7 LCA A 4 -1.83 -0.06 -4.17
C5 LCA A 4 -0.90 0.78 -4.80
C6 LCA A 4 -0.29 1.99 -4.40
C2' LCA A 4 -0.42 -2.72 -7.64
N6 LCA A 4 -0.57 2.62 -3.25
C4' LCA A 4 -2.21 -3.84 -7.44
C1' LCA A 4 -1.53 -1.68 -7.45
C2 LCA A 4 0.89 1.97 -6.37
N1 LCA A 4 0.61 2.55 -5.21
O4' LCA A 4 -2.67 -2.50 -7.34
O2P LCA A 4 -4.70 -4.71 -3.36
N3 LCA A 4 0.35 0.86 -6.90
O3' LCA A 4 -0.13 -5.05 -6.84
O2' LCA A 4 -0.57 -3.26 -8.95
H5'1 LCA A 4 -4.15 -4.80 -7.54
H5'2 LCA A 4 -2.83 -5.85 -6.93
H3' LCA A 4 -0.98 -3.52 -5.67
H6'1 LCA A 4 -1.53 -5.10 -9.08
H6'2 LCA A 4 -2.50 -3.68 -9.59
H8 LCA A 4 -2.73 -1.80 -4.88
H2'1 LCA A 4 0.57 -2.33 -7.44
H61 LCA A 4 -0.14 3.50 -3.02
H62 LCA A 4 -1.26 2.22 -2.63
H1' LCA A 4 -1.67 -1.09 -8.37
H2 LCA A 4 1.67 2.50 -6.93
P TLN A 5 1.08 -5.41 -5.84
OP1 TLN A 5 1.70 -6.66 -6.33
OP2 TLN A 5 0.58 -5.32 -4.45
O5' TLN A 5 2.13 -4.21 -6.06
C5' TLN A 5 2.92 -4.07 -7.23
C4' TLN A 5 3.74 -2.80 -7.09
O4' TLN A 5 2.91 -1.64 -6.97
C1' TLN A 5 3.69 -0.64 -6.32
N1 TLN A 5 3.16 -0.27 -4.97
C6 TLN A 5 2.30 -1.09 -4.29
C5 TLN A 5 1.75 -0.73 -3.10
C5M TLN A 5 0.82 -1.71 -2.40
C4 TLN A 5 2.05 0.56 -2.51
O4 TLN A 5 1.60 1.01 -1.46
N3 TLN A 5 2.95 1.34 -3.23
C2 TLN A 5 3.54 0.98 -4.45
O2 TLN A 5 4.33 1.73 -5.00
C3' TLN A 5 4.66 -2.76 -5.87
C2' TLN A 5 5.06 -1.35 -6.26
O2' TLN A 5 5.54 -1.46 -7.60
O3' TLN A 5 5.74 -3.68 -5.90
C6' TLN A 5 4.78 -2.52 -8.20
H5' TLN A 5 2.28 -4.01 -8.11
H5'' TLN A 5 3.59 -4.94 -7.33
H1' TLN A 5 3.74 0.26 -6.94
H6 TLN A 5 2.07 -2.06 -4.70
H71 TLN A 5 1.39 -2.58 -2.08
H72 TLN A 5 0.35 -1.25 -1.54
H73 TLN A 5 0.05 -2.04 -3.10
H3 TLN A 5 3.21 2.23 -2.86
H3' TLN A 5 4.11 -2.81 -4.94
H2' TLN A 5 5.74 -0.87 -5.57
H6'1 TLN A 5 5.41 -3.38 -8.36
H6'2 TLN A 5 4.32 -2.23 -9.15
P LCA A 6 6.50 -4.14 -4.55
O1P LCA A 6 7.63 -5.02 -4.94
O5' LCA A 6 7.11 -2.76 -3.97
C5' LCA A 6 8.23 -2.12 -4.54
C3' LCA A 6 8.81 -1.13 -2.23
C6' LCA A 6 9.80 -0.09 -4.11
N9 LCA A 6 6.54 0.80 -1.66
C8 LCA A 6 5.54 -0.15 -1.63
C4 LCA A 6 6.22 1.69 -0.67
N7 LCA A 6 4.61 0.09 -0.74
C5 LCA A 6 5.02 1.28 -0.14
C6 LCA A 6 4.45 2.11 0.85
C2' LCA A 6 8.99 0.37 -2.05
N6 LCA A 6 3.27 1.86 1.41
C4' LCA A 6 8.53 -0.87 -3.72
C1' LCA A 6 7.67 0.91 -2.62
C2 LCA A 6 6.32 3.46 0.68
N1 LCA A 6 5.14 3.20 1.25
O4' LCA A 6 7.46 0.06 -3.73
O2P LCA A 6 5.48 -4.62 -3.59
N3 LCA A 6 6.93 2.79 -0.29
O3' LCA A 6 9.98 -1.89 -1.96
O2' LCA A 6 10.02 0.72 -2.97
H5'1 LCA A 6 8.00 -1.84 -5.58
H5'2 LCA A 6 9.08 -2.79 -4.53
H3' LCA A 6 7.93 -1.53 -1.73
H6'1 LCA A 6 10.65 -0.76 -4.25
H6'2 LCA A 6 9.63 0.52 -5.01
H8 LCA A 6 5.51 -1.01 -2.27
H2'1 LCA A 6 9.19 0.68 -1.03
H61 LCA A 6 2.87 2.50 2.08
H62 LCA A 6 2.74 1.05 1.11
H1' LCA A 6 7.78 1.94 -2.93
H2 LCA A 6 6.85 4.33 1.05
P TLN A 7 10.17 -2.67 -0.56
OP1 TLN A 7 11.53 -3.26 -0.55
OP2 TLN A 7 9.00 -3.55 -0.36
O5' TLN A 7 10.11 -1.51 0.55
C5' TLN A 7 11.17 -0.59 0.74
C4' TLN A 7 10.71 0.44 1.79
O4' TLN A 7 9.53 1.13 1.36
C1' TLN A 7 8.91 1.63 2.55
N1 TLN A 7 7.59 1.01 2.82
C6 TLN A 7 7.18 -0.15 2.21
C5 TLN A 7 5.96 -0.71 2.43
C5M TLN A 7 5.59 -2.01 1.75
C4 TLN A 7 5.01 -0.07 3.33
O4 TLN A 7 3.88 -0.47 3.59
N3 TLN A 7 5.47 1.11 3.91
C2 TLN A 7 6.73 1.67 3.72
O2 TLN A 7 7.04 2.70 4.31
C3' TLN A 7 10.37 -0.13 3.16
C2' TLN A 7 9.97 1.28 3.60
O2' TLN A 7 11.13 2.07 3.33
O3' TLN A 7 11.46 -0.67 3.90
C6' TLN A 7 11.76 1.49 2.19
H5' TLN A 7 11.38 -0.08 -0.19
H5'' TLN A 7 12.05 -1.10 1.10
H1' TLN A 7 8.78 2.72 2.50
H6 TLN A 7 7.86 -0.67 1.53
H71 TLN A 7 4.54 -1.97 1.42
H72 TLN A 7 6.23 -2.17 0.87
H73 TLN A 7 5.73 -2.84 2.44
H3 TLN A 7 4.84 1.59 4.53
H3' TLN A 7 9.53 -0.82 3.12
H2' TLN A 7 9.60 1.36 4.60
H6'1 TLN A 7 11.98 2.19 1.39
H6'2 TLN A 7 12.69 1.00 2.50
P LCG A 8 11.23 -1.65 5.16
OP1 LCG A 8 12.55 -1.94 5.77
O5' LCG A 8 10.39 -0.75 6.21
C5' LCG A 8 10.97 0.33 6.92
C3' LCG A 8 9.19 0.09 8.79
C6' LCG A 8 10.31 2.17 8.64
N9 LCG A 8 6.57 0.77 7.45
C8 LCG A 8 6.56 -0.31 6.58
C4 LCG A 8 5.28 0.86 7.91
N7 LCG A 8 5.39 -0.87 6.44
C5 LCG A 8 4.56 -0.12 7.28
C6 LCG A 8 3.15 -0.25 7.53
C2' LCG A 8 8.31 1.27 9.17
O6 LCG A 8 2.36 -1.05 7.05
C4' LCG A 8 9.87 0.99 7.76
C1' LCG A 8 7.70 1.65 7.82
C2 LCG A 8 3.50 1.62 9.08
N1 LCG A 8 2.69 0.68 8.47
O4' LCG A 8 8.81 1.47 6.95
OP2 LCG A 8 10.36 -2.76 4.73
N2 LCG A 8 2.91 2.42 9.96
N3 LCG A 8 4.80 1.77 8.82
O2' LCG A 8 9.21 2.30 9.53
O3' LCG A 8 10.03 -0.36 9.84
H5' LCG A 8 11.38 1.06 6.22
H5'' LCG A 8 11.76 -0.04 7.57
H3' LCG A 8 8.65 -0.73 8.32
H6'1 LCG A 8 10.46 3.07 8.05
H6'2 LCG A 8 11.21 1.92 9.19
H8 LCG A 8 7.44 -0.64 6.06
H2' LCG A 8 7.55 1.07 9.91
H1' LCG A 8 7.38 2.68 7.84
H1 LCG A 8 1.72 0.63 8.71
H21 LCG A 8 1.93 2.31 10.18
H22 LCG A 8 3.46 3.14 10.41
O5' LCC A 9 8.25 -0.99 11.53
C5' LCC A 9 8.27 0.04 12.50
C4' LCC A 9 6.83 0.24 12.98
O4' LCC A 9 5.95 0.69 11.94
C1' LCC A 9 4.63 0.32 12.34
N1 LCC A 9 4.01 -0.71 11.44
C6 LCC A 9 4.78 -1.47 10.58
C5 LCC A 9 4.23 -2.43 9.80
C5M LCC A 9 5.08 -3.27 8.88
C4 LCC A 9 2.79 -2.62 9.90
N4 LCC A 9 2.16 -3.54 9.18
N3 LCC A 9 2.07 -1.87 10.74
C2 LCC A 9 2.63 -0.92 11.52
O2 LCC A 9 1.93 -0.24 12.28
C3' LCC A 9 6.16 -1.02 13.54
C2' LCC A 9 4.90 -0.21 13.75
O2' LCC A 9 5.30 0.91 14.56
O3' LCC A 9 6.71 -1.57 14.72
C6' LCC A 9 6.65 1.19 14.18
P LCC A 9 9.59 -1.56 10.83
O1P LCC A 9 10.63 -1.70 11.87
O2P LCC A 9 9.20 -2.72 10.00
H5'1 LCC A 9 8.65 0.96 12.05
H5'2 LCC A 9 8.90 -0.25 13.33
H1' LCC A 9 3.96 1.18 12.37
H6 LCC A 9 5.85 -1.31 10.54
H5M1 LCC A 9 4.65 -3.29 7.87
H5M2 LCC A 9 6.09 -2.86 8.81
H5M3 LCC A 9 5.14 -4.29 9.26
H41 LCC A 9 1.15 -3.64 9.27
H42 LCC A 9 2.67 -4.11 8.52
H3' LCC A 9 6.04 -1.79 12.77
H2'1 LCC A 9 4.07 -0.77 14.16
H3T LCC A 9 7.56 -1.99 14.49
H6'1 LCC A 9 6.81 2.24 13.91
H6'2 LCC A 9 7.32 0.92 14.98
N1 LKC A 1 -12.53 4.78 -1.38
C2 LKC A 1 -12.03 4.63 -2.69
N3 LKC A 1 -10.82 5.20 -3.00
C4 LKC A 1 -10.11 5.86 -2.09
C5 LKC A 1 -10.58 5.99 -0.73
C6 LKC A 1 -11.79 5.44 -0.43
O2 LKC A 1 -12.64 4.01 -3.55
N4 LKC A 1 -8.94 6.38 -2.48
C1' LKC A 1 -13.89 4.25 -1.11
C2' LKC A 1 -13.90 2.74 -0.86
C3' LKC A 1 -13.66 2.67 0.65
C4' LKC A 1 -14.85 3.60 0.84
O4' LKC A 1 -14.49 4.76 0.09
O3' LKC A 1 -13.82 1.37 1.20
C5' LKC A 1 -15.23 3.95 2.29
O5' LKC A 1 -14.15 4.55 2.96
C5A LKC A 1 -9.77 6.72 0.34
O2' LKC A 1 -15.24 2.30 -1.02
C6' LKC A 1 -15.95 2.85 0.08
H6 LKC A 1 -12.17 5.53 0.57
H41 LKC A 1 -8.66 6.26 -3.45
H42 LKC A 1 -8.36 6.88 -1.83
H1' LKC A 1 -14.54 4.47 -1.96
H2'1 LKC A 1 -13.18 2.19 -1.45
H3' LKC A 1 -12.73 3.14 0.96
H5'1 LKC A 1 -16.08 4.62 2.29
H5'2 LKC A 1 -15.51 3.03 2.82
H5T LKC A 1 -13.89 5.34 2.47
H5M1 LKC A 1 -9.64 7.77 0.05
H5M2 LKC A 1 -10.28 6.67 1.30
H5M3 LKC A 1 -8.79 6.25 0.43
H6'1 LKC A 1 -16.74 3.53 -0.25
H6'2 LKC A 1 -16.36 2.04 0.69
P TLN A 2 -12.61 0.31 1.25
OP1 TLN A 2 -13.12 -0.92 1.92
OP2 TLN A 2 -11.43 1.00 1.79
O5' TLN A 2 -12.32 -0.03 -0.29
C5' TLN A 2 -13.20 -0.83 -1.08
C4' TLN A 2 -12.64 -0.91 -2.50
O4' TLN A 2 -12.54 0.39 -3.10
C1' TLN A 2 -11.55 0.30 -4.12
N1 TLN A 2 -10.34 1.14 -3.83
C6 TLN A 2 -10.09 1.63 -2.56
C5 TLN A 2 -9.04 2.47 -2.32
C5M TLN A 2 -8.80 2.92 -0.88
C4 TLN A 2 -8.16 2.90 -3.39
O4 TLN A 2 -7.23 3.68 -3.29
N3 TLN A 2 -8.46 2.34 -4.63
C2 TLN A 2 -9.49 1.45 -4.89
O2 TLN A 2 -9.63 0.97 -6.02
C3' TLN A 2 -11.22 -1.49 -2.62
C2' TLN A 2 -11.25 -1.21 -4.12
O2' TLN A 2 -12.43 -1.94 -4.53
O3' TLN A 2 -11.12 -2.87 -2.31
C6' TLN A 2 -13.43 -1.79 -3.48
H5' TLN A 2 -14.19 -0.37 -1.10
H5'' TLN A 2 -13.27 -1.83 -0.66
H1' TLN A 2 -11.93 0.63 -5.09
H6 TLN A 2 -10.72 1.35 -1.73
H71 TLN A 2 -9.74 3.08 -0.37
H72 TLN A 2 -8.23 2.16 -0.35
H73 TLN A 2 -8.23 3.86 -0.88
H3 TLN A 2 -7.86 2.58 -5.40
H3' TLN A 2 -10.49 -0.90 -2.08
H2' TLN A 2 -10.30 -1.41 -4.67
H6'1 TLN A 2 -14.34 -1.31 -3.83
H6'2 TLN A 2 -13.76 -2.74 -3.01
P LCG A 3 -9.70 -3.55 -1.97
OP1 LCG A 3 -9.91 -5.02 -1.84
O5' LCG A 3 -8.80 -3.28 -3.27
C5' LCG A 3 -8.99 -3.99 -4.48
C3' LCG A 3 -6.53 -3.58 -5.16
C6' LCG A 3 -8.01 -4.16 -6.88
N9 LCG A 3 -6.29 -0.57 -5.44
C8 LCG A 3 -6.48 -0.25 -4.12
C4 LCG A 3 -5.30 0.28 -5.87
N7 LCG A 3 -5.73 0.72 -3.69
C5 LCG A 3 -4.98 1.09 -4.79
C6 LCG A 3 -3.99 2.12 -4.95
C2' LCG A 3 -6.18 -2.86 -6.46
O6 LCG A 3 -3.61 2.93 -4.12
C4' LCG A 3 -8.00 -3.45 -5.52
C1' LCG A 3 -6.97 -1.56 -6.30
C2 LCG A 3 -3.82 1.28 -7.25
N1 LCG A 3 -3.44 2.14 -6.24
O4' LCG A 3 -8.19 -2.04 -5.74
OP2 LCG A 3 -9.10 -2.80 -0.84
N2 LCG A 3 -3.19 1.43 -8.41
N3 LCG A 3 -4.74 0.33 -7.12
O2' LCG A 3 -6.83 -3.63 -7.49
O3' LCG A 3 -6.03 -4.90 -5.08
H5' LCG A 3 -10.00 -3.86 -4.84
H5'' LCG A 3 -8.79 -5.05 -4.33
H3' LCG A 3 -6.27 -3.00 -4.27
H6'1 LCG A 3 -8.91 -3.98 -7.48
H6'2 LCG A 3 -7.89 -5.23 -6.74
H8 LCG A 3 -7.20 -0.73 -3.46
H2' LCG A 3 -5.12 -2.71 -6.63
H1' LCG A 3 -7.15 -1.10 -7.28
H1 LCG A 3 -2.75 2.85 -6.43
H21 LCG A 3 -2.46 2.13 -8.52
H22 LCG A 3 -3.43 0.82 -9.19
P LCA A 4 -4.60 -5.26 -4.42
O1P LCA A 4 -4.38 -6.72 -4.57
O5' LCA A 4 -3.53 -4.49 -5.35
C5' LCA A 4 -3.24 -4.90 -6.69
C3' LCA A 4 -0.86 -3.86 -6.59
C6' LCA A 4 -1.82 -4.15 -8.73
N9 LCA A 4 -1.38 -0.88 -6.15
C8 LCA A 4 -2.04 -1.04 -4.95
C4 LCA A 4 -0.60 0.25 -5.97
N7 LCA A 4 -1.80 -0.10 -4.07
C5 LCA A 4 -0.90 0.73 -4.72
C6 LCA A 4 -0.28 1.93 -4.32
C2' LCA A 4 -0.46 -2.77 -7.56
N6 LCA A 4 -0.52 2.55 -3.16
C4' LCA A 4 -2.22 -3.91 -7.27
C1' LCA A 4 -1.57 -1.73 -7.36
C2 LCA A 4 0.85 1.94 -6.33
N1 LCA A 4 0.62 2.51 -5.16
O4' LCA A 4 -2.70 -2.57 -7.19
O2P LCA A 4 -4.55 -4.64 -3.08
N3 LCA A 4 0.30 0.82 -6.84
O3' LCA A 4 -0.10 -5.06 -6.72
O2' LCA A 4 -0.64 -3.34 -8.85
H5'1 LCA A 4 -4.14 -4.88 -7.28
H5'2 LCA A 4 -2.81 -5.90 -6.68
H3' LCA A 4 -0.93 -3.53 -5.55
H6'1 LCA A 4 -1.57 -5.19 -8.90
H6'2 LCA A 4 -2.60 -3.81 -9.42
H8 LCA A 4 -2.71 -1.85 -4.75
H2'1 LCA A 4 0.55 -2.37 -7.41
H61 LCA A 4 -0.08 3.43 -2.95
H62 LCA A 4 -1.18 2.15 -2.53
H1' LCA A 4 -1.73 -1.16 -8.27
H2 LCA A 4 1.61 2.47 -6.91
P TLN A 5 1.16 -5.39 -5.75
OP1 TLN A 5 1.80 -6.62 -6.23
OP2 TLN A 5 0.67 -5.30 -4.36
O5' TLN A 5 2.16 -4.15 -6.00
C5' TLN A 5 2.94 -4.02 -7.17
C4' TLN A 5 3.76 -2.73 -7.04
O4' TLN A 5 2.92 -1.57 -6.91
C1' TLN A 5 3.70 -0.57 -6.27
N1 TLN A 5 3.18 -0.21 -4.91
C6 TLN A 5 2.33 -1.04 -4.21
C5 TLN A 5 1.79 -0.69 -3.02
C5M TLN A 5 0.86 -1.65 -2.32
C4 TLN A 5 2.12 0.60 -2.41
O4 TLN A 5 1.69 1.02 -1.34
N3 TLN A 5 3.01 1.37 -3.15
C2 TLN A 5 3.57 1.02 -4.37
O2 TLN A 5 4.37 1.78 -4.92
C3' TLN A 5 4.69 -2.70 -5.82
C2' TLN A 5 5.07 -1.28 -6.21
O2' TLN A 5 5.55 -1.39 -7.56
O3' TLN A 5 5.77 -3.61 -5.84
C6' TLN A 5 4.79 -2.44 -8.15
H5' TLN A 5 2.30 -3.95 -8.05
H5'' TLN A 5 3.61 -4.87 -7.27
H1' TLN A 5 3.75 0.33 -6.87
H6 TLN A 5 2.09 -1.99 -4.64
H71 TLN A 5 0.45 -2.37 -3.02
H72 TLN A 5 1.40 -2.18 -1.54
H73 TLN A 5 0.03 -1.10 -1.87
H3 TLN A 5 3.28 2.26 -2.76
H3' TLN A 5 4.14 -2.76 -4.88
H2' TLN A 5 5.75 -0.80 -5.51
H6'1 TLN A 5 5.42 -3.31 -8.31
H6'2 TLN A 5 4.31 -2.16 -9.09
P LCA A 6 6.54 -4.06 -4.50
O1P LCA A 6 7.66 -4.95 -4.89
O5' LCA A 6 7.16 -2.68 -3.93
C5' LCA A 6 8.28 -2.06 -4.51
C3' LCA A 6 8.89 -1.07 -2.21
C6' LCA A 6 9.87 -0.03 -4.09
N9 LCA A 6 6.63 0.87 -1.64
C8 LCA A 6 5.64 -0.09 -1.57
C4 LCA A 6 6.32 1.76 -0.64
N7 LCA A 6 4.72 0.15 -0.67
C5 LCA A 6 5.14 1.33 -0.08
C6 LCA A 6 4.59 2.14 0.93
C2' LCA A 6 9.08 0.43 -2.03
N6 LCA A 6 3.42 1.87 1.52
C4' LCA A 6 8.61 -0.81 -3.69
C1' LCA A 6 7.76 0.97 -2.59
C2 LCA A 6 6.42 3.53 0.72
N1 LCA A 6 5.26 3.25 1.32
O4' LCA A 6 7.54 0.13 -3.71
O2P LCA A 6 5.53 -4.54 -3.53
N3 LCA A 6 7.03 2.86 -0.27
O3' LCA A 6 10.05 -1.83 -1.94
O2' LCA A 6 10.10 0.78 -2.95
H5'1 LCA A 6 8.06 -1.76 -5.55
H5'2 LCA A 6 9.13 -2.73 -4.50
H3' LCA A 6 8.01 -1.46 -1.69
H6'1 LCA A 6 10.71 -0.71 -4.25
H6'2 LCA A 6 9.70 0.58 -4.98
H8 LCA A 6 5.61 -0.94 -2.24
H2'1 LCA A 6 9.28 0.73 -1.00
H61 LCA A 6 3.03 2.50 2.21
H62 LCA A 6 2.91 1.06 1.23
H1' LCA A 6 7.87 2.02 -2.90
H2 LCA A 6 6.95 4.40 1.07
P TLN A 7 10.25 -2.63 -0.55
OP1 TLN A 7 11.61 -3.22 -0.55
OP2 TLN A 7 9.07 -3.50 -0.36
O5' TLN A 7 10.19 -1.48 0.57
C5' TLN A 7 11.27 -0.57 0.79
C4' TLN A 7 10.81 0.45 1.84
O4' TLN A 7 9.65 1.16 1.42
C1' TLN A 7 9.03 1.66 2.60
N1 TLN A 7 7.69 1.04 2.87
C6 TLN A 7 7.28 -0.13 2.24
C5 TLN A 7 6.07 -0.69 2.49
C5M TLN A 7 5.71 -1.98 1.78
C4 TLN A 7 5.13 -0.06 3.41
O4 TLN A 7 4.02 -0.48 3.69
N3 TLN A 7 5.60 1.11 4.00
C2 TLN A 7 6.85 1.69 3.79
O2 TLN A 7 7.16 2.72 4.38
C3' TLN A 7 10.45 -0.13 3.21
C2' TLN A 7 10.08 1.28 3.65
O2' TLN A 7 11.25 2.07 3.40
O3' TLN A 7 11.54 -0.68 3.96
C6' TLN A 7 11.87 1.47 2.27
H5' TLN A 7 11.51 -0.05 -0.14
H5'' TLN A 7 12.14 -1.12 1.15
H1' TLN A 7 8.91 2.73 2.55
H6 TLN A 7 7.95 -0.62 1.54
H71 TLN A 7 4.67 -1.94 1.46
H72 TLN A 7 6.33 -2.14 0.91
H73 TLN A 7 5.83 -2.82 2.48
H3 TLN A 7 4.98 1.59 4.63
H3' TLN A 7 9.61 -0.82 3.16
H2' TLN A 7 9.69 1.36 4.66
H6'1 TLN A 7 12.11 2.20 1.47
H6'2 TLN A 7 12.79 0.98 2.56
P LCG A 8 11.29 -1.65 5.23
OP1 LCG A 8 12.61 -1.94 5.84
O5' LCG A 8 10.44 -0.74 6.26
C5' LCG A 8 11.00 0.33 6.98
C3' LCG A 8 9.23 0.07 8.84
C6' LCG A 8 10.30 2.18 8.69
N9 LCG A 8 6.62 0.63 7.45
C8 LCG A 8 6.68 -0.43 6.60
C4 LCG A 8 5.32 0.68 7.91
N7 LCG A 8 5.54 -1.06 6.46
C5 LCG A 8 4.66 -0.36 7.27
C6 LCG A 8 3.26 -0.55 7.53
C2' LCG A 8 8.30 1.22 9.20
O6 LCG A 8 2.52 -1.42 7.07
C4' LCG A 8 9.89 0.98 7.81
C1' LCG A 8 7.70 1.57 7.84
C2 LCG A 8 3.50 1.36 9.05
N1 LCG A 8 2.75 0.36 8.45
O4' LCG A 8 8.82 1.44 6.98
OP2 LCG A 8 10.43 -2.77 4.79
N2 LCG A 8 2.85 2.13 9.92
N3 LCG A 8 4.80 1.56 8.80
O2' LCG A 8 9.19 2.29 9.57
O3' LCG A 8 10.08 -0.35 9.90
H5' LCG A 8 11.43 1.06 6.29
H5'' LCG A 8 11.79 -0.04 7.64
H3' LCG A 8 8.71 -0.77 8.37
H6'1 LCG A 8 10.43 3.08 8.09
H6'2 LCG A 8 11.20 1.94 9.26
H8 LCG A 8 7.58 -0.73 6.07
H2' LCG A 8 7.55 1.01 9.95
H1' LCG A 8 7.34 2.60 7.86
H1 LCG A 8 1.78 0.26 8.69
H21 LCG A 8 1.88 1.97 10.13
H22 LCG A 8 3.37 2.89 10.36
O5' LCC A 9 8.30 -0.96 11.62
C5' LCC A 9 8.31 0.11 12.55
C4' LCC A 9 6.88 0.30 13.06
O4' LCC A 9 5.98 0.70 12.02
C1' LCC A 9 4.67 0.32 12.44
N1 LCC A 9 4.06 -0.76 11.61
C6 LCC A 9 4.82 -1.53 10.74
C5 LCC A 9 4.27 -2.51 10.00
C5M LCC A 9 5.13 -3.35 9.06
C4 LCC A 9 2.85 -2.74 10.15
N4 LCC A 9 2.22 -3.69 9.46
N3 LCC A 9 2.12 -2.00 11.00
C2 LCC A 9 2.69 -1.01 11.75
O2 LCC A 9 1.99 -0.36 12.53
C3' LCC A 9 6.25 -0.95 13.67
C2' LCC A 9 4.98 -0.14 13.88
O2' LCC A 9 5.37 1.00 14.64
O3' LCC A 9 6.83 -1.45 14.86
C6' LCC A 9 6.70 1.30 14.22
P LCC A 9 9.64 -1.52 10.92
O1P LCC A 9 10.68 -1.64 11.97
O2P LCC A 9 9.26 -2.71 10.13
H5'1 LCC A 9 8.67 1.02 12.08
H5'2 LCC A 9 8.96 -0.15 13.39
H1' LCC A 9 3.98 1.16 12.45
H6 LCC A 9 5.88 -1.33 10.66
H5M1 LCC A 9 4.67 -3.39 8.08
H5M2 LCC A 9 6.12 -2.91 8.97
H5M3 LCC A 9 5.22 -4.36 9.46
H41 LCC A 9 1.23 -3.81 9.59
H42 LCC A 9 2.72 -4.26 8.79
H3' LCC A 9 6.13 -1.75 12.93
H2'1 LCC A 9 4.16 -0.72 14.33
H3T LCC A 9 7.68 -1.85 14.64
H6'1 LCC A 9 6.84 2.33 13.91
H6'2 LCC A 9 7.40 1.06 15.02
N1 LKC A 1 -13.16 4.93 -1.72
C2 LKC A 1 -12.63 4.76 -3.01
N3 LKC A 1 -11.45 5.35 -3.33
C4 LKC A 1 -10.77 6.08 -2.42
C5 LKC A 1 -11.27 6.25 -1.08
C6 LKC A 1 -12.45 5.66 -0.78
O2 LKC A 1 -13.22 4.08 -3.85
N4 LKC A 1 -9.61 6.63 -2.82
C1' LKC A 1 -14.50 4.36 -1.43
C2' LKC A 1 -14.45 2.84 -1.15
C3' LKC A 1 -14.19 2.80 0.35
C4' LKC A 1 -15.41 3.69 0.55
O4' LKC A 1 -15.11 4.85 -0.24
O3' LKC A 1 -14.31 1.52 0.93
C5' LKC A 1 -15.78 4.04 1.99
O5' LKC A 1 -14.68 4.58 2.69
C5A LKC A 1 -10.51 7.06 -0.04
O2' LKC A 1 -15.77 2.35 -1.30
C6' LKC A 1 -16.49 2.89 -0.20
H6 LKC A 1 -12.86 5.78 0.22
H41 LKC A 1 -9.29 6.49 -3.77
H42 LKC A 1 -9.07 7.17 -2.17
H1' LKC A 1 -15.15 4.53 -2.28
H2'1 LKC A 1 -13.71 2.32 -1.74
H3' LKC A 1 -13.27 3.31 0.64
H5'1 LKC A 1 -16.61 4.76 1.99
H5'2 LKC A 1 -16.11 3.14 2.50
H5T LKC A 1 -13.99 3.91 2.73
H5M1 LKC A 1 -10.40 8.09 -0.39
H5M2 LKC A 1 -11.06 7.05 0.91
H5M3 LKC A 1 -9.53 6.61 0.11
H6'1 LKC A 1 -17.31 3.53 -0.54
H6'2 LKC A 1 -16.87 2.08 0.42
P TLN A 2 -13.05 0.51 1.02
OP1 TLN A 2 -13.51 -0.72 1.71
OP2 TLN A 2 -11.90 1.27 1.56
O5' TLN A 2 -12.73 0.15 -0.52
C5' TLN A 2 -13.57 -0.70 -1.30
C4' TLN A 2 -12.98 -0.77 -2.71
O4' TLN A 2 -12.94 0.52 -3.33
C1' TLN A 2 -11.91 0.47 -4.33
N1 TLN A 2 -10.75 1.35 -4.01
C6 TLN A 2 -10.55 1.87 -2.74
C5 TLN A 2 -9.53 2.75 -2.48
C5M TLN A 2 -9.36 3.24 -1.06
C4 TLN A 2 -8.62 3.17 -3.54
O4 TLN A 2 -7.70 3.98 -3.43
N3 TLN A 2 -8.87 2.57 -4.78
C2 TLN A 2 -9.88 1.66 -5.06
O2 TLN A 2 -9.97 1.18 -6.18
C3' TLN A 2 -11.55 -1.30 -2.79
C2' TLN A 2 -11.55 -1.03 -4.30
O2' TLN A 2 -12.70 -1.81 -4.72
O3' TLN A 2 -11.39 -2.67 -2.47
C6' TLN A 2 -13.71 -1.72 -3.70
H5' TLN A 2 -14.57 -0.29 -1.34
H5'' TLN A 2 -13.59 -1.70 -0.86
H1' TLN A 2 -12.30 0.76 -5.30
H6 TLN A 2 -11.19 1.59 -1.94
H71 TLN A 2 -8.84 4.21 -1.06
H72 TLN A 2 -10.33 3.36 -0.59
H73 TLN A 2 -8.76 2.53 -0.50
H3 TLN A 2 -8.25 2.82 -5.53
H3' TLN A 2 -10.84 -0.67 -2.25
H2' TLN A 2 -10.59 -1.20 -4.82
H6'1 TLN A 2 -14.64 -1.27 -4.08
H6'2 TLN A 2 -14.02 -2.66 -3.21
P LCG A 3 -9.95 -3.31 -2.13
OP1 LCG A 3 -10.12 -4.77 -1.99
O5' LCG A 3 -9.08 -3.03 -3.47
C5' LCG A 3 -9.29 -3.74 -4.67
C3' LCG A 3 -6.83 -3.36 -5.34
C6' LCG A 3 -8.30 -3.94 -7.08
N9 LCG A 3 -6.54 -0.37 -5.63
C8 LCG A 3 -6.81 0.03 -4.34
C4 LCG A 3 -5.49 0.43 -6.03
N7 LCG A 3 -6.05 1.00 -3.91
C5 LCG A 3 -5.20 1.27 -4.98
C6 LCG A 3 -4.17 2.25 -5.12
C2' LCG A 3 -6.46 -2.67 -6.65
O6 LCG A 3 -3.80 3.08 -4.30
C4' LCG A 3 -8.30 -3.21 -5.73
C1' LCG A 3 -7.24 -1.35 -6.51
C2 LCG A 3 -3.87 1.30 -7.35
N1 LCG A 3 -3.54 2.19 -6.36
O4' LCG A 3 -8.46 -1.80 -5.95
OP2 LCG A 3 -9.35 -2.52 -1.04
N2 LCG A 3 -3.16 1.36 -8.48
N3 LCG A 3 -4.86 0.38 -7.24
O2' LCG A 3 -7.10 -3.44 -7.67
O3' LCG A 3 -6.37 -4.71 -5.25
H5' LCG A 3 -10.31 -3.60 -5.03
H5'' LCG A 3 -9.10 -4.81 -4.51
H3' LCG A 3 -6.57 -2.77 -4.45
H6'1 LCG A 3 -9.19 -3.74 -7.68
H6'2 LCG A 3 -8.21 -5.01 -6.93
H8 LCG A 3 -7.58 -0.39 -3.71
H2' LCG A 3 -5.39 -2.53 -6.81
H1' LCG A 3 -7.39 -0.88 -7.48
H1 LCG A 3 -2.80 2.86 -6.53
H21 LCG A 3 -2.42 2.04 -8.56
H22 LCG A 3 -3.38 0.73 -9.24
P LCA A 4 -4.99 -5.09 -4.51
O1P LCA A 4 -4.79 -6.55 -4.65
O5' LCA A 4 -3.86 -4.34 -5.38
C5' LCA A 4 -3.53 -4.75 -6.70
C3' LCA A 4 -1.14 -3.80 -6.47
C6' LCA A 4 -1.97 -4.05 -8.67
N9 LCA A 4 -1.58 -0.79 -6.05
C8 LCA A 4 -2.32 -0.90 -4.90
C4 LCA A 4 -0.75 0.31 -5.84
N7 LCA A 4 -2.10 0.03 -4.02
C5 LCA A 4 -1.12 0.82 -4.60
C6 LCA A 4 -0.47 1.99 -4.18
C2' LCA A 4 -0.63 -2.71 -7.41
N6 LCA A 4 -0.76 2.62 -3.04
C4' LCA A 4 -2.45 -3.79 -7.24
C1' LCA A 4 -1.72 -1.64 -7.28
C2 LCA A 4 0.79 1.92 -6.11
N1 LCA A 4 0.50 2.52 -4.95
O4' LCA A 4 -2.89 -2.43 -7.18
O2P LCA A 4 -4.99 -4.48 -3.16
N3 LCA A 4 0.22 0.84 -6.64
O3' LCA A 4 -0.41 -5.01 -6.55
O2' LCA A 4 -0.76 -3.28 -8.71
H5'1 LCA A 4 -4.41 -4.69 -7.34
H5'2 LCA A 4 -3.15 -5.76 -6.69
H3' LCA A 4 -1.27 -3.45 -5.45
H6'1 LCA A 4 -1.75 -5.10 -8.82
H6'2 LCA A 4 -2.69 -3.68 -9.40
H8 LCA A 4 -3.06 -1.67 -4.75
H2'1 LCA A 4 0.37 -2.36 -7.20
H61 LCA A 4 -0.29 3.48 -2.79
H62 LCA A 4 -1.49 2.25 -2.44
H1' LCA A 4 -1.80 -1.06 -8.20
H2 LCA A 4 1.60 2.42 -6.63
P TLN A 5 0.79 -5.36 -5.53
OP1 TLN A 5 1.40 -6.63 -5.96
OP2 TLN A 5 0.27 -5.23 -4.15
O5' TLN A 5 1.85 -4.17 -5.77
C5' TLN A 5 2.66 -4.08 -6.92
C4' TLN A 5 3.52 -2.82 -6.79
O4' TLN A 5 2.73 -1.63 -6.69
C1' TLN A 5 3.53 -0.65 -6.06
N1 TLN A 5 3.02 -0.23 -4.73
C6 TLN A 5 2.11 -1.00 -4.03
C5 TLN A 5 1.58 -0.60 -2.85
C5M TLN A 5 0.57 -1.50 -2.14
C4 TLN A 5 1.96 0.68 -2.26
O4 TLN A 5 1.53 1.13 -1.20
N3 TLN A 5 2.90 1.39 -3.00
C2 TLN A 5 3.46 0.99 -4.20
O2 TLN A 5 4.30 1.70 -4.75
C3' TLN A 5 4.43 -2.80 -5.56
C2' TLN A 5 4.87 -1.40 -5.97
O2' TLN A 5 5.37 -1.56 -7.30
O3' TLN A 5 5.48 -3.75 -5.56
C6' TLN A 5 4.57 -2.59 -7.88
H5' TLN A 5 2.04 -4.02 -7.81
H5'' TLN A 5 3.30 -4.95 -6.99
H1' TLN A 5 3.63 0.25 -6.69
H6 TLN A 5 1.82 -1.94 -4.45
H71 TLN A 5 -0.28 -0.91 -1.81
H72 TLN A 5 0.22 -2.28 -2.81
H73 TLN A 5 1.06 -1.96 -1.28
H3 TLN A 5 3.21 2.27 -2.61
H3' TLN A 5 3.86 -2.81 -4.63
H2' TLN A 5 5.55 -0.93 -5.28
H6'1 TLN A 5 5.18 -3.48 -8.02
H6'2 TLN A 5 4.13 -2.32 -8.85
P LCA A 6 6.26 -4.15 -4.21
O1P LCA A 6 7.35 -5.09 -4.57
O5' LCA A 6 6.92 -2.76 -3.71
C5' LCA A 6 8.03 -2.18 -4.37
C3' LCA A 6 8.74 -1.09 -2.15
C6' LCA A 6 9.62 -0.13 -4.12
N9 LCA A 6 6.46 0.82 -1.55
C8 LCA A 6 5.47 -0.12 -1.45
C4 LCA A 6 6.20 1.74 -0.55
N7 LCA A 6 4.58 0.13 -0.53
C5 LCA A 6 5.03 1.33 0.03
C6 LCA A 6 4.50 2.17 1.05
C2' LCA A 6 8.90 0.41 -2.03
N6 LCA A 6 3.35 1.92 1.68
C4' LCA A 6 8.39 -0.90 -3.62
C1' LCA A 6 7.55 0.92 -2.55
C2 LCA A 6 6.35 3.52 0.78
N1 LCA A 6 5.20 3.26 1.41
O4' LCA A 6 7.30 0.03 -3.62
O2P LCA A 6 5.25 -4.55 -3.20
N3 LCA A 6 6.92 2.83 -0.22
O3' LCA A 6 9.93 -1.82 -1.90
O2' LCA A 6 9.88 0.74 -3.02
H5'1 LCA A 6 7.78 -1.95 -5.41
H5'2 LCA A 6 8.88 -2.87 -4.34
H3' LCA A 6 7.89 -1.48 -1.58
H6'1 LCA A 6 10.46 -0.79 -4.28
H6'2 LCA A 6 9.39 0.45 -5.02
H8 LCA A 6 5.41 -0.99 -2.08
H2'1 LCA A 6 9.15 0.78 -1.03
H61 LCA A 6 2.99 2.56 2.36
H62 LCA A 6 2.81 1.11 1.40
H1' LCA A 6 7.63 1.95 -2.90
H2 LCA A 6 6.91 4.38 1.11
P TLN A 7 10.20 -2.60 -0.52
OP1 TLN A 7 11.56 -3.17 -0.56
OP2 TLN A 7 9.04 -3.48 -0.25
O5' TLN A 7 10.19 -1.42 0.58
C5' TLN A 7 11.23 -0.49 0.73
C4' TLN A 7 10.80 0.55 1.76
O4' TLN A 7 9.60 1.21 1.35
C1' TLN A 7 9.00 1.73 2.53
N1 TLN A 7 7.69 1.08 2.87
C6 TLN A 7 7.30 -0.11 2.28
C5 TLN A 7 6.10 -0.68 2.57
C5M TLN A 7 5.73 -1.99 1.90
C4 TLN A 7 5.17 -0.05 3.50
O4 TLN A 7 4.07 -0.47 3.80
N3 TLN A 7 5.63 1.14 4.05
C2 TLN A 7 6.86 1.74 3.78
O2 TLN A 7 7.18 2.79 4.35
C3' TLN A 7 10.51 0.02 3.16
C2' TLN A 7 10.09 1.42 3.56
O2' TLN A 7 11.23 2.24 3.25
O3' TLN A 7 11.63 -0.48 3.88
C6' TLN A 7 11.84 1.63 2.11
H5' TLN A 7 11.42 0.01 -0.23
H5'' TLN A 7 12.14 -1.00 1.06
H1' TLN A 7 8.84 2.80 2.46
H6 TLN A 7 7.96 -0.61 1.59
H71 TLN A 7 5.92 -2.81 2.60
H72 TLN A 7 4.69 -1.98 1.62
H73 TLN A 7 6.33 -2.14 1.01
H3 TLN A 7 5.02 1.62 4.69
H3' TLN A 7 9.68 -0.70 3.16
H2' TLN A 7 9.74 1.54 4.58
H6'1 TLN A 7 12.03 2.32 1.27
H6'2 TLN A 7 12.78 1.17 2.40
P LCG A 8 11.45 -1.40 5.21
OP1 LCG A 8 12.80 -1.60 5.79
O5' LCG A 8 10.60 -0.48 6.22
C5' LCG A 8 11.14 0.65 6.89
C3' LCG A 8 9.44 0.38 8.81
C6' LCG A 8 10.41 2.52 8.54
N9 LCG A 8 6.76 0.80 7.49
C8 LCG A 8 6.82 -0.29 6.64
C4 LCG A 8 5.49 0.80 7.99
N7 LCG A 8 5.70 -0.95 6.57
C5 LCG A 8 4.83 -0.26 7.41
C6 LCG A 8 3.46 -0.51 7.74
C2' LCG A 8 8.47 1.51 9.16
O6 LCG A 8 2.73 -1.41 7.32
C4' LCG A 8 10.03 1.28 7.73
C1' LCG A 8 7.82 1.78 7.81
C2 LCG A 8 3.68 1.44 9.20
N1 LCG A 8 2.95 0.40 8.65
O4' LCG A 8 8.92 1.66 6.91
OP2 LCG A 8 10.63 -2.56 4.84
N2 LCG A 8 3.06 2.22 10.08
N3 LCG A 8 4.97 1.69 8.89
O2' LCG A 8 9.32 2.63 9.46
O3' LCG A 8 10.33 0.04 9.86
H5' LCG A 8 11.51 1.37 6.15
H5'' LCG A 8 11.96 0.33 7.53
H3' LCG A 8 8.95 -0.49 8.39
H6'1 LCG A 8 10.48 3.41 7.92
H6'2 LCG A 8 11.34 2.35 9.09
H8 LCG A 8 7.71 -0.55 6.09
H2' LCG A 8 7.75 1.28 9.94
H1' LCG A 8 7.41 2.80 7.80
H1 LCG A 8 1.99 0.28 8.95
H21 LCG A 8 2.10 2.03 10.34
H22 LCG A 8 3.56 3.00 10.48
O5' LCC A 9 8.61 -0.64 11.60
C5' LCC A 9 8.53 0.44 12.51
C4' LCC A 9 7.08 0.52 13.00
O4' LCC A 9 6.16 0.80 11.95
C1' LCC A 9 4.89 0.31 12.38
N1 LCC A 9 4.39 -0.84 11.56
C6 LCC A 9 5.22 -1.52 10.71
C5 LCC A 9 4.78 -2.58 9.99
C5M LCC A 9 5.72 -3.34 9.06
C4 LCC A 9 3.39 -2.96 10.15
N4 LCC A 9 2.87 -3.99 9.47
N3 LCC A 9 2.59 -2.29 10.98
C2 LCC A 9 3.04 -1.23 11.71
O2 LCC A 9 2.29 -0.65 12.48
C3' LCC A 9 6.57 -0.77 13.63
C2' LCC A 9 5.23 -0.09 13.83
O2' LCC A 9 5.51 1.11 14.56
O3' LCC A 9 7.19 -1.19 14.83
C6' LCC A 9 6.81 1.52 14.14
P LCC A 9 9.99 -1.12 10.92
O1P LCC A 9 11.04 -1.11 11.96
O2P LCC A 9 9.71 -2.36 10.17
H5'1 LCC A 9 8.81 1.37 12.01
H5'2 LCC A 9 9.19 0.26 13.35
H1' LCC A 9 4.13 1.10 12.37
H6 LCC A 9 6.26 -1.22 10.63
H5M1 LCC A 9 5.92 -4.33 9.46
H5M2 LCC A 9 5.27 -3.43 8.07
H5M3 LCC A 9 6.67 -2.80 8.96
H41 LCC A 9 1.90 -4.23 9.62
H42 LCC A 9 3.44 -4.50 8.82
H3' LCC A 9 6.53 -1.58 12.91
H2'1 LCC A 9 4.47 -0.73 14.28
H3T LCC A 9 8.07 -1.51 14.62
H6'1 LCC A 9 6.85 2.55 13.81
H6'2 LCC A 9 7.53 1.37 14.95
#